data_2VK1
#
_entry.id   2VK1
#
_cell.length_a   80.880
_cell.length_b   141.310
_cell.length_c   114.410
_cell.angle_alpha   90.00
_cell.angle_beta   107.19
_cell.angle_gamma   90.00
#
_symmetry.space_group_name_H-M   'P 1 21 1'
#
loop_
_entity.id
_entity.type
_entity.pdbx_description
1 polymer 'PYRUVATE DECARBOXYLASE ISOZYME 1'
2 non-polymer 'THIAMINE DIPHOSPHATE'
3 non-polymer 'MAGNESIUM ION'
4 non-polymer 'PYRUVIC ACID'
5 water water
#
_entity_poly.entity_id   1
_entity_poly.type   'polypeptide(L)'
_entity_poly.pdbx_seq_one_letter_code
;MSEITLGKYLFERLKQVNVNTVFGLPGAFNLSLLDKIYEVEGMRWAGNANELNAAYAADGYARIKGMSCIITTFGVGELS
ALNGIAGSYAEHVGVLHVVGVPSISAQAKQLLLHHTLGNGDFTVFHRMSANISETTAMITDIATAPAEIDRCIRTTYVTQ
RPVYLGLPANLVDLNVPAKLLQTPIDMSLKPNDAESEKEVIDTILVLDKDAKNPVILADACCSRHDVKAETKKLIDLTQF
PAFVTPMGKGSIDEQHPRYGGVYVGTLSKPEVKEAVESADLILSVGALLSDFNTGSFSYSYKTKNIVEFHSDHMKIRNAT
FPGVQMKFVLQKLLTAIADAAKGYKPVAVPARTPANAAVPASTPLKQEWMWNQLGNFLQEGDVVIAETGTSAFGINQTTF
PNNTYGISQVLWGSIGFTTGATLGAAFAAEEIDPKKRVILFIGDGSLQLTVQEISTMIRWGLKPYLFVLNNDGYTIEKLI
HGPKAQYNEIQGWDHLSLLPTFGAKDYETHRVATTGEWDKLTQDKSFNDNSKIRMIEVMLPVFDAPQNLVEQAKLTAATN
AKQ
;
_entity_poly.pdbx_strand_id   A,B,C,D
#
# COMPACT_ATOMS: atom_id res chain seq x y z
N SER A 2 17.99 -39.89 -10.79
CA SER A 2 16.63 -39.71 -10.20
C SER A 2 16.47 -38.32 -9.57
N GLU A 3 17.53 -37.84 -8.91
CA GLU A 3 17.47 -36.56 -8.20
C GLU A 3 18.55 -35.58 -8.62
N ILE A 4 18.20 -34.30 -8.58
CA ILE A 4 19.08 -33.23 -9.02
C ILE A 4 18.93 -32.06 -8.03
N THR A 5 20.01 -31.31 -7.78
CA THR A 5 19.93 -30.10 -6.91
C THR A 5 19.10 -29.02 -7.61
N LEU A 6 18.37 -28.22 -6.83
CA LEU A 6 17.54 -27.15 -7.38
C LEU A 6 18.39 -26.19 -8.22
N GLY A 7 19.60 -25.92 -7.73
CA GLY A 7 20.57 -25.12 -8.45
C GLY A 7 20.87 -25.66 -9.82
N LYS A 8 21.16 -26.97 -9.90
CA LYS A 8 21.51 -27.58 -11.17
C LYS A 8 20.30 -27.61 -12.11
N TYR A 9 19.13 -27.85 -11.54
CA TYR A 9 17.87 -27.80 -12.28
C TYR A 9 17.73 -26.43 -12.98
N LEU A 10 18.08 -25.34 -12.28
CA LEU A 10 17.99 -24.01 -12.93
C LEU A 10 18.86 -23.93 -14.19
N PHE A 11 20.10 -24.38 -14.10
CA PHE A 11 20.98 -24.29 -15.25
C PHE A 11 20.63 -25.24 -16.38
N GLU A 12 20.08 -26.41 -16.02
CA GLU A 12 19.58 -27.35 -17.03
C GLU A 12 18.42 -26.72 -17.81
N ARG A 13 17.48 -26.08 -17.11
CA ARG A 13 16.39 -25.34 -17.76
C ARG A 13 16.94 -24.20 -18.66
N LEU A 14 17.87 -23.39 -18.13
CA LEU A 14 18.46 -22.30 -18.95
C LEU A 14 19.08 -22.85 -20.24
N LYS A 15 19.80 -23.96 -20.11
CA LYS A 15 20.42 -24.58 -21.29
C LYS A 15 19.33 -25.00 -22.27
N GLN A 16 18.21 -25.51 -21.76
CA GLN A 16 17.09 -25.98 -22.61
C GLN A 16 16.47 -24.85 -23.42
N VAL A 17 16.46 -23.64 -22.86
CA VAL A 17 15.88 -22.45 -23.51
C VAL A 17 16.96 -21.58 -24.17
N ASN A 18 18.12 -22.18 -24.43
CA ASN A 18 19.20 -21.57 -25.24
C ASN A 18 19.86 -20.36 -24.57
N VAL A 19 19.89 -20.35 -23.23
CA VAL A 19 20.70 -19.38 -22.49
C VAL A 19 21.92 -20.17 -22.08
N ASN A 20 23.08 -19.82 -22.60
CA ASN A 20 24.34 -20.53 -22.38
C ASN A 20 25.43 -19.72 -21.68
N THR A 21 25.22 -18.40 -21.51
CA THR A 21 26.14 -17.58 -20.76
C THR A 21 25.29 -16.99 -19.64
N VAL A 22 25.85 -16.89 -18.44
CA VAL A 22 25.12 -16.41 -17.27
C VAL A 22 25.93 -15.23 -16.73
N PHE A 23 25.24 -14.12 -16.53
CA PHE A 23 25.85 -12.87 -16.08
C PHE A 23 25.75 -12.65 -14.58
N GLY A 24 26.50 -11.66 -14.08
CA GLY A 24 26.44 -11.33 -12.65
C GLY A 24 27.79 -11.37 -11.96
N LEU A 25 27.75 -11.24 -10.64
CA LEU A 25 28.96 -11.33 -9.79
C LEU A 25 28.63 -12.23 -8.64
N PRO A 26 29.68 -12.90 -8.12
CA PRO A 26 29.50 -13.77 -6.95
C PRO A 26 29.34 -12.99 -5.64
N GLY A 27 28.71 -13.64 -4.65
CA GLY A 27 28.68 -13.16 -3.27
C GLY A 27 28.33 -14.36 -2.42
N ALA A 28 28.60 -14.31 -1.13
CA ALA A 28 28.45 -15.51 -0.31
C ALA A 28 27.06 -16.19 -0.49
N PHE A 29 26.00 -15.39 -0.65
CA PHE A 29 24.63 -15.90 -0.74
C PHE A 29 24.31 -16.61 -2.05
N ASN A 30 25.21 -16.55 -3.03
CA ASN A 30 24.97 -17.28 -4.29
C ASN A 30 26.09 -18.24 -4.72
N LEU A 31 27.13 -18.40 -3.90
CA LEU A 31 28.32 -19.17 -4.30
C LEU A 31 27.98 -20.63 -4.61
N SER A 32 27.16 -21.23 -3.75
CA SER A 32 26.83 -22.65 -3.96
C SER A 32 25.99 -22.82 -5.24
N LEU A 33 25.23 -21.78 -5.60
CA LEU A 33 24.44 -21.82 -6.83
C LEU A 33 25.32 -21.76 -8.07
N LEU A 34 26.29 -20.84 -8.06
CA LEU A 34 27.25 -20.72 -9.18
C LEU A 34 28.07 -21.98 -9.44
N ASP A 35 28.38 -22.72 -8.37
CA ASP A 35 29.01 -24.03 -8.52
C ASP A 35 28.28 -24.88 -9.55
N LYS A 36 26.95 -24.82 -9.54
CA LYS A 36 26.12 -25.65 -10.42
C LYS A 36 26.26 -25.37 -11.93
N ILE A 37 26.65 -24.17 -12.28
CA ILE A 37 26.93 -23.86 -13.64
C ILE A 37 27.97 -24.80 -14.27
N TYR A 38 29.01 -25.10 -13.51
CA TYR A 38 30.13 -25.91 -14.00
C TYR A 38 29.79 -27.40 -14.10
N GLU A 39 28.62 -27.77 -13.59
CA GLU A 39 28.13 -29.15 -13.63
C GLU A 39 27.31 -29.43 -14.90
N VAL A 40 27.04 -28.35 -15.63
CA VAL A 40 26.19 -28.40 -16.81
C VAL A 40 27.06 -28.05 -18.03
N GLU A 41 27.30 -29.05 -18.88
CA GLU A 41 28.06 -28.83 -20.12
C GLU A 41 27.37 -27.74 -20.93
N GLY A 42 28.17 -26.87 -21.54
CA GLY A 42 27.67 -25.88 -22.48
C GLY A 42 27.15 -24.62 -21.79
N MET A 43 27.34 -24.53 -20.47
CA MET A 43 26.96 -23.33 -19.69
C MET A 43 28.21 -22.62 -19.20
N ARG A 44 28.23 -21.26 -19.26
CA ARG A 44 29.37 -20.52 -18.72
C ARG A 44 28.95 -19.30 -17.90
N TRP A 45 29.90 -18.84 -17.07
CA TRP A 45 29.76 -17.73 -16.13
C TRP A 45 30.61 -16.62 -16.66
N ALA A 46 30.00 -15.47 -16.99
CA ALA A 46 30.76 -14.38 -17.61
C ALA A 46 31.89 -13.82 -16.74
N GLY A 47 31.60 -13.67 -15.45
CA GLY A 47 32.56 -13.06 -14.54
C GLY A 47 32.63 -11.57 -14.83
N ASN A 48 31.50 -10.89 -14.64
CA ASN A 48 31.41 -9.44 -14.92
C ASN A 48 32.23 -8.56 -13.96
N ALA A 49 32.59 -7.36 -14.42
CA ALA A 49 33.38 -6.43 -13.59
C ALA A 49 32.54 -5.60 -12.60
N ASN A 50 31.24 -5.49 -12.86
CA ASN A 50 30.28 -5.03 -11.84
C ASN A 50 28.84 -5.42 -12.23
N GLU A 51 27.92 -5.31 -11.27
CA GLU A 51 26.54 -5.80 -11.47
C GLU A 51 25.72 -4.95 -12.47
N LEU A 52 25.92 -3.64 -12.48
CA LEU A 52 25.19 -2.80 -13.42
C LEU A 52 25.56 -3.21 -14.86
N ASN A 53 26.87 -3.35 -15.10
CA ASN A 53 27.39 -3.82 -16.39
C ASN A 53 26.87 -5.19 -16.76
N ALA A 54 26.80 -6.07 -15.76
CA ALA A 54 26.23 -7.41 -15.94
C ALA A 54 24.80 -7.35 -16.43
N ALA A 55 24.01 -6.42 -15.87
CA ALA A 55 22.58 -6.27 -16.24
C ALA A 55 22.44 -5.75 -17.66
N TYR A 56 23.27 -4.74 -18.00
CA TYR A 56 23.36 -4.24 -19.39
C TYR A 56 23.74 -5.39 -20.39
N ALA A 57 24.74 -6.20 -19.99
CA ALA A 57 25.18 -7.40 -20.77
C ALA A 57 24.07 -8.43 -20.93
N ALA A 58 23.34 -8.68 -19.88
CA ALA A 58 22.21 -9.65 -19.97
C ALA A 58 21.16 -9.11 -20.96
N ASP A 59 20.98 -7.80 -20.95
CA ASP A 59 20.05 -7.14 -21.89
C ASP A 59 20.52 -7.36 -23.33
N GLY A 60 21.81 -7.07 -23.62
CA GLY A 60 22.42 -7.27 -24.96
C GLY A 60 22.30 -8.72 -25.42
N TYR A 61 22.58 -9.63 -24.49
CA TYR A 61 22.50 -11.06 -24.78
C TYR A 61 21.08 -11.45 -25.09
N ALA A 62 20.12 -10.98 -24.30
CA ALA A 62 18.71 -11.36 -24.54
C ALA A 62 18.25 -10.87 -25.90
N ARG A 63 18.67 -9.64 -26.28
CA ARG A 63 18.23 -9.07 -27.56
C ARG A 63 18.64 -9.92 -28.76
N ILE A 64 19.82 -10.51 -28.65
CA ILE A 64 20.42 -11.29 -29.73
C ILE A 64 20.00 -12.76 -29.66
N LYS A 65 20.00 -13.31 -28.45
CA LYS A 65 19.78 -14.75 -28.26
C LYS A 65 18.31 -15.13 -28.04
N GLY A 66 17.54 -14.23 -27.39
CA GLY A 66 16.11 -14.47 -27.12
C GLY A 66 15.69 -14.17 -25.70
N MET A 67 16.52 -14.60 -24.75
CA MET A 67 16.39 -14.23 -23.35
C MET A 67 17.73 -14.38 -22.66
N SER A 68 17.80 -13.95 -21.40
CA SER A 68 19.08 -13.98 -20.69
C SER A 68 18.87 -14.21 -19.19
N CYS A 69 19.97 -14.45 -18.49
CA CYS A 69 19.95 -14.61 -17.04
C CYS A 69 21.11 -13.85 -16.42
N ILE A 70 20.82 -13.09 -15.38
CA ILE A 70 21.84 -12.48 -14.52
C ILE A 70 21.62 -12.97 -13.08
N ILE A 71 22.69 -13.30 -12.39
CA ILE A 71 22.63 -13.74 -10.99
C ILE A 71 23.46 -12.76 -10.15
N THR A 72 22.84 -12.22 -9.12
CA THR A 72 23.53 -11.27 -8.21
C THR A 72 23.32 -11.72 -6.77
N THR A 73 23.89 -10.97 -5.83
CA THR A 73 23.72 -11.29 -4.43
C THR A 73 22.78 -10.28 -3.75
N PHE A 74 22.11 -10.75 -2.69
CA PHE A 74 21.15 -10.01 -1.89
C PHE A 74 21.69 -8.62 -1.54
N GLY A 75 20.83 -7.61 -1.75
CA GLY A 75 21.14 -6.24 -1.37
C GLY A 75 22.14 -5.58 -2.28
N VAL A 76 23.43 -5.84 -2.04
CA VAL A 76 24.51 -5.10 -2.72
C VAL A 76 24.58 -5.40 -4.23
N GLY A 77 24.27 -6.65 -4.62
CA GLY A 77 24.39 -7.05 -6.02
C GLY A 77 23.10 -6.65 -6.76
N GLU A 78 21.97 -7.07 -6.24
CA GLU A 78 20.71 -6.76 -6.89
C GLU A 78 20.46 -5.25 -7.05
N LEU A 79 20.68 -4.45 -5.99
CA LEU A 79 20.45 -3.01 -6.14
C LEU A 79 21.38 -2.35 -7.17
N SER A 80 22.60 -2.90 -7.31
CA SER A 80 23.54 -2.41 -8.29
C SER A 80 22.94 -2.58 -9.71
N ALA A 81 22.18 -3.66 -9.91
CA ALA A 81 21.73 -4.06 -11.25
C ALA A 81 20.44 -3.32 -11.66
N LEU A 82 19.80 -2.61 -10.72
CA LEU A 82 18.41 -2.12 -11.00
C LEU A 82 18.24 -1.23 -12.23
N ASN A 83 19.21 -0.35 -12.49
CA ASN A 83 19.08 0.50 -13.65
C ASN A 83 19.11 -0.32 -14.96
N GLY A 84 19.89 -1.39 -14.96
CA GLY A 84 19.90 -2.30 -16.13
C GLY A 84 18.55 -2.97 -16.27
N ILE A 85 18.02 -3.52 -15.17
CA ILE A 85 16.71 -4.20 -15.18
C ILE A 85 15.60 -3.23 -15.61
N ALA A 86 15.62 -1.99 -15.08
CA ALA A 86 14.61 -0.96 -15.47
C ALA A 86 14.61 -0.73 -16.96
N GLY A 87 15.83 -0.67 -17.51
CA GLY A 87 15.97 -0.44 -18.97
C GLY A 87 15.43 -1.60 -19.80
N SER A 88 15.65 -2.81 -19.29
CA SER A 88 15.07 -4.02 -19.89
C SER A 88 13.54 -4.05 -19.79
N TYR A 89 13.00 -3.58 -18.66
CA TYR A 89 11.56 -3.45 -18.54
C TYR A 89 11.00 -2.42 -19.53
N ALA A 90 11.61 -1.24 -19.58
CA ALA A 90 11.13 -0.17 -20.45
C ALA A 90 11.13 -0.59 -21.93
N GLU A 91 12.18 -1.32 -22.35
CA GLU A 91 12.36 -1.63 -23.78
C GLU A 91 11.94 -3.03 -24.16
N HIS A 92 11.25 -3.71 -23.23
CA HIS A 92 10.69 -5.06 -23.49
C HIS A 92 11.81 -6.05 -23.82
N VAL A 93 12.75 -6.24 -22.87
CA VAL A 93 13.81 -7.23 -23.03
C VAL A 93 13.67 -8.29 -21.92
N GLY A 94 13.58 -9.56 -22.32
CA GLY A 94 13.39 -10.68 -21.38
C GLY A 94 14.66 -11.07 -20.68
N VAL A 95 14.88 -10.48 -19.50
CA VAL A 95 16.02 -10.78 -18.63
C VAL A 95 15.53 -11.41 -17.32
N LEU A 96 16.03 -12.61 -17.00
CA LEU A 96 15.70 -13.27 -15.73
C LEU A 96 16.78 -12.88 -14.72
N HIS A 97 16.39 -12.15 -13.68
CA HIS A 97 17.32 -11.73 -12.62
C HIS A 97 17.13 -12.66 -11.40
N VAL A 98 18.14 -13.50 -11.15
CA VAL A 98 18.09 -14.46 -10.04
C VAL A 98 18.94 -13.81 -8.94
N VAL A 99 18.45 -13.82 -7.71
CA VAL A 99 19.19 -13.23 -6.61
C VAL A 99 19.40 -14.30 -5.55
N GLY A 100 20.64 -14.52 -5.15
CA GLY A 100 20.98 -15.42 -4.03
C GLY A 100 20.67 -14.66 -2.77
N VAL A 101 19.80 -15.22 -1.96
CA VAL A 101 19.31 -14.53 -0.76
C VAL A 101 19.66 -15.35 0.50
N PRO A 102 19.59 -14.73 1.68
CA PRO A 102 19.96 -15.51 2.88
C PRO A 102 19.06 -16.72 3.08
N SER A 103 19.63 -17.73 3.74
CA SER A 103 18.88 -18.95 4.05
C SER A 103 17.58 -18.71 4.80
N ILE A 104 16.65 -19.61 4.62
CA ILE A 104 15.37 -19.57 5.31
C ILE A 104 15.56 -19.46 6.84
N SER A 105 16.53 -20.18 7.37
CA SER A 105 16.77 -20.18 8.81
C SER A 105 17.34 -18.84 9.27
N ALA A 106 18.27 -18.25 8.51
CA ALA A 106 18.82 -16.93 8.83
C ALA A 106 17.75 -15.84 8.82
N GLN A 107 16.83 -15.93 7.87
CA GLN A 107 15.72 -15.00 7.82
C GLN A 107 14.84 -15.21 9.03
N ALA A 108 14.55 -16.47 9.34
CA ALA A 108 13.63 -16.77 10.41
C ALA A 108 14.07 -16.14 11.69
N LYS A 109 15.34 -16.22 11.98
CA LYS A 109 15.93 -15.66 13.17
C LYS A 109 16.33 -14.21 13.06
N GLN A 110 16.08 -13.61 11.92
CA GLN A 110 16.31 -12.21 11.69
C GLN A 110 17.72 -11.80 12.09
N LEU A 111 18.67 -12.60 11.63
CA LEU A 111 20.06 -12.30 11.84
C LEU A 111 20.44 -10.95 11.22
N LEU A 112 21.21 -10.15 11.96
CA LEU A 112 21.68 -8.86 11.45
C LEU A 112 22.88 -9.17 10.52
N LEU A 113 22.57 -9.65 9.31
CA LEU A 113 23.58 -10.09 8.36
C LEU A 113 24.14 -8.93 7.54
N HIS A 114 25.31 -9.15 6.94
CA HIS A 114 25.88 -8.18 6.00
C HIS A 114 24.95 -8.07 4.79
N HIS A 115 24.97 -6.91 4.14
CA HIS A 115 24.10 -6.68 2.96
C HIS A 115 22.61 -6.52 3.31
N THR A 116 22.30 -6.26 4.59
CA THR A 116 20.92 -5.89 4.96
C THR A 116 20.92 -4.41 5.45
N LEU A 117 19.72 -3.86 5.63
CA LEU A 117 19.57 -2.49 6.12
C LEU A 117 19.66 -2.47 7.65
N GLY A 118 19.94 -3.63 8.24
CA GLY A 118 20.16 -3.76 9.69
C GLY A 118 18.87 -3.74 10.50
N ASN A 119 17.74 -3.93 9.83
CA ASN A 119 16.41 -3.87 10.47
C ASN A 119 15.57 -5.15 10.39
N GLY A 120 16.17 -6.24 9.91
CA GLY A 120 15.57 -7.57 9.90
C GLY A 120 14.56 -7.79 8.79
N ASP A 121 14.43 -6.80 7.90
CA ASP A 121 13.50 -6.86 6.76
C ASP A 121 14.19 -7.47 5.56
N PHE A 122 13.86 -8.73 5.27
CA PHE A 122 14.44 -9.43 4.15
C PHE A 122 13.59 -9.32 2.87
N THR A 123 12.49 -8.56 2.94
CA THR A 123 11.55 -8.38 1.80
C THR A 123 11.82 -7.11 0.97
N VAL A 124 12.62 -6.19 1.50
CA VAL A 124 12.68 -4.82 0.96
C VAL A 124 13.18 -4.72 -0.49
N PHE A 125 14.20 -5.51 -0.81
CA PHE A 125 14.80 -5.41 -2.16
C PHE A 125 13.93 -6.10 -3.19
N HIS A 126 13.34 -7.23 -2.81
CA HIS A 126 12.29 -7.89 -3.60
C HIS A 126 11.16 -6.90 -3.90
N ARG A 127 10.70 -6.18 -2.89
CA ARG A 127 9.70 -5.15 -3.06
C ARG A 127 10.09 -4.11 -4.08
N MET A 128 11.32 -3.66 -3.98
CA MET A 128 11.82 -2.61 -4.89
C MET A 128 11.84 -3.12 -6.33
N SER A 129 12.31 -4.34 -6.53
CA SER A 129 12.39 -4.94 -7.86
C SER A 129 11.03 -5.25 -8.47
N ALA A 130 10.02 -5.40 -7.63
CA ALA A 130 8.67 -5.72 -8.15
C ALA A 130 8.15 -4.57 -9.03
N ASN A 131 8.65 -3.36 -8.80
CA ASN A 131 8.25 -2.21 -9.57
C ASN A 131 8.73 -2.21 -11.03
N ILE A 132 9.78 -3.00 -11.30
CA ILE A 132 10.41 -3.03 -12.63
C ILE A 132 10.48 -4.46 -13.21
N SER A 133 9.56 -5.29 -12.74
CA SER A 133 9.48 -6.68 -13.16
C SER A 133 8.05 -7.03 -13.61
N GLU A 134 7.96 -7.92 -14.58
CA GLU A 134 6.67 -8.41 -15.04
C GLU A 134 6.03 -9.30 -13.94
N THR A 135 6.89 -10.12 -13.33
CA THR A 135 6.48 -10.96 -12.21
C THR A 135 7.70 -11.22 -11.33
N THR A 136 7.43 -11.68 -10.11
CA THR A 136 8.51 -12.06 -9.22
C THR A 136 8.21 -13.38 -8.53
N ALA A 137 9.25 -14.00 -8.02
CA ALA A 137 9.06 -15.17 -7.17
C ALA A 137 10.11 -15.11 -6.08
N MET A 138 9.73 -15.44 -4.87
CA MET A 138 10.72 -15.62 -3.82
C MET A 138 10.50 -17.03 -3.31
N ILE A 139 11.49 -17.89 -3.54
CA ILE A 139 11.31 -19.31 -3.29
C ILE A 139 11.39 -19.54 -1.79
N THR A 140 10.40 -20.26 -1.25
CA THR A 140 10.44 -20.61 0.19
C THR A 140 10.31 -22.13 0.46
N ASP A 141 9.88 -22.90 -0.53
CA ASP A 141 9.86 -24.37 -0.37
C ASP A 141 10.23 -25.15 -1.61
N ILE A 142 11.01 -26.21 -1.37
CA ILE A 142 11.60 -27.05 -2.41
C ILE A 142 10.55 -27.78 -3.28
N ALA A 143 9.35 -27.95 -2.74
CA ALA A 143 8.30 -28.74 -3.36
C ALA A 143 7.74 -28.08 -4.62
N THR A 144 7.53 -26.76 -4.57
CA THR A 144 6.98 -26.07 -5.74
C THR A 144 8.03 -25.21 -6.44
N ALA A 145 9.28 -25.31 -5.99
CA ALA A 145 10.39 -24.54 -6.58
C ALA A 145 10.65 -24.81 -8.07
N PRO A 146 10.65 -26.10 -8.52
CA PRO A 146 10.81 -26.36 -9.96
C PRO A 146 9.74 -25.68 -10.84
N ALA A 147 8.47 -25.79 -10.44
CA ALA A 147 7.38 -25.11 -11.13
C ALA A 147 7.57 -23.58 -11.16
N GLU A 148 8.03 -22.99 -10.05
CA GLU A 148 8.20 -21.54 -9.95
C GLU A 148 9.35 -21.07 -10.84
N ILE A 149 10.43 -21.85 -10.87
CA ILE A 149 11.52 -21.57 -11.81
C ILE A 149 10.98 -21.61 -13.25
N ASP A 150 10.23 -22.67 -13.57
CA ASP A 150 9.62 -22.79 -14.90
C ASP A 150 8.76 -21.61 -15.26
N ARG A 151 7.90 -21.20 -14.34
CA ARG A 151 6.99 -20.10 -14.58
C ARG A 151 7.79 -18.79 -14.82
N CYS A 152 8.85 -18.59 -14.07
CA CYS A 152 9.67 -17.38 -14.22
C CYS A 152 10.33 -17.34 -15.60
N ILE A 153 10.90 -18.48 -16.02
CA ILE A 153 11.58 -18.58 -17.31
C ILE A 153 10.58 -18.38 -18.47
N ARG A 154 9.41 -19.00 -18.33
CA ARG A 154 8.35 -18.85 -19.32
C ARG A 154 7.94 -17.39 -19.45
N THR A 155 7.69 -16.76 -18.32
CA THR A 155 7.22 -15.39 -18.32
C THR A 155 8.26 -14.44 -18.94
N THR A 156 9.51 -14.61 -18.55
CA THR A 156 10.61 -13.82 -19.11
C THR A 156 10.54 -13.82 -20.65
N TYR A 157 10.44 -15.02 -21.19
CA TYR A 157 10.51 -15.21 -22.61
C TYR A 157 9.27 -14.71 -23.37
N VAL A 158 8.07 -15.07 -22.90
CA VAL A 158 6.86 -14.75 -23.68
C VAL A 158 6.44 -13.31 -23.53
N THR A 159 6.81 -12.66 -22.42
CA THR A 159 6.42 -11.27 -22.19
C THR A 159 7.56 -10.32 -22.58
N GLN A 160 8.77 -10.86 -22.70
CA GLN A 160 10.00 -10.08 -22.99
C GLN A 160 10.10 -8.91 -22.02
N ARG A 161 9.98 -9.24 -20.75
CA ARG A 161 10.24 -8.27 -19.68
C ARG A 161 10.92 -9.01 -18.55
N PRO A 162 11.69 -8.28 -17.74
CA PRO A 162 12.43 -8.86 -16.61
C PRO A 162 11.54 -9.55 -15.59
N VAL A 163 12.11 -10.61 -15.03
CA VAL A 163 11.45 -11.39 -13.99
C VAL A 163 12.43 -11.55 -12.85
N TYR A 164 11.91 -11.47 -11.62
CA TYR A 164 12.76 -11.55 -10.43
C TYR A 164 12.57 -12.88 -9.75
N LEU A 165 13.67 -13.57 -9.50
CA LEU A 165 13.62 -14.90 -8.88
C LEU A 165 14.60 -14.95 -7.69
N GLY A 166 14.09 -14.96 -6.47
CA GLY A 166 14.99 -15.00 -5.32
C GLY A 166 15.16 -16.44 -4.84
N LEU A 167 16.41 -16.87 -4.68
CA LEU A 167 16.71 -18.23 -4.24
C LEU A 167 17.51 -18.24 -2.92
N PRO A 168 16.85 -18.60 -1.81
CA PRO A 168 17.63 -18.79 -0.57
C PRO A 168 18.82 -19.74 -0.68
N ALA A 169 19.92 -19.37 -0.03
CA ALA A 169 21.20 -20.07 -0.18
C ALA A 169 21.05 -21.57 0.12
N ASN A 170 20.33 -21.87 1.19
CA ASN A 170 20.14 -23.27 1.61
C ASN A 170 19.37 -24.15 0.60
N LEU A 171 18.40 -23.55 -0.08
CA LEU A 171 17.51 -24.29 -0.99
C LEU A 171 18.19 -24.77 -2.29
N VAL A 172 19.29 -24.12 -2.72
CA VAL A 172 19.93 -24.48 -4.00
C VAL A 172 20.59 -25.85 -3.99
N ASP A 173 20.84 -26.38 -2.79
CA ASP A 173 21.52 -27.68 -2.63
C ASP A 173 20.54 -28.82 -2.24
N LEU A 174 19.27 -28.47 -2.07
CA LEU A 174 18.19 -29.45 -1.87
C LEU A 174 17.81 -30.12 -3.19
N ASN A 175 17.40 -31.40 -3.10
CA ASN A 175 17.08 -32.22 -4.28
C ASN A 175 15.65 -32.10 -4.79
N VAL A 176 15.52 -32.21 -6.10
CA VAL A 176 14.22 -32.24 -6.77
C VAL A 176 14.27 -33.35 -7.83
N PRO A 177 13.09 -33.85 -8.25
CA PRO A 177 13.09 -34.94 -9.25
C PRO A 177 13.67 -34.52 -10.60
N ALA A 178 14.70 -35.22 -11.05
CA ALA A 178 15.29 -34.98 -12.36
C ALA A 178 14.31 -35.20 -13.52
N LYS A 179 13.33 -36.07 -13.32
CA LYS A 179 12.28 -36.39 -14.32
C LYS A 179 11.57 -35.14 -14.83
N LEU A 180 11.48 -34.13 -13.97
CA LEU A 180 10.88 -32.85 -14.34
C LEU A 180 11.49 -32.21 -15.59
N LEU A 181 12.81 -32.38 -15.77
CA LEU A 181 13.55 -31.84 -16.90
C LEU A 181 13.16 -32.43 -18.26
N GLN A 182 12.53 -33.61 -18.23
CA GLN A 182 12.08 -34.32 -19.44
C GLN A 182 10.84 -33.75 -20.15
N THR A 183 10.03 -32.97 -19.44
CA THR A 183 8.98 -32.19 -20.06
C THR A 183 9.52 -30.78 -20.24
N PRO A 184 9.58 -30.29 -21.49
CA PRO A 184 9.96 -28.90 -21.80
C PRO A 184 9.12 -27.84 -21.09
N ILE A 185 9.71 -26.68 -20.85
CA ILE A 185 8.93 -25.54 -20.42
C ILE A 185 8.09 -25.11 -21.62
N ASP A 186 6.80 -24.85 -21.39
CA ASP A 186 5.93 -24.32 -22.43
C ASP A 186 6.31 -22.89 -22.75
N MET A 187 6.89 -22.66 -23.93
CA MET A 187 7.41 -21.35 -24.32
C MET A 187 6.53 -20.60 -25.33
N SER A 188 5.29 -21.07 -25.46
CA SER A 188 4.40 -20.61 -26.53
C SER A 188 3.35 -19.61 -26.02
N LEU A 189 2.98 -18.68 -26.89
CA LEU A 189 1.86 -17.77 -26.61
C LEU A 189 0.53 -18.54 -26.61
N LYS A 190 -0.43 -18.12 -25.79
CA LYS A 190 -1.80 -18.67 -25.86
C LYS A 190 -2.49 -18.14 -27.12
N PRO A 191 -3.32 -18.99 -27.79
CA PRO A 191 -4.01 -18.46 -28.98
C PRO A 191 -4.95 -17.31 -28.62
N ASN A 192 -5.23 -16.42 -29.57
CA ASN A 192 -6.16 -15.33 -29.35
C ASN A 192 -7.60 -15.82 -29.21
N ASP A 193 -8.44 -14.95 -28.63
CA ASP A 193 -9.88 -15.10 -28.72
C ASP A 193 -10.26 -15.22 -30.19
N ALA A 194 -10.93 -16.30 -30.56
CA ALA A 194 -11.25 -16.60 -31.95
C ALA A 194 -12.12 -15.53 -32.61
N GLU A 195 -13.17 -15.12 -31.93
CA GLU A 195 -14.09 -14.13 -32.49
C GLU A 195 -13.43 -12.76 -32.62
N SER A 196 -12.66 -12.35 -31.61
CA SER A 196 -12.06 -11.01 -31.67
C SER A 196 -10.96 -10.99 -32.75
N GLU A 197 -10.13 -12.03 -32.78
CA GLU A 197 -9.10 -12.17 -33.82
C GLU A 197 -9.69 -12.16 -35.24
N LYS A 198 -10.78 -12.91 -35.46
CA LYS A 198 -11.42 -12.91 -36.77
C LYS A 198 -11.90 -11.52 -37.16
N GLU A 199 -12.56 -10.81 -36.24
CA GLU A 199 -12.98 -9.44 -36.50
C GLU A 199 -11.83 -8.52 -36.96
N VAL A 200 -10.74 -8.55 -36.20
CA VAL A 200 -9.58 -7.76 -36.53
C VAL A 200 -9.06 -8.12 -37.93
N ILE A 201 -8.89 -9.41 -38.21
CA ILE A 201 -8.36 -9.85 -39.50
C ILE A 201 -9.26 -9.39 -40.65
N ASP A 202 -10.56 -9.64 -40.54
CA ASP A 202 -11.49 -9.25 -41.57
C ASP A 202 -11.47 -7.73 -41.79
N THR A 203 -11.37 -6.99 -40.72
CA THR A 203 -11.44 -5.55 -40.80
C THR A 203 -10.19 -5.01 -41.49
N ILE A 204 -9.03 -5.53 -41.15
CA ILE A 204 -7.81 -5.12 -41.80
C ILE A 204 -7.83 -5.42 -43.29
N LEU A 205 -8.26 -6.62 -43.61
CA LEU A 205 -8.32 -7.02 -45.03
C LEU A 205 -9.20 -6.06 -45.87
N VAL A 206 -10.32 -5.62 -45.31
CA VAL A 206 -11.21 -4.66 -45.97
C VAL A 206 -10.60 -3.28 -46.10
N LEU A 207 -9.86 -2.84 -45.08
CA LEU A 207 -9.16 -1.57 -45.15
C LEU A 207 -8.11 -1.61 -46.25
N ASP A 208 -7.42 -2.73 -46.30
CA ASP A 208 -6.42 -2.98 -47.32
C ASP A 208 -6.96 -2.88 -48.73
N LYS A 209 -8.11 -3.49 -48.96
CA LYS A 209 -8.72 -3.47 -50.26
C LYS A 209 -9.07 -2.05 -50.71
N ASP A 210 -9.39 -1.19 -49.78
CA ASP A 210 -9.83 0.16 -50.13
C ASP A 210 -8.68 1.16 -50.27
N ALA A 211 -7.50 0.78 -49.79
CA ALA A 211 -6.33 1.68 -49.76
C ALA A 211 -5.62 1.81 -51.11
N LYS A 212 -5.32 3.06 -51.46
CA LYS A 212 -4.59 3.40 -52.68
C LYS A 212 -3.11 3.74 -52.41
N ASN A 213 -2.80 4.20 -51.20
CA ASN A 213 -1.42 4.47 -50.84
C ASN A 213 -1.16 3.99 -49.39
N PRO A 214 -1.28 2.68 -49.17
CA PRO A 214 -0.97 2.17 -47.83
C PRO A 214 0.53 2.12 -47.58
N VAL A 215 0.94 2.25 -46.31
CA VAL A 215 2.37 2.17 -45.95
C VAL A 215 2.54 1.34 -44.69
N ILE A 216 3.69 0.69 -44.57
CA ILE A 216 4.01 -0.16 -43.42
C ILE A 216 5.07 0.57 -42.63
N LEU A 217 4.89 0.65 -41.30
CA LEU A 217 5.86 1.35 -40.46
C LEU A 217 6.27 0.42 -39.31
N ALA A 218 7.51 -0.06 -39.35
CA ALA A 218 8.03 -1.03 -38.38
C ALA A 218 8.69 -0.26 -37.23
N ASP A 219 8.29 -0.54 -35.99
CA ASP A 219 8.83 0.18 -34.79
C ASP A 219 9.38 -0.82 -33.79
N ALA A 220 9.74 -0.36 -32.58
CA ALA A 220 10.43 -1.18 -31.59
C ALA A 220 9.88 -2.58 -31.40
N CYS A 221 8.57 -2.71 -31.23
CA CYS A 221 8.03 -4.02 -30.88
C CYS A 221 7.95 -5.03 -32.03
N CYS A 222 8.20 -4.55 -33.25
CA CYS A 222 8.40 -5.46 -34.36
C CYS A 222 9.57 -6.41 -34.02
N SER A 223 10.63 -5.82 -33.49
CA SER A 223 11.82 -6.56 -33.12
C SER A 223 11.63 -7.24 -31.76
N ARG A 224 11.19 -6.46 -30.77
CA ARG A 224 11.17 -6.93 -29.37
C ARG A 224 10.20 -8.09 -29.18
N HIS A 225 9.08 -8.05 -29.90
CA HIS A 225 8.12 -9.14 -29.85
C HIS A 225 8.10 -10.08 -31.05
N ASP A 226 9.25 -10.16 -31.74
CA ASP A 226 9.56 -11.25 -32.67
C ASP A 226 8.55 -11.40 -33.82
N VAL A 227 8.27 -10.34 -34.56
CA VAL A 227 7.43 -10.45 -35.79
C VAL A 227 8.15 -9.98 -37.07
N LYS A 228 9.49 -10.06 -37.07
CA LYS A 228 10.27 -9.60 -38.22
C LYS A 228 10.02 -10.47 -39.46
N ALA A 229 9.87 -11.77 -39.26
CA ALA A 229 9.67 -12.67 -40.37
C ALA A 229 8.33 -12.44 -41.02
N GLU A 230 7.33 -12.25 -40.19
CA GLU A 230 6.01 -11.98 -40.67
C GLU A 230 5.92 -10.64 -41.40
N THR A 231 6.58 -9.64 -40.86
CA THR A 231 6.59 -8.32 -41.45
C THR A 231 7.29 -8.36 -42.80
N LYS A 232 8.39 -9.07 -42.86
CA LYS A 232 9.05 -9.26 -44.12
C LYS A 232 8.12 -9.90 -45.18
N LYS A 233 7.45 -10.95 -44.80
CA LYS A 233 6.45 -11.58 -45.71
C LYS A 233 5.36 -10.62 -46.15
N LEU A 234 4.87 -9.82 -45.21
CA LEU A 234 3.82 -8.84 -45.46
C LEU A 234 4.30 -7.86 -46.51
N ILE A 235 5.50 -7.31 -46.32
CA ILE A 235 6.11 -6.43 -47.31
C ILE A 235 6.16 -7.08 -48.72
N ASP A 236 6.69 -8.30 -48.80
CA ASP A 236 6.84 -9.01 -50.08
C ASP A 236 5.50 -9.28 -50.77
N LEU A 237 4.48 -9.67 -50.02
CA LEU A 237 3.19 -10.06 -50.68
C LEU A 237 2.41 -8.86 -51.18
N THR A 238 2.51 -7.78 -50.44
CA THR A 238 1.77 -6.55 -50.68
C THR A 238 2.43 -5.62 -51.70
N GLN A 239 3.74 -5.52 -51.61
CA GLN A 239 4.58 -4.54 -52.33
C GLN A 239 4.35 -3.11 -51.81
N PHE A 240 3.84 -3.01 -50.59
CA PHE A 240 3.63 -1.71 -50.02
C PHE A 240 4.98 -1.13 -49.57
N PRO A 241 5.12 0.22 -49.60
CA PRO A 241 6.32 0.87 -49.05
C PRO A 241 6.46 0.49 -47.58
N ALA A 242 7.71 0.35 -47.11
CA ALA A 242 7.98 0.01 -45.71
C ALA A 242 9.02 0.96 -45.17
N PHE A 243 8.72 1.53 -44.00
CA PHE A 243 9.60 2.49 -43.33
C PHE A 243 9.87 1.98 -41.93
N VAL A 244 10.91 2.50 -41.29
CA VAL A 244 11.28 1.98 -39.97
C VAL A 244 11.48 3.20 -39.06
N THR A 245 11.30 3.00 -37.77
CA THR A 245 11.61 4.07 -36.80
C THR A 245 13.05 3.91 -36.28
N PRO A 246 13.58 4.97 -35.61
CA PRO A 246 14.88 4.82 -34.95
C PRO A 246 14.97 3.61 -34.01
N MET A 247 13.97 3.44 -33.16
CA MET A 247 14.00 2.34 -32.19
C MET A 247 13.78 0.97 -32.85
N GLY A 248 13.15 0.92 -34.02
CA GLY A 248 12.94 -0.33 -34.75
C GLY A 248 13.94 -0.60 -35.88
N LYS A 249 14.92 0.29 -36.03
CA LYS A 249 15.92 0.16 -37.09
C LYS A 249 16.61 -1.17 -37.05
N GLY A 250 16.66 -1.85 -38.19
CA GLY A 250 17.14 -3.23 -38.20
C GLY A 250 16.05 -4.29 -38.33
N SER A 251 14.81 -3.95 -37.95
CA SER A 251 13.73 -4.94 -37.95
C SER A 251 13.24 -5.24 -39.37
N ILE A 252 13.46 -4.30 -40.29
CA ILE A 252 13.18 -4.53 -41.73
C ILE A 252 14.45 -4.34 -42.58
N ASP A 253 14.55 -5.13 -43.64
CA ASP A 253 15.73 -5.12 -44.51
C ASP A 253 15.81 -3.83 -45.32
N GLU A 254 16.88 -3.07 -45.09
CA GLU A 254 17.02 -1.75 -45.73
C GLU A 254 17.51 -1.86 -47.19
N GLN A 255 17.84 -3.08 -47.61
CA GLN A 255 18.18 -3.29 -49.02
C GLN A 255 16.97 -3.75 -49.87
N HIS A 256 15.83 -3.93 -49.24
CA HIS A 256 14.62 -4.33 -49.95
C HIS A 256 14.21 -3.20 -50.89
N PRO A 257 13.82 -3.54 -52.14
CA PRO A 257 13.52 -2.44 -53.07
C PRO A 257 12.32 -1.57 -52.66
N ARG A 258 11.50 -2.02 -51.71
CA ARG A 258 10.34 -1.27 -51.26
C ARG A 258 10.60 -0.54 -49.91
N TYR A 259 11.85 -0.60 -49.46
CA TYR A 259 12.22 0.10 -48.21
C TYR A 259 12.33 1.61 -48.46
N GLY A 260 11.69 2.41 -47.60
CA GLY A 260 11.55 3.83 -47.86
C GLY A 260 12.37 4.79 -46.98
N GLY A 261 12.88 4.28 -45.86
CA GLY A 261 13.74 5.06 -45.00
C GLY A 261 13.27 5.10 -43.56
N VAL A 262 13.87 6.04 -42.81
CA VAL A 262 13.68 6.15 -41.35
C VAL A 262 12.70 7.29 -41.08
N TYR A 263 11.52 6.93 -40.59
CA TYR A 263 10.51 7.90 -40.27
C TYR A 263 10.66 8.37 -38.82
N VAL A 264 10.84 9.67 -38.65
CA VAL A 264 10.94 10.30 -37.28
C VAL A 264 10.08 11.57 -37.23
N GLY A 265 8.86 11.50 -37.74
CA GLY A 265 7.97 12.66 -37.73
C GLY A 265 8.60 13.83 -38.50
N THR A 266 8.63 15.01 -37.87
CA THR A 266 9.09 16.21 -38.57
C THR A 266 10.59 16.21 -38.79
N LEU A 267 11.29 15.33 -38.08
CA LEU A 267 12.75 15.22 -38.20
C LEU A 267 13.22 14.29 -39.34
N SER A 268 12.25 13.66 -40.03
CA SER A 268 12.55 12.82 -41.19
C SER A 268 13.04 13.68 -42.34
N LYS A 269 13.73 13.06 -43.29
CA LYS A 269 13.95 13.67 -44.60
C LYS A 269 12.59 14.13 -45.15
N PRO A 270 12.50 15.34 -45.75
CA PRO A 270 11.21 15.80 -46.29
C PRO A 270 10.47 14.72 -47.10
N GLU A 271 11.18 14.01 -47.96
CA GLU A 271 10.56 13.00 -48.84
C GLU A 271 9.97 11.83 -48.05
N VAL A 272 10.69 11.38 -47.02
CA VAL A 272 10.20 10.33 -46.12
C VAL A 272 8.97 10.80 -45.34
N LYS A 273 9.06 11.99 -44.74
CA LYS A 273 7.90 12.54 -44.02
C LYS A 273 6.65 12.55 -44.91
N GLU A 274 6.81 12.99 -46.14
CA GLU A 274 5.65 13.14 -47.01
C GLU A 274 5.13 11.78 -47.47
N ALA A 275 6.05 10.85 -47.66
CA ALA A 275 5.68 9.52 -48.18
C ALA A 275 4.85 8.80 -47.14
N VAL A 276 5.28 8.87 -45.88
CA VAL A 276 4.52 8.31 -44.75
C VAL A 276 3.21 9.06 -44.51
N GLU A 277 3.29 10.38 -44.36
CA GLU A 277 2.13 11.13 -43.93
C GLU A 277 1.02 11.24 -45.00
N SER A 278 1.38 11.03 -46.26
CA SER A 278 0.38 11.05 -47.34
C SER A 278 -0.38 9.72 -47.46
N ALA A 279 0.03 8.72 -46.66
CA ALA A 279 -0.62 7.41 -46.73
C ALA A 279 -2.13 7.47 -46.46
N ASP A 280 -2.93 6.62 -47.12
CA ASP A 280 -4.36 6.49 -46.76
C ASP A 280 -4.69 5.26 -45.91
N LEU A 281 -3.64 4.58 -45.45
CA LEU A 281 -3.75 3.46 -44.52
C LEU A 281 -2.34 3.28 -44.00
N ILE A 282 -2.20 3.23 -42.67
CA ILE A 282 -0.90 2.98 -42.09
C ILE A 282 -0.92 1.67 -41.32
N LEU A 283 -0.03 0.74 -41.69
CA LEU A 283 0.07 -0.53 -40.98
C LEU A 283 1.25 -0.39 -40.01
N SER A 284 0.92 -0.11 -38.75
CA SER A 284 1.93 0.25 -37.75
C SER A 284 2.28 -0.96 -36.91
N VAL A 285 3.52 -1.43 -37.02
CA VAL A 285 3.89 -2.69 -36.41
C VAL A 285 4.76 -2.43 -35.19
N GLY A 286 4.14 -2.50 -34.00
CA GLY A 286 4.88 -2.40 -32.72
C GLY A 286 5.31 -1.01 -32.29
N ALA A 287 4.41 -0.05 -32.42
CA ALA A 287 4.71 1.37 -32.11
C ALA A 287 5.14 1.58 -30.67
N LEU A 288 6.16 2.41 -30.48
CA LEU A 288 6.53 2.87 -29.15
C LEU A 288 6.93 4.33 -29.31
N LEU A 289 5.97 5.20 -29.07
CA LEU A 289 6.05 6.60 -29.50
C LEU A 289 6.75 7.54 -28.50
N SER A 290 8.01 7.21 -28.20
CA SER A 290 8.79 8.00 -27.23
C SER A 290 9.28 9.32 -27.84
N ASP A 291 9.69 10.25 -27.00
CA ASP A 291 10.14 11.55 -27.50
C ASP A 291 11.24 11.48 -28.58
N PHE A 292 12.32 10.75 -28.29
CA PHE A 292 13.46 10.67 -29.22
C PHE A 292 13.13 9.83 -30.45
N ASN A 293 12.18 8.92 -30.32
CA ASN A 293 11.80 8.05 -31.44
C ASN A 293 10.99 8.78 -32.50
N THR A 294 10.49 9.96 -32.11
CA THR A 294 9.40 10.60 -32.79
C THR A 294 9.55 12.10 -33.06
N GLY A 295 10.72 12.62 -32.80
CA GLY A 295 10.94 14.10 -32.83
C GLY A 295 10.01 14.85 -31.88
N SER A 296 9.91 14.37 -30.65
CA SER A 296 9.04 14.93 -29.61
C SER A 296 7.56 14.96 -30.05
N PHE A 297 7.06 13.79 -30.42
CA PHE A 297 5.64 13.50 -30.67
C PHE A 297 5.11 14.27 -31.89
N SER A 298 5.92 14.30 -32.94
CA SER A 298 5.66 15.22 -34.08
C SER A 298 5.04 14.51 -35.32
N TYR A 299 4.58 13.26 -35.15
CA TYR A 299 3.87 12.54 -36.25
C TYR A 299 2.70 13.38 -36.73
N SER A 300 2.55 13.46 -38.05
CA SER A 300 1.42 14.18 -38.59
C SER A 300 0.74 13.39 -39.70
N TYR A 301 0.26 12.20 -39.36
CA TYR A 301 -0.46 11.38 -40.30
C TYR A 301 -1.68 12.15 -40.78
N LYS A 302 -1.93 12.07 -42.06
CA LYS A 302 -3.11 12.67 -42.62
C LYS A 302 -4.35 11.83 -42.68
N THR A 303 -4.20 10.55 -42.45
CA THR A 303 -5.29 9.61 -42.48
C THR A 303 -5.68 9.19 -41.08
N LYS A 304 -6.94 8.77 -40.97
CA LYS A 304 -7.51 8.19 -39.77
C LYS A 304 -7.34 6.71 -39.76
N ASN A 305 -7.08 6.18 -40.92
CA ASN A 305 -6.97 4.74 -41.13
C ASN A 305 -5.61 4.24 -40.61
N ILE A 306 -5.55 4.01 -39.31
CA ILE A 306 -4.30 3.56 -38.69
C ILE A 306 -4.59 2.22 -38.03
N VAL A 307 -3.86 1.18 -38.43
CA VAL A 307 -3.92 -0.11 -37.77
C VAL A 307 -2.67 -0.24 -36.92
N GLU A 308 -2.86 -0.37 -35.61
CA GLU A 308 -1.74 -0.58 -34.67
C GLU A 308 -1.67 -2.03 -34.27
N PHE A 309 -0.59 -2.72 -34.66
CA PHE A 309 -0.32 -4.08 -34.24
C PHE A 309 0.53 -3.97 -32.98
N HIS A 310 0.09 -4.64 -31.91
CA HIS A 310 0.90 -4.71 -30.69
C HIS A 310 0.96 -6.12 -30.13
N SER A 311 1.97 -6.37 -29.28
CA SER A 311 2.18 -7.70 -28.72
C SER A 311 0.95 -8.25 -27.98
N ASP A 312 0.21 -7.35 -27.33
CA ASP A 312 -0.85 -7.77 -26.39
C ASP A 312 -2.23 -7.24 -26.79
N HIS A 313 -2.34 -6.46 -27.86
CA HIS A 313 -3.62 -5.91 -28.28
C HIS A 313 -3.52 -5.33 -29.69
N MET A 314 -4.68 -5.03 -30.27
CA MET A 314 -4.73 -4.41 -31.58
C MET A 314 -5.57 -3.14 -31.46
N LYS A 315 -5.29 -2.15 -32.31
CA LYS A 315 -6.14 -0.98 -32.45
C LYS A 315 -6.37 -0.73 -33.94
N ILE A 316 -7.60 -0.45 -34.32
CA ILE A 316 -7.93 -0.15 -35.73
C ILE A 316 -8.72 1.13 -35.67
N ARG A 317 -8.16 2.19 -36.25
CA ARG A 317 -8.74 3.53 -36.12
C ARG A 317 -8.92 3.81 -34.62
N ASN A 318 -10.14 4.14 -34.17
CA ASN A 318 -10.38 4.37 -32.71
C ASN A 318 -10.74 3.14 -31.87
N ALA A 319 -10.89 2.01 -32.53
CA ALA A 319 -11.37 0.78 -31.91
C ALA A 319 -10.21 0.00 -31.30
N THR A 320 -10.38 -0.43 -30.05
CA THR A 320 -9.35 -1.21 -29.39
C THR A 320 -9.82 -2.66 -29.23
N PHE A 321 -8.90 -3.60 -29.40
CA PHE A 321 -9.19 -5.02 -29.27
C PHE A 321 -8.28 -5.61 -28.20
N PRO A 322 -8.68 -5.51 -26.92
CA PRO A 322 -7.73 -5.90 -25.88
C PRO A 322 -7.39 -7.38 -26.02
N GLY A 323 -6.15 -7.73 -25.75
CA GLY A 323 -5.77 -9.13 -25.69
C GLY A 323 -5.45 -9.80 -27.00
N VAL A 324 -5.77 -9.12 -28.13
CA VAL A 324 -5.53 -9.72 -29.45
C VAL A 324 -4.07 -9.50 -29.86
N GLN A 325 -3.30 -10.58 -29.84
CA GLN A 325 -1.84 -10.52 -30.03
C GLN A 325 -1.47 -10.44 -31.50
N MET A 326 -0.56 -9.52 -31.82
CA MET A 326 -0.21 -9.29 -33.21
C MET A 326 0.45 -10.49 -33.90
N LYS A 327 1.16 -11.33 -33.15
CA LYS A 327 1.89 -12.45 -33.74
C LYS A 327 0.98 -13.32 -34.61
N PHE A 328 -0.17 -13.66 -34.02
CA PHE A 328 -1.11 -14.55 -34.72
C PHE A 328 -1.94 -13.81 -35.76
N VAL A 329 -2.22 -12.54 -35.52
CA VAL A 329 -2.89 -11.70 -36.51
C VAL A 329 -2.03 -11.60 -37.77
N LEU A 330 -0.75 -11.29 -37.61
CA LEU A 330 0.14 -11.17 -38.78
C LEU A 330 0.27 -12.49 -39.52
N GLN A 331 0.47 -13.59 -38.77
CA GLN A 331 0.56 -14.90 -39.42
C GLN A 331 -0.66 -15.23 -40.24
N LYS A 332 -1.84 -14.99 -39.67
CA LYS A 332 -3.09 -15.37 -40.35
C LYS A 332 -3.39 -14.42 -41.50
N LEU A 333 -3.05 -13.16 -41.32
CA LEU A 333 -3.20 -12.17 -42.43
C LEU A 333 -2.46 -12.60 -43.70
N LEU A 334 -1.31 -13.24 -43.52
CA LEU A 334 -0.48 -13.62 -44.67
C LEU A 334 -1.21 -14.54 -45.65
N THR A 335 -2.25 -15.23 -45.15
CA THR A 335 -3.05 -16.14 -45.97
C THR A 335 -3.81 -15.41 -47.08
N ALA A 336 -4.37 -14.26 -46.74
CA ALA A 336 -5.28 -13.55 -47.63
C ALA A 336 -4.85 -12.11 -48.02
N ILE A 337 -3.72 -11.66 -47.47
CA ILE A 337 -3.31 -10.27 -47.71
C ILE A 337 -2.99 -9.99 -49.18
N ALA A 338 -2.39 -10.95 -49.89
CA ALA A 338 -2.10 -10.73 -51.32
C ALA A 338 -3.40 -10.44 -52.09
N ASP A 339 -4.42 -11.25 -51.84
CA ASP A 339 -5.69 -11.03 -52.52
C ASP A 339 -6.24 -9.62 -52.15
N ALA A 340 -6.15 -9.24 -50.88
CA ALA A 340 -6.66 -7.94 -50.45
C ALA A 340 -5.94 -6.80 -51.15
N ALA A 341 -4.66 -7.01 -51.45
CA ALA A 341 -3.80 -6.00 -52.07
C ALA A 341 -3.72 -6.06 -53.59
N LYS A 342 -4.54 -6.91 -54.21
CA LYS A 342 -4.31 -7.17 -55.65
C LYS A 342 -4.50 -5.94 -56.56
N GLY A 343 -5.32 -4.99 -56.15
CA GLY A 343 -5.50 -3.76 -56.96
C GLY A 343 -4.46 -2.67 -56.73
N TYR A 344 -3.47 -2.93 -55.89
CA TYR A 344 -2.55 -1.87 -55.53
C TYR A 344 -1.59 -1.58 -56.70
N LYS A 345 -1.44 -0.30 -57.07
CA LYS A 345 -0.38 0.08 -58.01
C LYS A 345 0.75 0.78 -57.28
N PRO A 346 1.93 0.16 -57.32
CA PRO A 346 3.04 0.52 -56.44
C PRO A 346 3.37 1.98 -56.49
N VAL A 347 3.34 2.60 -55.32
CA VAL A 347 3.80 3.97 -55.15
C VAL A 347 5.31 4.00 -54.92
N ALA A 348 6.03 4.94 -55.57
CA ALA A 348 7.49 5.07 -55.44
C ALA A 348 7.87 5.31 -53.97
N VAL A 349 9.03 4.79 -53.58
CA VAL A 349 9.57 5.10 -52.27
C VAL A 349 10.67 6.17 -52.44
N PRO A 350 10.91 6.96 -51.37
CA PRO A 350 12.06 7.88 -51.45
C PRO A 350 13.37 7.14 -51.67
N ALA A 351 14.25 7.72 -52.50
CA ALA A 351 15.52 7.05 -52.77
C ALA A 351 16.48 7.22 -51.59
N ARG A 352 17.42 6.29 -51.52
CA ARG A 352 18.48 6.29 -50.52
C ARG A 352 19.24 7.61 -50.60
N THR A 353 19.71 8.06 -49.45
CA THR A 353 20.59 9.23 -49.38
C THR A 353 21.81 8.98 -50.28
N PRO A 354 22.14 9.95 -51.17
CA PRO A 354 23.31 9.79 -52.02
C PRO A 354 24.60 9.56 -51.23
N ALA A 355 25.47 8.73 -51.80
CA ALA A 355 26.81 8.52 -51.24
C ALA A 355 27.55 9.85 -51.08
N ASN A 356 28.50 9.87 -50.14
CA ASN A 356 29.35 11.04 -49.93
C ASN A 356 30.18 11.27 -51.18
N ALA A 357 30.30 12.53 -51.58
CA ALA A 357 31.12 12.89 -52.72
C ALA A 357 32.58 12.71 -52.33
N ALA A 358 33.42 12.37 -53.32
CA ALA A 358 34.84 12.30 -53.09
C ALA A 358 35.37 13.61 -52.51
N VAL A 359 36.23 13.47 -51.50
CA VAL A 359 36.91 14.63 -50.87
C VAL A 359 38.38 14.27 -50.60
N PRO A 360 39.24 15.32 -50.43
CA PRO A 360 40.64 15.07 -50.12
C PRO A 360 40.84 14.20 -48.88
N ALA A 361 41.86 13.35 -48.94
CA ALA A 361 42.19 12.44 -47.85
C ALA A 361 42.35 13.18 -46.50
N SER A 362 42.74 14.46 -46.53
CA SER A 362 43.03 15.25 -45.33
C SER A 362 41.78 15.92 -44.72
N THR A 363 40.61 15.70 -45.34
CA THR A 363 39.35 16.25 -44.85
C THR A 363 39.08 15.78 -43.40
N PRO A 364 38.93 16.74 -42.45
CA PRO A 364 38.64 16.32 -41.06
C PRO A 364 37.32 15.52 -40.98
N LEU A 365 37.30 14.50 -40.15
CA LEU A 365 36.07 13.73 -39.93
C LEU A 365 34.95 14.58 -39.34
N LYS A 366 33.75 14.44 -39.91
CA LYS A 366 32.55 15.07 -39.41
C LYS A 366 31.48 13.98 -39.24
N GLN A 367 30.58 14.20 -38.30
CA GLN A 367 29.51 13.21 -37.99
C GLN A 367 28.68 12.86 -39.23
N GLU A 368 28.15 13.87 -39.91
CA GLU A 368 27.26 13.65 -41.07
C GLU A 368 27.94 12.78 -42.12
N TRP A 369 29.18 13.14 -42.48
CA TRP A 369 30.00 12.32 -43.38
C TRP A 369 30.16 10.87 -42.86
N MET A 370 30.56 10.72 -41.58
CA MET A 370 30.82 9.40 -41.02
C MET A 370 29.61 8.46 -41.08
N TRP A 371 28.45 8.97 -40.64
CA TRP A 371 27.22 8.11 -40.61
C TRP A 371 26.83 7.66 -42.02
N ASN A 372 27.01 8.57 -42.98
CA ASN A 372 26.72 8.27 -44.38
C ASN A 372 27.76 7.32 -44.95
N GLN A 373 29.01 7.40 -44.48
CA GLN A 373 30.07 6.50 -44.96
C GLN A 373 30.01 5.11 -44.34
N LEU A 374 29.50 5.03 -43.11
CA LEU A 374 29.54 3.78 -42.35
C LEU A 374 28.92 2.55 -43.04
N GLY A 375 27.91 2.75 -43.90
CA GLY A 375 27.23 1.63 -44.56
C GLY A 375 28.20 0.84 -45.42
N ASN A 376 29.25 1.52 -45.89
CA ASN A 376 30.28 0.85 -46.70
C ASN A 376 30.98 -0.26 -45.95
N PHE A 377 31.17 -0.06 -44.64
CA PHE A 377 31.91 -1.00 -43.81
C PHE A 377 31.06 -2.17 -43.30
N LEU A 378 29.79 -1.89 -43.02
CA LEU A 378 28.86 -2.94 -42.52
C LEU A 378 28.67 -4.10 -43.50
N GLN A 379 28.34 -5.26 -42.95
CA GLN A 379 28.03 -6.44 -43.78
C GLN A 379 26.82 -7.15 -43.17
N GLU A 380 26.12 -7.92 -44.02
CA GLU A 380 25.05 -8.77 -43.54
C GLU A 380 25.46 -9.61 -42.32
N GLY A 381 24.55 -9.73 -41.37
CA GLY A 381 24.83 -10.50 -40.16
C GLY A 381 25.36 -9.66 -38.99
N ASP A 382 25.82 -8.43 -39.25
CA ASP A 382 26.43 -7.58 -38.19
C ASP A 382 25.44 -7.22 -37.08
N VAL A 383 25.96 -7.13 -35.85
CA VAL A 383 25.19 -6.55 -34.76
C VAL A 383 25.79 -5.11 -34.62
N VAL A 384 24.95 -4.09 -34.66
CA VAL A 384 25.45 -2.72 -34.68
C VAL A 384 24.79 -2.00 -33.51
N ILE A 385 25.62 -1.55 -32.57
CA ILE A 385 25.17 -0.95 -31.28
C ILE A 385 25.56 0.52 -31.21
N ALA A 386 24.62 1.39 -30.81
CA ALA A 386 24.86 2.83 -30.87
C ALA A 386 24.38 3.43 -29.57
N GLU A 387 25.32 4.06 -28.87
CA GLU A 387 25.01 4.68 -27.57
C GLU A 387 24.18 5.97 -27.66
N THR A 388 23.30 6.15 -26.69
CA THR A 388 22.66 7.45 -26.41
C THR A 388 23.71 8.57 -26.44
N GLY A 389 23.42 9.64 -27.17
CA GLY A 389 24.42 10.71 -27.49
C GLY A 389 24.41 10.85 -29.01
N THR A 390 25.48 11.41 -29.58
CA THR A 390 25.49 11.60 -31.04
C THR A 390 25.35 10.29 -31.82
N SER A 391 25.88 9.20 -31.25
CA SER A 391 25.93 7.90 -31.95
C SER A 391 24.52 7.40 -32.26
N ALA A 392 23.65 7.40 -31.24
CA ALA A 392 22.27 6.92 -31.42
C ALA A 392 21.52 7.75 -32.46
N PHE A 393 21.75 9.06 -32.45
CA PHE A 393 21.11 9.92 -33.43
C PHE A 393 21.69 9.75 -34.83
N GLY A 394 23.01 9.54 -34.91
CA GLY A 394 23.68 9.49 -36.18
C GLY A 394 23.40 8.17 -36.90
N ILE A 395 23.29 7.08 -36.15
CA ILE A 395 23.11 5.75 -36.79
C ILE A 395 21.82 5.71 -37.60
N ASN A 396 20.88 6.60 -37.29
CA ASN A 396 19.65 6.70 -38.11
C ASN A 396 19.93 6.99 -39.58
N GLN A 397 21.06 7.65 -39.84
CA GLN A 397 21.48 8.04 -41.19
C GLN A 397 22.30 6.99 -41.88
N THR A 398 22.64 5.92 -41.17
CA THR A 398 23.45 4.86 -41.73
C THR A 398 22.54 3.85 -42.40
N THR A 399 22.89 3.47 -43.64
CA THR A 399 22.13 2.43 -44.34
C THR A 399 22.68 1.07 -43.95
N PHE A 400 21.81 0.17 -43.48
CA PHE A 400 22.24 -1.16 -43.00
C PHE A 400 22.16 -2.16 -44.14
N PRO A 401 23.10 -3.13 -44.20
CA PRO A 401 22.91 -4.31 -45.07
C PRO A 401 21.67 -5.08 -44.59
N ASN A 402 21.14 -5.96 -45.43
CA ASN A 402 20.10 -6.86 -44.91
C ASN A 402 20.58 -7.67 -43.72
N ASN A 403 19.63 -8.15 -42.92
CA ASN A 403 19.98 -8.96 -41.75
C ASN A 403 21.00 -8.30 -40.84
N THR A 404 20.78 -7.02 -40.55
CA THR A 404 21.57 -6.31 -39.52
C THR A 404 20.70 -6.21 -38.27
N TYR A 405 21.31 -6.50 -37.11
CA TYR A 405 20.61 -6.34 -35.85
C TYR A 405 21.09 -5.06 -35.17
N GLY A 406 20.22 -4.07 -35.13
CA GLY A 406 20.54 -2.77 -34.51
C GLY A 406 20.16 -2.84 -33.06
N ILE A 407 20.98 -2.22 -32.22
CA ILE A 407 20.62 -2.02 -30.81
C ILE A 407 20.82 -0.52 -30.51
N SER A 408 19.72 0.16 -30.21
CA SER A 408 19.76 1.54 -29.78
C SER A 408 18.65 1.69 -28.72
N GLN A 409 19.06 2.08 -27.51
CA GLN A 409 18.16 2.15 -26.35
C GLN A 409 17.45 3.53 -26.32
N VAL A 410 16.64 3.78 -27.34
CA VAL A 410 16.06 5.11 -27.57
C VAL A 410 15.18 5.58 -26.41
N LEU A 411 14.40 4.66 -25.83
CA LEU A 411 13.49 5.05 -24.74
C LEU A 411 14.20 5.20 -23.40
N TRP A 412 14.88 4.14 -22.95
CA TRP A 412 15.43 4.22 -21.58
C TRP A 412 16.63 5.18 -21.56
N GLY A 413 17.50 5.05 -22.57
CA GLY A 413 18.53 6.06 -22.87
C GLY A 413 19.56 6.18 -21.74
N SER A 414 19.99 5.05 -21.18
CA SER A 414 20.99 5.06 -20.10
C SER A 414 22.40 5.01 -20.66
N ILE A 415 23.12 6.12 -20.62
CA ILE A 415 24.48 6.11 -21.15
C ILE A 415 25.36 5.15 -20.37
N GLY A 416 26.19 4.41 -21.12
CA GLY A 416 27.05 3.40 -20.53
C GLY A 416 26.46 2.00 -20.83
N PHE A 417 25.15 1.97 -21.09
CA PHE A 417 24.45 0.71 -21.43
C PHE A 417 25.22 -0.08 -22.44
N THR A 418 25.64 0.60 -23.51
CA THR A 418 26.23 -0.11 -24.70
C THR A 418 27.55 -0.88 -24.46
N THR A 419 28.42 -0.44 -23.55
CA THR A 419 29.62 -1.24 -23.18
C THR A 419 29.22 -2.66 -22.70
N GLY A 420 28.25 -2.70 -21.80
CA GLY A 420 27.71 -3.96 -21.30
C GLY A 420 26.94 -4.70 -22.38
N ALA A 421 26.04 -4.00 -23.07
CA ALA A 421 25.28 -4.64 -24.17
C ALA A 421 26.20 -5.28 -25.22
N THR A 422 27.27 -4.56 -25.58
CA THR A 422 28.30 -5.10 -26.48
C THR A 422 28.84 -6.45 -25.99
N LEU A 423 29.22 -6.53 -24.71
CA LEU A 423 29.66 -7.81 -24.12
C LEU A 423 28.63 -8.92 -24.29
N GLY A 424 27.37 -8.66 -23.92
CA GLY A 424 26.31 -9.68 -23.99
C GLY A 424 25.99 -10.08 -25.43
N ALA A 425 25.94 -9.08 -26.31
CA ALA A 425 25.74 -9.32 -27.73
C ALA A 425 26.86 -10.16 -28.36
N ALA A 426 28.10 -9.89 -27.93
CA ALA A 426 29.26 -10.61 -28.44
C ALA A 426 29.22 -12.06 -27.95
N PHE A 427 28.86 -12.30 -26.70
CA PHE A 427 28.64 -13.69 -26.24
C PHE A 427 27.61 -14.44 -27.11
N ALA A 428 26.41 -13.86 -27.23
CA ALA A 428 25.30 -14.45 -27.96
C ALA A 428 25.64 -14.65 -29.44
N ALA A 429 26.30 -13.66 -30.04
CA ALA A 429 26.73 -13.74 -31.45
C ALA A 429 27.78 -14.87 -31.66
N GLU A 430 28.71 -15.03 -30.70
CA GLU A 430 29.69 -16.10 -30.75
C GLU A 430 28.99 -17.46 -30.75
N GLU A 431 27.94 -17.58 -29.93
CA GLU A 431 27.21 -18.82 -29.78
C GLU A 431 26.39 -19.17 -31.02
N ILE A 432 25.92 -18.13 -31.71
CA ILE A 432 25.13 -18.27 -32.94
C ILE A 432 26.03 -18.59 -34.15
N ASP A 433 27.09 -17.82 -34.32
CA ASP A 433 27.94 -17.88 -35.51
C ASP A 433 29.17 -17.06 -35.22
N PRO A 434 30.31 -17.74 -34.97
CA PRO A 434 31.64 -17.20 -34.74
C PRO A 434 32.10 -16.12 -35.71
N LYS A 435 31.50 -16.04 -36.90
CA LYS A 435 31.90 -15.03 -37.87
C LYS A 435 31.04 -13.76 -37.84
N LYS A 436 29.96 -13.80 -37.07
CA LYS A 436 29.15 -12.59 -36.79
C LYS A 436 29.99 -11.52 -36.06
N ARG A 437 30.03 -10.32 -36.65
CA ARG A 437 30.75 -9.20 -36.09
C ARG A 437 29.83 -8.40 -35.18
N VAL A 438 30.40 -7.83 -34.12
CA VAL A 438 29.66 -6.95 -33.25
C VAL A 438 30.36 -5.59 -33.23
N ILE A 439 29.62 -4.53 -33.55
CA ILE A 439 30.19 -3.26 -33.83
C ILE A 439 29.54 -2.19 -32.93
N LEU A 440 30.37 -1.55 -32.10
CA LEU A 440 29.87 -0.54 -31.15
C LEU A 440 30.31 0.87 -31.54
N PHE A 441 29.36 1.81 -31.54
CA PHE A 441 29.66 3.23 -31.51
C PHE A 441 29.26 3.81 -30.17
N ILE A 442 30.24 4.22 -29.38
CA ILE A 442 29.98 4.74 -28.02
C ILE A 442 30.71 6.09 -27.86
N GLY A 443 30.06 7.05 -27.22
CA GLY A 443 30.68 8.34 -26.91
C GLY A 443 31.78 8.24 -25.85
N ASP A 444 32.72 9.19 -25.89
CA ASP A 444 33.77 9.27 -24.83
C ASP A 444 33.13 9.45 -23.44
N GLY A 445 32.03 10.19 -23.37
CA GLY A 445 31.34 10.45 -22.06
C GLY A 445 30.74 9.15 -21.52
N SER A 446 29.95 8.48 -22.36
CA SER A 446 29.30 7.23 -21.99
C SER A 446 30.25 6.10 -21.63
N LEU A 447 31.36 6.00 -22.36
CA LEU A 447 32.36 4.97 -22.06
C LEU A 447 32.77 5.01 -20.60
N GLN A 448 32.89 6.21 -20.03
CA GLN A 448 33.42 6.31 -18.64
C GLN A 448 32.58 5.61 -17.61
N LEU A 449 31.27 5.51 -17.86
CA LEU A 449 30.38 4.95 -16.83
C LEU A 449 30.51 3.46 -16.67
N THR A 450 30.94 2.77 -17.74
CA THR A 450 30.90 1.33 -17.74
C THR A 450 32.19 0.75 -18.34
N VAL A 451 33.25 1.54 -18.36
CA VAL A 451 34.48 1.17 -19.09
C VAL A 451 35.06 -0.19 -18.67
N GLN A 452 34.92 -0.56 -17.40
CA GLN A 452 35.53 -1.81 -16.93
C GLN A 452 35.01 -3.10 -17.63
N GLU A 453 33.83 -3.04 -18.25
CA GLU A 453 33.32 -4.25 -18.91
C GLU A 453 34.13 -4.68 -20.14
N ILE A 454 34.99 -3.80 -20.62
CA ILE A 454 35.98 -4.19 -21.64
C ILE A 454 36.86 -5.34 -21.13
N SER A 455 37.14 -5.31 -19.83
CA SER A 455 37.89 -6.39 -19.19
C SER A 455 37.29 -7.77 -19.44
N THR A 456 35.98 -7.87 -19.34
CA THR A 456 35.27 -9.12 -19.48
C THR A 456 35.29 -9.60 -20.94
N MET A 457 35.29 -8.67 -21.88
CA MET A 457 35.41 -9.02 -23.33
C MET A 457 36.75 -9.70 -23.59
N ILE A 458 37.79 -9.07 -23.08
CA ILE A 458 39.16 -9.57 -23.17
C ILE A 458 39.32 -10.95 -22.54
N ARG A 459 38.80 -11.13 -21.31
CA ARG A 459 39.01 -12.42 -20.62
C ARG A 459 38.42 -13.60 -21.40
N TRP A 460 37.36 -13.34 -22.18
CA TRP A 460 36.68 -14.41 -22.95
C TRP A 460 37.08 -14.43 -24.43
N GLY A 461 38.04 -13.59 -24.77
CA GLY A 461 38.54 -13.48 -26.15
C GLY A 461 37.45 -13.14 -27.16
N LEU A 462 36.50 -12.30 -26.75
CA LEU A 462 35.48 -11.76 -27.65
C LEU A 462 36.07 -10.62 -28.47
N LYS A 463 35.53 -10.42 -29.68
CA LYS A 463 36.23 -9.60 -30.69
C LYS A 463 35.38 -8.47 -31.27
N PRO A 464 34.69 -7.71 -30.41
CA PRO A 464 33.90 -6.64 -30.96
C PRO A 464 34.80 -5.52 -31.48
N TYR A 465 34.21 -4.68 -32.33
CA TYR A 465 34.84 -3.45 -32.77
C TYR A 465 34.35 -2.31 -31.90
N LEU A 466 35.26 -1.69 -31.15
CA LEU A 466 34.85 -0.61 -30.27
C LEU A 466 35.25 0.75 -30.84
N PHE A 467 34.29 1.44 -31.45
CA PHE A 467 34.50 2.81 -31.96
C PHE A 467 34.12 3.83 -30.88
N VAL A 468 35.10 4.59 -30.38
CA VAL A 468 34.86 5.59 -29.30
C VAL A 468 34.89 6.99 -29.96
N LEU A 469 33.80 7.73 -29.86
CA LEU A 469 33.72 9.03 -30.49
C LEU A 469 34.24 10.08 -29.53
N ASN A 470 35.48 10.50 -29.81
CA ASN A 470 36.14 11.49 -28.95
C ASN A 470 35.84 12.89 -29.44
N ASN A 471 34.90 13.52 -28.75
CA ASN A 471 34.51 14.90 -29.04
C ASN A 471 34.67 15.78 -27.80
N ASP A 472 35.53 15.32 -26.91
CA ASP A 472 35.90 16.07 -25.70
C ASP A 472 34.69 16.51 -24.86
N GLY A 473 33.87 15.52 -24.51
CA GLY A 473 32.80 15.75 -23.53
C GLY A 473 31.42 15.32 -24.00
N TYR A 474 30.41 15.84 -23.34
CA TYR A 474 29.03 15.41 -23.60
C TYR A 474 28.39 16.30 -24.67
N THR A 475 28.64 16.04 -25.94
CA THR A 475 28.13 16.93 -26.96
C THR A 475 26.59 17.05 -26.99
N ILE A 476 25.95 15.90 -26.88
CA ILE A 476 24.51 15.88 -26.86
C ILE A 476 23.97 16.82 -25.79
N GLU A 477 24.55 16.77 -24.58
CA GLU A 477 24.11 17.67 -23.50
C GLU A 477 24.38 19.13 -23.85
N LYS A 478 25.58 19.41 -24.38
CA LYS A 478 25.98 20.81 -24.75
C LYS A 478 24.99 21.41 -25.72
N LEU A 479 24.40 20.55 -26.55
CA LEU A 479 23.44 21.02 -27.51
C LEU A 479 22.06 21.21 -26.89
N ILE A 480 21.82 20.60 -25.73
CA ILE A 480 20.56 20.74 -25.03
C ILE A 480 20.62 22.02 -24.19
N HIS A 481 21.62 22.11 -23.36
CA HIS A 481 21.75 23.25 -22.44
C HIS A 481 23.14 23.28 -21.86
N GLY A 482 23.77 24.47 -21.85
CA GLY A 482 25.11 24.62 -21.31
C GLY A 482 26.25 24.19 -22.19
N PRO A 483 26.40 24.83 -23.38
CA PRO A 483 27.45 24.36 -24.31
C PRO A 483 28.90 24.49 -23.80
N LYS A 484 29.15 25.40 -22.86
CA LYS A 484 30.49 25.53 -22.28
C LYS A 484 30.43 25.27 -20.77
N ALA A 485 29.32 24.69 -20.30
CA ALA A 485 29.14 24.39 -18.87
C ALA A 485 30.09 23.28 -18.45
N GLN A 486 30.72 23.47 -17.29
CA GLN A 486 31.72 22.53 -16.85
C GLN A 486 31.13 21.13 -16.55
N TYR A 487 29.85 21.07 -16.18
CA TYR A 487 29.19 19.78 -15.94
C TYR A 487 29.07 18.96 -17.21
N ASN A 488 29.23 19.61 -18.37
CA ASN A 488 29.19 18.91 -19.66
C ASN A 488 30.57 18.47 -20.18
N GLU A 489 31.59 18.77 -19.39
CA GLU A 489 32.96 18.41 -19.75
C GLU A 489 33.36 17.16 -18.95
N ILE A 490 34.34 16.45 -19.49
CA ILE A 490 34.81 15.19 -18.88
C ILE A 490 36.32 15.20 -18.71
N GLN A 491 36.83 14.43 -17.73
CA GLN A 491 38.27 14.18 -17.65
C GLN A 491 38.76 13.48 -18.96
N GLY A 492 39.88 13.95 -19.50
CA GLY A 492 40.43 13.34 -20.72
C GLY A 492 41.18 12.04 -20.52
N TRP A 493 40.66 10.95 -21.07
CA TRP A 493 41.32 9.66 -20.93
C TRP A 493 42.15 9.30 -22.15
N ASP A 494 43.12 8.41 -21.92
CA ASP A 494 43.91 7.86 -23.00
C ASP A 494 43.19 6.57 -23.43
N HIS A 495 42.21 6.75 -24.31
CA HIS A 495 41.37 5.64 -24.73
C HIS A 495 42.11 4.42 -25.26
N LEU A 496 43.09 4.62 -26.13
CA LEU A 496 43.76 3.46 -26.71
C LEU A 496 44.64 2.65 -25.74
N SER A 497 44.94 3.22 -24.57
CA SER A 497 45.62 2.45 -23.53
C SER A 497 44.67 1.57 -22.69
N LEU A 498 43.35 1.67 -22.90
CA LEU A 498 42.42 0.89 -22.11
C LEU A 498 42.57 -0.64 -22.26
N LEU A 499 42.67 -1.11 -23.50
CA LEU A 499 42.80 -2.55 -23.73
C LEU A 499 44.04 -3.16 -23.00
N PRO A 500 45.26 -2.63 -23.26
CA PRO A 500 46.43 -3.18 -22.55
C PRO A 500 46.34 -3.02 -21.01
N THR A 501 45.78 -1.92 -20.56
CA THR A 501 45.54 -1.69 -19.10
C THR A 501 44.69 -2.82 -18.47
N PHE A 502 43.68 -3.29 -19.21
CA PHE A 502 42.86 -4.38 -18.75
C PHE A 502 43.42 -5.76 -19.06
N GLY A 503 44.69 -5.80 -19.51
CA GLY A 503 45.41 -7.07 -19.72
C GLY A 503 45.26 -7.71 -21.10
N ALA A 504 44.73 -6.97 -22.07
CA ALA A 504 44.61 -7.52 -23.43
C ALA A 504 45.99 -7.83 -23.99
N LYS A 505 46.09 -8.93 -24.73
CA LYS A 505 47.33 -9.30 -25.41
C LYS A 505 47.12 -9.40 -26.93
N ASP A 506 45.96 -9.91 -27.35
CA ASP A 506 45.65 -10.02 -28.78
C ASP A 506 44.57 -9.01 -29.19
N TYR A 507 45.01 -7.88 -29.78
CA TYR A 507 44.13 -6.72 -30.04
C TYR A 507 44.78 -5.73 -31.02
N GLU A 508 44.01 -4.76 -31.48
CA GLU A 508 44.54 -3.61 -32.22
C GLU A 508 43.91 -2.36 -31.69
N THR A 509 44.66 -1.28 -31.78
CA THR A 509 44.15 0.04 -31.51
C THR A 509 44.49 0.94 -32.70
N HIS A 510 43.55 1.80 -33.05
CA HIS A 510 43.61 2.67 -34.21
C HIS A 510 43.05 4.04 -33.83
N ARG A 511 43.62 5.07 -34.42
CA ARG A 511 43.02 6.39 -34.36
C ARG A 511 42.76 6.90 -35.76
N VAL A 512 41.57 7.46 -35.93
CA VAL A 512 41.18 8.11 -37.18
C VAL A 512 40.68 9.52 -36.94
N ALA A 513 41.15 10.43 -37.78
CA ALA A 513 40.80 11.83 -37.63
C ALA A 513 40.40 12.49 -38.95
N THR A 514 40.60 11.75 -40.05
CA THR A 514 40.32 12.22 -41.38
C THR A 514 39.55 11.19 -42.16
N THR A 515 38.89 11.69 -43.19
CA THR A 515 38.29 10.90 -44.24
C THR A 515 39.20 9.88 -44.86
N GLY A 516 40.41 10.30 -45.21
CA GLY A 516 41.39 9.32 -45.72
C GLY A 516 41.72 8.19 -44.76
N GLU A 517 41.92 8.55 -43.50
CA GLU A 517 42.24 7.55 -42.47
C GLU A 517 41.08 6.60 -42.24
N TRP A 518 39.88 7.16 -42.25
CA TRP A 518 38.67 6.34 -42.07
C TRP A 518 38.57 5.32 -43.20
N ASP A 519 38.61 5.80 -44.44
CA ASP A 519 38.48 4.89 -45.58
C ASP A 519 39.58 3.84 -45.61
N LYS A 520 40.82 4.26 -45.35
CA LYS A 520 41.96 3.35 -45.39
C LYS A 520 41.81 2.20 -44.39
N LEU A 521 41.37 2.53 -43.17
CA LEU A 521 41.22 1.53 -42.13
C LEU A 521 40.02 0.64 -42.38
N THR A 522 38.89 1.26 -42.64
CA THR A 522 37.63 0.50 -42.70
C THR A 522 37.45 -0.29 -43.98
N GLN A 523 38.18 0.08 -45.04
CA GLN A 523 38.13 -0.70 -46.30
C GLN A 523 39.13 -1.87 -46.31
N ASP A 524 40.02 -1.88 -45.34
CA ASP A 524 41.14 -2.83 -45.28
C ASP A 524 40.64 -4.25 -45.05
N LYS A 525 41.12 -5.21 -45.86
CA LYS A 525 40.58 -6.58 -45.75
C LYS A 525 40.75 -7.20 -44.35
N SER A 526 41.94 -7.12 -43.77
CA SER A 526 42.20 -7.79 -42.48
C SER A 526 41.33 -7.15 -41.39
N PHE A 527 41.16 -5.83 -41.48
CA PHE A 527 40.34 -5.08 -40.50
C PHE A 527 38.90 -5.60 -40.49
N ASN A 528 38.39 -5.98 -41.66
CA ASN A 528 37.01 -6.49 -41.77
C ASN A 528 36.74 -7.89 -41.23
N ASP A 529 37.81 -8.63 -40.94
CA ASP A 529 37.71 -9.94 -40.32
C ASP A 529 37.67 -9.77 -38.81
N ASN A 530 36.75 -10.47 -38.15
CA ASN A 530 36.63 -10.35 -36.69
C ASN A 530 37.65 -11.22 -35.95
N SER A 531 38.92 -10.94 -36.18
CA SER A 531 40.00 -11.84 -35.76
C SER A 531 40.52 -11.51 -34.36
N LYS A 532 40.24 -10.29 -33.91
CA LYS A 532 40.64 -9.87 -32.56
C LYS A 532 39.84 -8.65 -32.14
N ILE A 533 39.82 -8.36 -30.84
CA ILE A 533 39.17 -7.15 -30.34
C ILE A 533 39.92 -5.91 -30.83
N ARG A 534 39.17 -4.87 -31.20
CA ARG A 534 39.78 -3.65 -31.68
C ARG A 534 39.15 -2.45 -31.01
N MET A 535 39.96 -1.43 -30.76
CA MET A 535 39.43 -0.14 -30.40
C MET A 535 39.84 0.90 -31.42
N ILE A 536 38.87 1.70 -31.84
CA ILE A 536 39.13 2.73 -32.81
C ILE A 536 38.70 4.04 -32.19
N GLU A 537 39.68 4.87 -31.89
CA GLU A 537 39.41 6.23 -31.46
C GLU A 537 39.14 7.17 -32.64
N VAL A 538 37.90 7.67 -32.71
CA VAL A 538 37.44 8.58 -33.75
C VAL A 538 37.42 10.04 -33.25
N MET A 539 38.26 10.88 -33.84
CA MET A 539 38.40 12.26 -33.38
C MET A 539 37.41 13.13 -34.10
N LEU A 540 36.48 13.70 -33.34
CA LEU A 540 35.42 14.51 -33.88
C LEU A 540 35.36 15.86 -33.18
N PRO A 541 34.77 16.87 -33.85
CA PRO A 541 34.70 18.20 -33.24
C PRO A 541 33.69 18.33 -32.10
N VAL A 542 33.94 19.28 -31.21
CA VAL A 542 33.16 19.37 -29.96
C VAL A 542 31.66 19.59 -30.16
N PHE A 543 31.28 20.48 -31.08
CA PHE A 543 29.86 20.80 -31.25
C PHE A 543 29.24 20.15 -32.48
N ASP A 544 29.98 19.25 -33.12
CA ASP A 544 29.48 18.57 -34.31
C ASP A 544 28.45 17.51 -33.91
N ALA A 545 27.33 17.49 -34.64
CA ALA A 545 26.27 16.51 -34.35
C ALA A 545 25.44 16.32 -35.57
N PRO A 546 24.80 15.13 -35.67
CA PRO A 546 23.79 15.02 -36.73
C PRO A 546 22.68 16.05 -36.55
N GLN A 547 22.13 16.52 -37.67
CA GLN A 547 21.11 17.55 -37.68
C GLN A 547 19.87 17.16 -36.86
N ASN A 548 19.49 15.89 -36.95
CA ASN A 548 18.35 15.43 -36.16
C ASN A 548 18.54 15.63 -34.65
N LEU A 549 19.77 15.48 -34.16
CA LEU A 549 20.06 15.71 -32.75
C LEU A 549 20.02 17.20 -32.44
N VAL A 550 20.57 18.02 -33.34
CA VAL A 550 20.51 19.47 -33.13
C VAL A 550 19.05 19.90 -32.85
N GLU A 551 18.13 19.40 -33.67
CA GLU A 551 16.73 19.75 -33.55
C GLU A 551 16.09 19.13 -32.31
N GLN A 552 16.33 17.83 -32.08
CA GLN A 552 15.70 17.15 -30.95
C GLN A 552 16.14 17.82 -29.64
N ALA A 553 17.42 18.24 -29.57
CA ALA A 553 17.99 18.84 -28.35
C ALA A 553 17.20 20.06 -27.96
N LYS A 554 16.86 20.90 -28.95
CA LYS A 554 16.08 22.13 -28.68
C LYS A 554 14.68 21.80 -28.20
N LEU A 555 14.08 20.77 -28.78
CA LEU A 555 12.74 20.36 -28.43
C LEU A 555 12.66 19.87 -26.99
N THR A 556 13.67 19.09 -26.62
CA THR A 556 13.80 18.52 -25.29
C THR A 556 14.08 19.64 -24.26
N ALA A 557 14.97 20.56 -24.59
CA ALA A 557 15.22 21.72 -23.72
C ALA A 557 13.94 22.48 -23.43
N ALA A 558 13.15 22.74 -24.47
CA ALA A 558 11.91 23.48 -24.34
C ALA A 558 10.87 22.72 -23.50
N THR A 559 10.80 21.40 -23.69
CA THR A 559 9.87 20.56 -22.93
C THR A 559 10.15 20.67 -21.44
N ASN A 560 11.43 20.60 -21.07
CA ASN A 560 11.81 20.62 -19.66
C ASN A 560 11.65 22.02 -19.04
N ALA A 561 11.87 23.05 -19.85
CA ALA A 561 11.86 24.44 -19.37
C ALA A 561 10.46 25.03 -19.25
N LYS A 562 9.50 24.41 -19.94
CA LYS A 562 8.12 24.88 -20.03
C LYS A 562 7.42 24.98 -18.67
N GLN A 563 6.79 26.13 -18.42
CA GLN A 563 6.11 26.37 -17.14
C GLN A 563 4.64 25.91 -17.13
N SER B 2 16.10 40.27 -2.98
CA SER B 2 14.61 40.23 -3.13
C SER B 2 14.13 38.79 -3.39
N GLU B 3 14.31 38.34 -4.63
CA GLU B 3 13.93 36.98 -5.06
C GLU B 3 15.15 36.21 -5.53
N ILE B 4 15.11 34.89 -5.38
CA ILE B 4 16.18 34.02 -5.81
C ILE B 4 15.48 32.80 -6.44
N THR B 5 16.09 32.17 -7.44
CA THR B 5 15.53 30.89 -7.97
C THR B 5 15.60 29.78 -6.94
N LEU B 6 14.65 28.85 -7.03
CA LEU B 6 14.57 27.71 -6.12
C LEU B 6 15.89 26.93 -6.15
N GLY B 7 16.45 26.78 -7.35
CA GLY B 7 17.72 26.10 -7.54
C GLY B 7 18.88 26.74 -6.81
N LYS B 8 18.97 28.08 -6.89
CA LYS B 8 20.03 28.78 -6.19
C LYS B 8 19.82 28.68 -4.67
N TYR B 9 18.57 28.74 -4.22
CA TYR B 9 18.18 28.58 -2.80
C TYR B 9 18.75 27.25 -2.27
N LEU B 10 18.60 26.18 -3.04
CA LEU B 10 19.14 24.88 -2.60
C LEU B 10 20.65 24.97 -2.30
N PHE B 11 21.42 25.52 -3.24
CA PHE B 11 22.87 25.60 -3.07
C PHE B 11 23.30 26.58 -2.00
N GLU B 12 22.51 27.64 -1.81
CA GLU B 12 22.80 28.57 -0.71
C GLU B 12 22.60 27.86 0.62
N ARG B 13 21.49 27.14 0.74
CA ARG B 13 21.28 26.29 1.93
C ARG B 13 22.36 25.27 2.14
N LEU B 14 22.78 24.56 1.09
CA LEU B 14 23.86 23.57 1.26
C LEU B 14 25.15 24.22 1.77
N LYS B 15 25.49 25.38 1.21
CA LYS B 15 26.66 26.13 1.68
C LYS B 15 26.55 26.45 3.19
N GLN B 16 25.40 26.97 3.59
CA GLN B 16 25.09 27.25 5.01
C GLN B 16 25.31 26.05 5.94
N VAL B 17 25.06 24.84 5.44
CA VAL B 17 25.23 23.63 6.25
C VAL B 17 26.54 22.89 5.95
N ASN B 18 27.47 23.61 5.34
CA ASN B 18 28.84 23.12 5.19
C ASN B 18 29.01 21.98 4.17
N VAL B 19 28.10 21.93 3.17
CA VAL B 19 28.21 21.03 2.02
C VAL B 19 28.68 21.91 0.87
N ASN B 20 29.96 21.73 0.51
CA ASN B 20 30.65 22.56 -0.52
C ASN B 20 31.00 21.83 -1.82
N THR B 21 30.85 20.49 -1.83
CA THR B 21 31.03 19.69 -3.04
C THR B 21 29.73 18.97 -3.26
N VAL B 22 29.27 18.94 -4.51
CA VAL B 22 28.01 18.27 -4.84
C VAL B 22 28.33 17.17 -5.87
N PHE B 23 27.79 15.98 -5.62
CA PHE B 23 28.10 14.80 -6.42
C PHE B 23 26.99 14.50 -7.39
N GLY B 24 27.28 13.58 -8.33
CA GLY B 24 26.27 13.22 -9.32
C GLY B 24 26.70 13.38 -10.76
N LEU B 25 25.74 13.17 -11.67
CA LEU B 25 25.99 13.35 -13.10
C LEU B 25 24.84 14.15 -13.69
N PRO B 26 25.15 14.93 -14.75
CA PRO B 26 24.09 15.73 -15.40
C PRO B 26 23.13 14.88 -16.24
N GLY B 27 21.94 15.42 -16.47
CA GLY B 27 21.00 14.86 -17.46
C GLY B 27 20.08 16.02 -17.78
N ALA B 28 19.44 15.99 -18.93
CA ALA B 28 18.55 17.11 -19.32
C ALA B 28 17.60 17.62 -18.21
N PHE B 29 17.10 16.70 -17.35
CA PHE B 29 16.16 17.05 -16.27
C PHE B 29 16.78 17.80 -15.10
N ASN B 30 18.11 17.86 -15.06
CA ASN B 30 18.78 18.61 -13.98
C ASN B 30 19.74 19.72 -14.43
N LEU B 31 19.89 19.95 -15.74
CA LEU B 31 20.93 20.86 -16.25
C LEU B 31 20.76 22.28 -15.73
N SER B 32 19.54 22.78 -15.74
CA SER B 32 19.24 24.16 -15.27
C SER B 32 19.53 24.25 -13.77
N LEU B 33 19.22 23.20 -13.02
CA LEU B 33 19.61 23.15 -11.61
C LEU B 33 21.12 23.28 -11.40
N LEU B 34 21.90 22.48 -12.15
CA LEU B 34 23.35 22.47 -12.01
C LEU B 34 23.97 23.83 -12.28
N ASP B 35 23.37 24.60 -13.18
CA ASP B 35 23.84 25.95 -13.47
C ASP B 35 23.98 26.75 -12.19
N LYS B 36 23.03 26.55 -11.29
CA LYS B 36 22.93 27.36 -10.03
C LYS B 36 24.07 27.10 -9.05
N ILE B 37 24.74 25.95 -9.16
CA ILE B 37 25.99 25.68 -8.39
C ILE B 37 27.06 26.78 -8.66
N TYR B 38 27.20 27.21 -9.90
CA TYR B 38 28.27 28.12 -10.26
C TYR B 38 27.91 29.58 -9.89
N GLU B 39 26.68 29.78 -9.41
CA GLU B 39 26.17 31.09 -8.98
C GLU B 39 26.40 31.29 -7.48
N VAL B 40 26.89 30.25 -6.81
CA VAL B 40 27.11 30.31 -5.38
C VAL B 40 28.58 30.13 -5.04
N GLU B 41 29.22 31.18 -4.50
CA GLU B 41 30.66 31.11 -4.22
C GLU B 41 30.94 30.02 -3.18
N GLY B 42 31.98 29.22 -3.38
CA GLY B 42 32.33 28.21 -2.41
C GLY B 42 31.63 26.88 -2.64
N MET B 43 30.96 26.76 -3.79
CA MET B 43 30.29 25.51 -4.17
C MET B 43 30.93 24.91 -5.42
N ARG B 44 31.06 23.58 -5.46
CA ARG B 44 31.59 22.95 -6.68
C ARG B 44 30.85 21.66 -7.03
N TRP B 45 30.98 21.28 -8.30
CA TRP B 45 30.36 20.08 -8.86
C TRP B 45 31.47 19.10 -9.14
N ALA B 46 31.38 17.92 -8.54
CA ALA B 46 32.46 16.94 -8.66
C ALA B 46 32.71 16.45 -10.10
N GLY B 47 31.61 16.25 -10.83
CA GLY B 47 31.67 15.69 -12.20
C GLY B 47 32.04 14.21 -12.14
N ASN B 48 31.18 13.41 -11.51
CA ASN B 48 31.50 11.99 -11.26
C ASN B 48 31.47 11.15 -12.53
N ALA B 49 32.14 10.01 -12.51
CA ALA B 49 32.24 9.17 -13.73
C ALA B 49 31.07 8.18 -13.89
N ASN B 50 30.38 7.85 -12.80
CA ASN B 50 29.03 7.25 -12.88
C ASN B 50 28.24 7.50 -11.57
N GLU B 51 26.94 7.24 -11.62
CA GLU B 51 26.07 7.60 -10.48
C GLU B 51 26.30 6.74 -9.24
N LEU B 52 26.58 5.46 -9.43
CA LEU B 52 26.84 4.56 -8.29
C LEU B 52 28.04 5.08 -7.53
N ASN B 53 29.12 5.41 -8.26
CA ASN B 53 30.34 5.94 -7.67
C ASN B 53 30.06 7.28 -7.02
N ALA B 54 29.20 8.09 -7.63
CA ALA B 54 28.81 9.38 -7.04
C ALA B 54 28.13 9.22 -5.68
N ALA B 55 27.29 8.19 -5.55
CA ALA B 55 26.60 7.93 -4.28
C ALA B 55 27.58 7.44 -3.19
N TYR B 56 28.50 6.54 -3.59
CA TYR B 56 29.59 6.09 -2.68
C TYR B 56 30.43 7.33 -2.22
N ALA B 57 30.73 8.21 -3.17
CA ALA B 57 31.43 9.48 -2.88
C ALA B 57 30.66 10.39 -1.92
N ALA B 58 29.37 10.60 -2.15
CA ALA B 58 28.57 11.44 -1.25
C ALA B 58 28.59 10.83 0.14
N ASP B 59 28.59 9.50 0.20
CA ASP B 59 28.65 8.76 1.49
C ASP B 59 30.00 9.08 2.19
N GLY B 60 31.11 8.91 1.47
CA GLY B 60 32.45 9.27 2.06
C GLY B 60 32.53 10.73 2.50
N TYR B 61 32.02 11.62 1.66
CA TYR B 61 32.01 13.04 2.03
C TYR B 61 31.22 13.29 3.33
N ALA B 62 30.03 12.69 3.40
CA ALA B 62 29.13 12.90 4.55
C ALA B 62 29.80 12.39 5.83
N ARG B 63 30.52 11.28 5.72
CA ARG B 63 31.20 10.68 6.91
C ARG B 63 32.25 11.62 7.47
N ILE B 64 32.96 12.31 6.58
CA ILE B 64 34.00 13.24 7.02
C ILE B 64 33.50 14.65 7.34
N LYS B 65 32.61 15.17 6.49
CA LYS B 65 32.16 16.56 6.54
C LYS B 65 30.94 16.80 7.41
N GLY B 66 30.02 15.83 7.44
CA GLY B 66 28.85 15.86 8.30
C GLY B 66 27.59 15.45 7.58
N MET B 67 27.46 15.88 6.32
CA MET B 67 26.38 15.41 5.46
C MET B 67 26.78 15.71 4.04
N SER B 68 25.96 15.28 3.08
CA SER B 68 26.36 15.41 1.67
C SER B 68 25.15 15.57 0.77
N CYS B 69 25.43 15.91 -0.48
CA CYS B 69 24.37 15.97 -1.48
C CYS B 69 24.83 15.35 -2.78
N ILE B 70 23.99 14.47 -3.33
CA ILE B 70 24.19 13.89 -4.70
C ILE B 70 22.98 14.29 -5.56
N ILE B 71 23.23 14.76 -6.79
CA ILE B 71 22.13 15.10 -7.74
C ILE B 71 22.18 14.18 -8.95
N THR B 72 21.05 13.56 -9.25
CA THR B 72 21.03 12.65 -10.40
C THR B 72 19.83 13.01 -11.27
N THR B 73 19.66 12.30 -12.37
CA THR B 73 18.54 12.56 -13.27
C THR B 73 17.50 11.39 -13.11
N PHE B 74 16.25 11.73 -13.37
CA PHE B 74 15.09 10.84 -13.34
C PHE B 74 15.39 9.51 -14.01
N GLY B 75 15.04 8.42 -13.32
CA GLY B 75 15.12 7.08 -13.90
C GLY B 75 16.53 6.57 -13.94
N VAL B 76 17.27 6.94 -14.98
CA VAL B 76 18.60 6.38 -15.24
C VAL B 76 19.69 6.75 -14.24
N GLY B 77 19.62 7.96 -13.72
CA GLY B 77 20.59 8.45 -12.75
C GLY B 77 20.26 7.92 -11.38
N GLU B 78 19.03 8.15 -10.94
CA GLU B 78 18.64 7.74 -9.59
C GLU B 78 18.72 6.23 -9.32
N LEU B 79 18.30 5.41 -10.29
CA LEU B 79 18.34 3.97 -10.08
C LEU B 79 19.79 3.48 -10.01
N SER B 80 20.66 4.11 -10.80
CA SER B 80 22.09 3.77 -10.81
C SER B 80 22.66 3.99 -9.40
N ALA B 81 22.14 4.99 -8.70
CA ALA B 81 22.69 5.38 -7.38
C ALA B 81 22.23 4.52 -6.22
N LEU B 82 21.19 3.68 -6.43
CA LEU B 82 20.46 3.14 -5.28
C LEU B 82 21.28 2.26 -4.32
N ASN B 83 22.23 1.49 -4.87
CA ASN B 83 23.11 0.71 -3.99
C ASN B 83 23.95 1.59 -3.07
N GLY B 84 24.36 2.76 -3.57
CA GLY B 84 25.07 3.75 -2.72
C GLY B 84 24.12 4.23 -1.63
N ILE B 85 22.92 4.67 -2.04
CA ILE B 85 21.93 5.19 -1.05
C ILE B 85 21.58 4.15 0.01
N ALA B 86 21.35 2.90 -0.41
CA ALA B 86 20.98 1.84 0.52
C ALA B 86 22.09 1.60 1.56
N GLY B 87 23.36 1.65 1.14
CA GLY B 87 24.49 1.52 2.10
C GLY B 87 24.56 2.67 3.09
N SER B 88 24.25 3.87 2.60
CA SER B 88 24.15 5.02 3.47
C SER B 88 22.98 4.86 4.48
N TYR B 89 21.86 4.30 4.02
CA TYR B 89 20.74 4.06 4.94
C TYR B 89 21.16 3.04 6.00
N ALA B 90 21.78 1.94 5.54
CA ALA B 90 22.15 0.85 6.46
C ALA B 90 23.18 1.30 7.52
N GLU B 91 24.15 2.12 7.10
CA GLU B 91 25.23 2.52 8.00
C GLU B 91 25.02 3.88 8.64
N HIS B 92 23.83 4.45 8.47
CA HIS B 92 23.49 5.74 9.11
C HIS B 92 24.41 6.89 8.63
N VAL B 93 24.39 7.15 7.34
CA VAL B 93 25.13 8.27 6.75
C VAL B 93 24.15 9.23 6.07
N GLY B 94 24.21 10.50 6.45
CA GLY B 94 23.24 11.50 5.96
C GLY B 94 23.59 12.04 4.58
N VAL B 95 22.96 11.44 3.55
CA VAL B 95 23.13 11.83 2.15
C VAL B 95 21.81 12.34 1.56
N LEU B 96 21.80 13.60 1.09
CA LEU B 96 20.60 14.16 0.46
C LEU B 96 20.67 13.81 -1.03
N HIS B 97 19.75 12.98 -1.48
CA HIS B 97 19.69 12.60 -2.90
C HIS B 97 18.63 13.45 -3.59
N VAL B 98 19.10 14.40 -4.41
CA VAL B 98 18.22 15.32 -5.13
C VAL B 98 18.10 14.74 -6.56
N VAL B 99 16.89 14.63 -7.09
CA VAL B 99 16.73 14.06 -8.41
C VAL B 99 16.01 15.07 -9.28
N GLY B 100 16.57 15.33 -10.46
CA GLY B 100 15.93 16.24 -11.42
C GLY B 100 14.90 15.43 -12.14
N VAL B 101 13.65 15.90 -12.13
CA VAL B 101 12.53 15.09 -12.64
C VAL B 101 11.78 15.87 -13.73
N PRO B 102 10.95 15.19 -14.54
CA PRO B 102 10.24 15.94 -15.59
C PRO B 102 9.40 17.10 -15.04
N SER B 103 9.21 18.09 -15.91
CA SER B 103 8.44 19.27 -15.55
C SER B 103 7.01 18.90 -15.19
N ILE B 104 6.38 19.76 -14.40
CA ILE B 104 5.00 19.54 -13.97
C ILE B 104 4.09 19.30 -15.20
N SER B 105 4.23 20.14 -16.23
CA SER B 105 3.37 20.03 -17.42
C SER B 105 3.66 18.71 -18.17
N ALA B 106 4.92 18.29 -18.20
CA ALA B 106 5.30 17.01 -18.83
C ALA B 106 4.63 15.83 -18.12
N GLN B 107 4.59 15.85 -16.79
CA GLN B 107 3.94 14.77 -16.02
C GLN B 107 2.43 14.79 -16.21
N ALA B 108 1.84 15.97 -16.18
CA ALA B 108 0.40 16.08 -16.30
C ALA B 108 -0.14 15.54 -17.61
N LYS B 109 0.50 15.85 -18.71
CA LYS B 109 0.17 15.23 -19.95
C LYS B 109 0.79 13.91 -20.26
N GLN B 110 1.48 13.35 -19.30
CA GLN B 110 1.94 12.02 -19.36
C GLN B 110 2.77 11.73 -20.62
N LEU B 111 3.65 12.65 -20.97
CA LEU B 111 4.51 12.49 -22.13
C LEU B 111 5.37 11.24 -22.03
N LEU B 112 5.44 10.52 -23.13
CA LEU B 112 6.27 9.35 -23.19
C LEU B 112 7.74 9.71 -23.37
N LEU B 113 8.32 10.24 -22.28
CA LEU B 113 9.66 10.82 -22.33
C LEU B 113 10.75 9.79 -22.16
N HIS B 114 11.96 10.18 -22.53
CA HIS B 114 13.12 9.29 -22.29
C HIS B 114 13.33 9.13 -20.78
N HIS B 115 13.92 8.00 -20.38
CA HIS B 115 14.16 7.68 -18.96
C HIS B 115 12.88 7.35 -18.19
N THR B 116 11.78 7.03 -18.89
CA THR B 116 10.57 6.52 -18.22
C THR B 116 10.39 5.05 -18.58
N LEU B 117 9.51 4.36 -17.86
CA LEU B 117 9.17 2.97 -18.23
C LEU B 117 8.16 2.88 -19.38
N GLY B 118 7.78 4.03 -19.95
CA GLY B 118 6.88 4.00 -21.12
C GLY B 118 5.42 3.76 -20.77
N ASN B 119 5.08 3.87 -19.49
CA ASN B 119 3.72 3.64 -19.00
C ASN B 119 3.10 4.89 -18.38
N GLY B 120 3.78 6.02 -18.53
CA GLY B 120 3.38 7.32 -17.96
C GLY B 120 3.28 7.41 -16.44
N ASP B 121 3.92 6.47 -15.73
CA ASP B 121 3.97 6.53 -14.26
C ASP B 121 5.25 7.28 -13.84
N PHE B 122 5.09 8.51 -13.37
CA PHE B 122 6.24 9.28 -12.94
C PHE B 122 6.54 9.15 -11.45
N THR B 123 5.79 8.30 -10.74
CA THR B 123 5.98 8.08 -9.29
C THR B 123 6.85 6.86 -8.95
N VAL B 124 7.08 5.99 -9.93
CA VAL B 124 7.66 4.67 -9.64
C VAL B 124 9.05 4.69 -8.97
N PHE B 125 9.92 5.58 -9.42
CA PHE B 125 11.31 5.61 -8.92
C PHE B 125 11.32 6.27 -7.54
N HIS B 126 10.47 7.27 -7.37
CA HIS B 126 10.27 7.87 -6.04
C HIS B 126 9.81 6.79 -5.05
N ARG B 127 8.84 5.99 -5.43
CA ARG B 127 8.38 4.89 -4.66
C ARG B 127 9.53 3.92 -4.25
N MET B 128 10.34 3.58 -5.22
CA MET B 128 11.46 2.67 -4.98
C MET B 128 12.40 3.23 -3.91
N SER B 129 12.79 4.48 -4.07
CA SER B 129 13.69 5.16 -3.11
C SER B 129 13.10 5.36 -1.72
N ALA B 130 11.78 5.38 -1.62
CA ALA B 130 11.10 5.58 -0.32
C ALA B 130 11.49 4.46 0.64
N ASN B 131 11.80 3.31 0.08
CA ASN B 131 12.20 2.11 0.84
C ASN B 131 13.55 2.19 1.56
N ILE B 132 14.44 3.05 1.06
CA ILE B 132 15.79 3.23 1.59
C ILE B 132 16.09 4.68 1.98
N SER B 133 15.03 5.41 2.25
CA SER B 133 15.14 6.80 2.71
C SER B 133 14.44 7.05 4.03
N GLU B 134 15.02 7.94 4.85
CA GLU B 134 14.35 8.37 6.09
C GLU B 134 13.03 9.11 5.81
N THR B 135 13.05 10.01 4.83
CA THR B 135 11.83 10.70 4.37
C THR B 135 12.05 11.02 2.90
N THR B 136 10.96 11.41 2.23
CA THR B 136 11.09 11.83 0.83
C THR B 136 10.28 13.11 0.62
N ALA B 137 10.59 13.82 -0.44
CA ALA B 137 9.77 14.95 -0.86
C ALA B 137 9.81 15.01 -2.36
N MET B 138 8.64 15.14 -2.97
CA MET B 138 8.55 15.38 -4.39
C MET B 138 7.87 16.75 -4.55
N ILE B 139 8.65 17.73 -4.98
CA ILE B 139 8.22 19.13 -4.97
C ILE B 139 7.23 19.36 -6.09
N THR B 140 6.08 19.94 -5.75
CA THR B 140 5.04 20.21 -6.75
C THR B 140 4.52 21.66 -6.69
N ASP B 141 4.79 22.34 -5.57
CA ASP B 141 4.26 23.70 -5.27
C ASP B 141 5.41 24.63 -4.89
N ILE B 142 5.67 25.67 -5.71
CA ILE B 142 6.73 26.63 -5.42
C ILE B 142 6.58 27.33 -4.05
N ALA B 143 5.32 27.48 -3.62
CA ALA B 143 5.03 28.21 -2.40
C ALA B 143 5.53 27.51 -1.13
N THR B 144 5.70 26.19 -1.19
CA THR B 144 6.13 25.44 -0.01
C THR B 144 7.49 24.78 -0.21
N ALA B 145 8.04 24.94 -1.40
CA ALA B 145 9.34 24.34 -1.75
C ALA B 145 10.52 24.74 -0.83
N PRO B 146 10.68 26.04 -0.49
CA PRO B 146 11.75 26.35 0.48
C PRO B 146 11.64 25.54 1.79
N ALA B 147 10.45 25.50 2.41
CA ALA B 147 10.21 24.75 3.65
C ALA B 147 10.53 23.26 3.44
N GLU B 148 10.14 22.73 2.29
CA GLU B 148 10.41 21.32 1.99
C GLU B 148 11.91 21.01 1.82
N ILE B 149 12.65 21.89 1.14
CA ILE B 149 14.12 21.79 1.06
C ILE B 149 14.72 21.82 2.46
N ASP B 150 14.31 22.81 3.26
CA ASP B 150 14.87 22.94 4.61
C ASP B 150 14.60 21.69 5.39
N ARG B 151 13.38 21.15 5.26
CA ARG B 151 12.96 19.95 5.99
C ARG B 151 13.86 18.77 5.61
N CYS B 152 14.13 18.64 4.31
CA CYS B 152 14.93 17.51 3.81
C CYS B 152 16.36 17.59 4.33
N ILE B 153 16.95 18.79 4.25
CA ILE B 153 18.33 19.04 4.74
C ILE B 153 18.45 18.73 6.25
N ARG B 154 17.53 19.29 7.04
CA ARG B 154 17.50 19.04 8.49
C ARG B 154 17.44 17.53 8.76
N THR B 155 16.48 16.86 8.12
CA THR B 155 16.25 15.43 8.37
C THR B 155 17.52 14.63 8.04
N THR B 156 18.16 14.95 6.91
CA THR B 156 19.38 14.26 6.48
C THR B 156 20.41 14.33 7.62
N TYR B 157 20.55 15.51 8.19
CA TYR B 157 21.63 15.73 9.14
C TYR B 157 21.33 15.14 10.53
N VAL B 158 20.13 15.41 11.03
CA VAL B 158 19.80 14.99 12.40
C VAL B 158 19.58 13.47 12.53
N THR B 159 19.09 12.85 11.46
CA THR B 159 18.83 11.39 11.53
C THR B 159 20.00 10.59 10.94
N GLN B 160 20.91 11.28 10.22
CA GLN B 160 22.04 10.62 9.51
C GLN B 160 21.54 9.44 8.65
N ARG B 161 20.53 9.70 7.85
CA ARG B 161 20.05 8.71 6.88
C ARG B 161 19.71 9.45 5.59
N PRO B 162 19.74 8.73 4.47
CA PRO B 162 19.41 9.38 3.20
C PRO B 162 18.00 9.95 3.13
N VAL B 163 17.87 11.02 2.37
CA VAL B 163 16.58 11.63 2.15
C VAL B 163 16.48 11.86 0.66
N TYR B 164 15.27 11.71 0.13
CA TYR B 164 15.05 11.83 -1.30
C TYR B 164 14.31 13.12 -1.59
N LEU B 165 14.85 13.90 -2.50
CA LEU B 165 14.21 15.18 -2.90
C LEU B 165 14.06 15.28 -4.43
N GLY B 166 12.82 15.13 -4.94
CA GLY B 166 12.55 15.28 -6.40
C GLY B 166 12.23 16.75 -6.74
N LEU B 167 12.87 17.28 -7.79
CA LEU B 167 12.71 18.67 -8.20
C LEU B 167 12.38 18.74 -9.68
N PRO B 168 11.10 18.95 -10.02
CA PRO B 168 10.71 19.17 -11.43
C PRO B 168 11.58 20.26 -12.11
N ALA B 169 11.99 19.99 -13.35
CA ALA B 169 12.97 20.82 -14.03
C ALA B 169 12.46 22.28 -14.12
N ASN B 170 11.16 22.45 -14.34
CA ASN B 170 10.59 23.79 -14.53
C ASN B 170 10.59 24.60 -13.23
N LEU B 171 10.46 23.92 -12.10
CA LEU B 171 10.36 24.58 -10.80
C LEU B 171 11.66 25.19 -10.29
N VAL B 172 12.79 24.63 -10.69
CA VAL B 172 14.10 25.13 -10.26
C VAL B 172 14.38 26.59 -10.67
N ASP B 173 13.69 27.05 -11.71
CA ASP B 173 13.91 28.40 -12.23
C ASP B 173 12.87 29.42 -11.76
N LEU B 174 11.90 28.97 -10.98
CA LEU B 174 10.93 29.88 -10.40
C LEU B 174 11.51 30.55 -9.16
N ASN B 175 10.96 31.72 -8.82
CA ASN B 175 11.49 32.49 -7.70
C ASN B 175 10.82 32.22 -6.38
N VAL B 176 11.62 32.41 -5.34
CA VAL B 176 11.21 32.29 -3.95
C VAL B 176 11.81 33.49 -3.22
N PRO B 177 11.26 33.83 -2.06
CA PRO B 177 11.80 34.97 -1.30
C PRO B 177 13.20 34.68 -0.73
N ALA B 178 14.20 35.48 -1.16
CA ALA B 178 15.58 35.35 -0.70
C ALA B 178 15.76 35.62 0.79
N LYS B 179 14.81 36.32 1.39
CA LYS B 179 14.98 36.59 2.81
C LYS B 179 14.86 35.34 3.69
N LEU B 180 14.22 34.31 3.17
CA LEU B 180 14.20 33.01 3.86
C LEU B 180 15.59 32.50 4.25
N LEU B 181 16.60 32.79 3.43
CA LEU B 181 18.00 32.38 3.69
C LEU B 181 18.65 33.00 4.94
N GLN B 182 18.08 34.11 5.43
CA GLN B 182 18.59 34.82 6.60
C GLN B 182 18.17 34.18 7.94
N THR B 183 17.26 33.21 7.91
CA THR B 183 16.96 32.43 9.09
C THR B 183 17.58 31.04 8.83
N PRO B 184 18.56 30.61 9.67
CA PRO B 184 19.22 29.31 9.44
C PRO B 184 18.24 28.15 9.55
N ILE B 185 18.53 27.07 8.84
CA ILE B 185 17.82 25.83 9.12
C ILE B 185 18.21 25.39 10.54
N ASP B 186 17.23 24.98 11.32
CA ASP B 186 17.48 24.33 12.61
C ASP B 186 18.08 22.95 12.37
N MET B 187 19.34 22.78 12.78
CA MET B 187 20.11 21.56 12.56
C MET B 187 20.36 20.82 13.87
N SER B 188 19.58 21.18 14.89
CA SER B 188 19.79 20.66 16.25
C SER B 188 18.79 19.56 16.58
N LEU B 189 19.24 18.63 17.39
CA LEU B 189 18.37 17.69 18.03
C LEU B 189 17.35 18.43 18.89
N LYS B 190 16.12 17.95 18.94
CA LYS B 190 15.17 18.41 19.97
C LYS B 190 15.62 17.96 21.36
N PRO B 191 15.46 18.83 22.38
CA PRO B 191 15.86 18.40 23.74
C PRO B 191 15.11 17.11 24.14
N ASN B 192 15.74 16.27 24.97
CA ASN B 192 15.04 15.09 25.50
C ASN B 192 13.92 15.47 26.48
N ASP B 193 12.96 14.57 26.63
CA ASP B 193 11.99 14.65 27.72
C ASP B 193 12.76 14.79 29.01
N ALA B 194 12.48 15.87 29.74
CA ALA B 194 13.25 16.21 30.92
C ALA B 194 13.26 15.13 32.00
N GLU B 195 12.09 14.60 32.32
CA GLU B 195 12.02 13.63 33.43
C GLU B 195 12.70 12.32 33.03
N SER B 196 12.45 11.88 31.81
CA SER B 196 13.02 10.60 31.35
C SER B 196 14.54 10.65 31.31
N GLU B 197 15.06 11.76 30.77
CA GLU B 197 16.50 11.95 30.73
C GLU B 197 17.16 11.99 32.12
N LYS B 198 16.54 12.73 33.06
CA LYS B 198 17.02 12.78 34.44
C LYS B 198 17.07 11.40 35.08
N GLU B 199 16.03 10.60 34.87
CA GLU B 199 15.99 9.21 35.37
C GLU B 199 17.16 8.41 34.79
N VAL B 200 17.35 8.49 33.48
CA VAL B 200 18.45 7.79 32.83
C VAL B 200 19.80 8.22 33.43
N ILE B 201 20.04 9.52 33.50
CA ILE B 201 21.32 10.03 34.05
C ILE B 201 21.57 9.58 35.49
N ASP B 202 20.57 9.75 36.35
CA ASP B 202 20.70 9.39 37.75
C ASP B 202 20.96 7.89 37.85
N THR B 203 20.31 7.10 37.04
CA THR B 203 20.48 5.63 37.13
C THR B 203 21.88 5.19 36.73
N ILE B 204 22.38 5.73 35.62
CA ILE B 204 23.74 5.46 35.19
C ILE B 204 24.79 5.89 36.23
N LEU B 205 24.64 7.10 36.79
CA LEU B 205 25.60 7.55 37.82
C LEU B 205 25.64 6.59 39.01
N VAL B 206 24.50 6.06 39.40
CA VAL B 206 24.46 5.11 40.51
C VAL B 206 25.06 3.73 40.15
N LEU B 207 24.86 3.28 38.91
CA LEU B 207 25.52 2.04 38.42
C LEU B 207 27.05 2.21 38.45
N ASP B 208 27.47 3.36 37.97
CA ASP B 208 28.85 3.72 37.97
C ASP B 208 29.57 3.71 39.31
N LYS B 209 28.91 4.30 40.31
CA LYS B 209 29.46 4.39 41.66
C LYS B 209 29.68 2.96 42.21
N ASP B 210 28.83 2.05 41.79
CA ASP B 210 28.85 0.67 42.29
C ASP B 210 29.85 -0.25 41.61
N ALA B 211 30.25 0.08 40.37
CA ALA B 211 31.03 -0.86 39.59
C ALA B 211 32.49 -0.93 39.99
N LYS B 212 33.01 -2.16 40.05
CA LYS B 212 34.40 -2.43 40.35
C LYS B 212 35.24 -2.69 39.09
N ASN B 213 34.61 -3.15 38.01
CA ASN B 213 35.31 -3.39 36.73
C ASN B 213 34.43 -2.95 35.55
N PRO B 214 34.09 -1.65 35.48
CA PRO B 214 33.28 -1.15 34.34
C PRO B 214 34.17 -1.04 33.11
N VAL B 215 33.58 -1.20 31.93
CA VAL B 215 34.30 -0.95 30.69
C VAL B 215 33.39 -0.15 29.75
N ILE B 216 34.01 0.51 28.78
CA ILE B 216 33.30 1.31 27.80
C ILE B 216 33.56 0.62 26.45
N LEU B 217 32.51 0.40 25.69
CA LEU B 217 32.66 -0.20 24.36
C LEU B 217 32.05 0.73 23.33
N ALA B 218 32.88 1.25 22.42
CA ALA B 218 32.42 2.21 21.38
C ALA B 218 32.16 1.47 20.07
N ASP B 219 30.99 1.68 19.47
CA ASP B 219 30.62 0.94 18.25
C ASP B 219 30.19 1.97 17.16
N ALA B 220 29.54 1.47 16.11
CA ALA B 220 29.30 2.23 14.90
C ALA B 220 28.64 3.57 15.17
N CYS B 221 27.56 3.56 15.96
CA CYS B 221 26.82 4.82 16.10
C CYS B 221 27.52 5.85 16.97
N CYS B 222 28.58 5.45 17.66
CA CYS B 222 29.38 6.46 18.36
C CYS B 222 29.85 7.54 17.37
N SER B 223 30.40 7.12 16.23
CA SER B 223 30.84 8.13 15.26
C SER B 223 29.70 8.62 14.37
N ARG B 224 28.80 7.70 13.98
CA ARG B 224 27.77 8.07 12.97
C ARG B 224 26.81 9.09 13.55
N HIS B 225 26.51 8.97 14.83
CA HIS B 225 25.63 9.93 15.47
C HIS B 225 26.33 11.00 16.31
N ASP B 226 27.60 11.25 16.00
CA ASP B 226 28.28 12.47 16.46
C ASP B 226 28.45 12.55 18.00
N VAL B 227 28.82 11.44 18.64
CA VAL B 227 29.13 11.50 20.09
C VAL B 227 30.57 11.12 20.42
N LYS B 228 31.46 11.28 19.44
CA LYS B 228 32.85 10.87 19.63
C LYS B 228 33.54 11.72 20.72
N ALA B 229 33.34 13.02 20.68
CA ALA B 229 33.99 13.92 21.66
C ALA B 229 33.50 13.59 23.10
N GLU B 230 32.20 13.38 23.25
CA GLU B 230 31.64 13.08 24.54
C GLU B 230 32.12 11.75 25.06
N THR B 231 32.19 10.79 24.17
CA THR B 231 32.66 9.47 24.55
C THR B 231 34.12 9.46 24.99
N LYS B 232 34.96 10.12 24.21
CA LYS B 232 36.34 10.31 24.59
C LYS B 232 36.42 10.97 25.96
N LYS B 233 35.71 12.08 26.14
CA LYS B 233 35.75 12.81 27.41
C LYS B 233 35.30 11.93 28.58
N LEU B 234 34.29 11.09 28.32
CA LEU B 234 33.75 10.13 29.31
C LEU B 234 34.87 9.16 29.71
N ILE B 235 35.61 8.68 28.72
CA ILE B 235 36.74 7.78 29.00
C ILE B 235 37.76 8.52 29.87
N ASP B 236 38.10 9.76 29.49
CA ASP B 236 39.08 10.56 30.24
C ASP B 236 38.64 10.84 31.69
N LEU B 237 37.36 11.18 31.86
CA LEU B 237 36.86 11.52 33.22
C LEU B 237 36.78 10.35 34.19
N THR B 238 36.39 9.20 33.66
CA THR B 238 36.20 7.95 34.40
C THR B 238 37.46 7.12 34.53
N GLN B 239 38.31 7.20 33.54
CA GLN B 239 39.49 6.32 33.43
C GLN B 239 39.12 4.85 33.31
N PHE B 240 37.91 4.59 32.85
CA PHE B 240 37.50 3.20 32.60
C PHE B 240 38.20 2.67 31.35
N PRO B 241 38.53 1.37 31.34
CA PRO B 241 39.05 0.78 30.09
C PRO B 241 38.09 0.97 28.93
N ALA B 242 38.64 1.29 27.78
CA ALA B 242 37.81 1.60 26.58
C ALA B 242 38.21 0.70 25.43
N PHE B 243 37.22 0.06 24.82
CA PHE B 243 37.43 -0.86 23.69
C PHE B 243 36.60 -0.37 22.51
N VAL B 244 36.96 -0.82 21.32
CA VAL B 244 36.22 -0.42 20.12
C VAL B 244 35.87 -1.64 19.29
N THR B 245 34.80 -1.51 18.50
CA THR B 245 34.41 -2.56 17.56
C THR B 245 35.05 -2.27 16.20
N PRO B 246 35.06 -3.30 15.31
CA PRO B 246 35.50 -3.04 13.91
C PRO B 246 34.78 -1.86 13.24
N MET B 247 33.45 -1.79 13.37
CA MET B 247 32.70 -0.73 12.71
C MET B 247 32.87 0.63 13.38
N GLY B 248 33.18 0.62 14.67
CA GLY B 248 33.49 1.87 15.39
C GLY B 248 34.94 2.33 15.44
N LYS B 249 35.84 1.55 14.86
CA LYS B 249 37.28 1.80 14.99
C LYS B 249 37.62 3.21 14.48
N GLY B 250 38.39 3.96 15.28
CA GLY B 250 38.68 5.36 15.00
C GLY B 250 37.90 6.30 15.90
N SER B 251 36.78 5.81 16.45
CA SER B 251 35.84 6.60 17.27
C SER B 251 36.48 7.07 18.57
N ILE B 252 37.34 6.21 19.09
CA ILE B 252 38.07 6.46 20.31
C ILE B 252 39.56 6.36 20.02
N ASP B 253 40.37 7.02 20.85
CA ASP B 253 41.80 7.15 20.56
C ASP B 253 42.58 5.96 21.07
N GLU B 254 43.33 5.35 20.15
CA GLU B 254 44.03 4.11 20.42
C GLU B 254 45.38 4.34 21.14
N GLN B 255 45.92 5.55 21.04
CA GLN B 255 47.16 5.91 21.77
C GLN B 255 46.78 6.59 23.08
N HIS B 256 45.99 5.89 23.87
CA HIS B 256 45.42 6.43 25.10
C HIS B 256 45.75 5.35 26.07
N PRO B 257 46.26 5.73 27.25
CA PRO B 257 46.65 4.72 28.25
C PRO B 257 45.49 3.80 28.67
N ARG B 258 44.24 4.24 28.46
CA ARG B 258 43.10 3.42 28.88
C ARG B 258 42.47 2.59 27.74
N TYR B 259 43.00 2.74 26.52
CA TYR B 259 42.52 1.98 25.37
C TYR B 259 42.92 0.51 25.50
N GLY B 260 41.91 -0.37 25.38
CA GLY B 260 42.09 -1.81 25.61
C GLY B 260 42.16 -2.70 24.37
N GLY B 261 41.80 -2.18 23.20
CA GLY B 261 41.79 -3.00 21.97
C GLY B 261 40.46 -3.07 21.27
N VAL B 262 40.42 -3.93 20.24
CA VAL B 262 39.28 -4.12 19.36
C VAL B 262 38.56 -5.38 19.85
N TYR B 263 37.31 -5.20 20.28
CA TYR B 263 36.53 -6.32 20.75
C TYR B 263 35.65 -6.82 19.61
N VAL B 264 35.68 -8.12 19.36
CA VAL B 264 34.98 -8.77 18.24
C VAL B 264 34.46 -10.12 18.76
N GLY B 265 33.89 -10.13 19.96
CA GLY B 265 33.41 -11.38 20.59
C GLY B 265 34.53 -12.42 20.61
N THR B 266 34.24 -13.63 20.12
CA THR B 266 35.21 -14.72 20.24
C THR B 266 36.41 -14.54 19.27
N LEU B 267 36.29 -13.64 18.29
CA LEU B 267 37.45 -13.34 17.41
C LEU B 267 38.47 -12.36 18.01
N SER B 268 38.19 -11.86 19.22
CA SER B 268 39.09 -10.93 19.91
C SER B 268 40.39 -11.63 20.36
N LYS B 269 41.45 -10.85 20.59
CA LYS B 269 42.58 -11.35 21.41
C LYS B 269 42.04 -11.91 22.71
N PRO B 270 42.56 -13.06 23.18
CA PRO B 270 42.01 -13.61 24.43
C PRO B 270 41.98 -12.60 25.60
N GLU B 271 43.04 -11.78 25.72
CA GLU B 271 43.12 -10.77 26.76
C GLU B 271 41.99 -9.75 26.63
N VAL B 272 41.71 -9.39 25.38
CA VAL B 272 40.69 -8.38 25.10
C VAL B 272 39.31 -8.96 25.39
N LYS B 273 39.07 -10.18 24.90
CA LYS B 273 37.79 -10.89 25.16
C LYS B 273 37.51 -11.00 26.67
N GLU B 274 38.52 -11.35 27.45
CA GLU B 274 38.30 -11.54 28.88
C GLU B 274 38.09 -10.21 29.61
N ALA B 275 38.78 -9.17 29.15
CA ALA B 275 38.72 -7.86 29.82
C ALA B 275 37.33 -7.25 29.63
N VAL B 276 36.78 -7.40 28.43
CA VAL B 276 35.40 -6.96 28.16
C VAL B 276 34.37 -7.83 28.91
N GLU B 277 34.45 -9.15 28.73
CA GLU B 277 33.34 -10.00 29.21
C GLU B 277 33.29 -10.22 30.73
N SER B 278 34.43 -9.97 31.40
CA SER B 278 34.52 -9.99 32.87
C SER B 278 33.99 -8.70 33.55
N ALA B 279 33.59 -7.71 32.74
CA ALA B 279 33.14 -6.42 33.28
C ALA B 279 31.93 -6.59 34.19
N ASP B 280 31.81 -5.76 35.23
CA ASP B 280 30.56 -5.74 36.02
C ASP B 280 29.55 -4.66 35.60
N LEU B 281 29.93 -3.86 34.60
CA LEU B 281 29.10 -2.79 34.05
C LEU B 281 29.64 -2.51 32.67
N ILE B 282 28.77 -2.54 31.64
CA ILE B 282 29.24 -2.22 30.28
C ILE B 282 28.52 -0.97 29.80
N LEU B 283 29.29 0.05 29.46
CA LEU B 283 28.76 1.26 28.82
C LEU B 283 28.93 1.15 27.33
N SER B 284 27.86 0.71 26.67
CA SER B 284 27.88 0.38 25.24
C SER B 284 27.39 1.58 24.42
N VAL B 285 28.29 2.18 23.62
CA VAL B 285 27.92 3.41 22.90
C VAL B 285 27.72 3.13 21.41
N GLY B 286 26.45 3.12 21.00
CA GLY B 286 26.14 3.04 19.56
C GLY B 286 26.23 1.63 18.97
N ALA B 287 25.79 0.63 19.71
CA ALA B 287 25.92 -0.76 19.24
C ALA B 287 25.22 -0.98 17.91
N LEU B 288 25.88 -1.76 17.06
CA LEU B 288 25.26 -2.24 15.80
C LEU B 288 25.84 -3.62 15.53
N LEU B 289 25.10 -4.64 15.95
CA LEU B 289 25.67 -5.99 16.11
C LEU B 289 25.52 -6.86 14.89
N SER B 290 26.21 -6.46 13.81
CA SER B 290 26.17 -7.20 12.55
C SER B 290 27.09 -8.40 12.63
N ASP B 291 26.91 -9.35 11.70
CA ASP B 291 27.74 -10.55 11.68
C ASP B 291 29.26 -10.27 11.68
N PHE B 292 29.74 -9.47 10.74
CA PHE B 292 31.17 -9.28 10.62
C PHE B 292 31.69 -8.41 11.78
N ASN B 293 30.83 -7.56 12.35
CA ASN B 293 31.23 -6.69 13.46
C ASN B 293 31.43 -7.44 14.78
N THR B 294 30.88 -8.66 14.84
CA THR B 294 30.71 -9.37 16.09
C THR B 294 31.18 -10.86 16.10
N GLY B 295 31.89 -11.23 15.07
CA GLY B 295 32.28 -12.65 14.89
C GLY B 295 31.07 -13.57 14.84
N SER B 296 30.10 -13.22 13.99
CA SER B 296 28.82 -13.92 13.91
C SER B 296 28.11 -14.04 15.26
N PHE B 297 27.92 -12.89 15.90
CA PHE B 297 27.02 -12.77 17.05
C PHE B 297 27.57 -13.56 18.23
N SER B 298 28.88 -13.43 18.44
CA SER B 298 29.56 -14.26 19.46
C SER B 298 29.90 -13.57 20.78
N TYR B 299 29.33 -12.38 21.04
CA TYR B 299 29.56 -11.70 22.31
C TYR B 299 29.16 -12.64 23.46
N SER B 300 29.96 -12.66 24.52
CA SER B 300 29.57 -13.45 25.68
C SER B 300 29.73 -12.66 26.99
N TYR B 301 29.03 -11.54 27.09
CA TYR B 301 29.07 -10.71 28.30
C TYR B 301 28.67 -11.58 29.49
N LYS B 302 29.39 -11.47 30.57
CA LYS B 302 29.05 -12.22 31.76
C LYS B 302 28.28 -11.39 32.81
N THR B 303 27.83 -10.21 32.45
CA THR B 303 27.02 -9.36 33.28
C THR B 303 25.76 -9.00 32.49
N LYS B 304 24.70 -8.68 33.21
CA LYS B 304 23.50 -8.12 32.60
C LYS B 304 23.40 -6.61 32.85
N ASN B 305 24.40 -6.08 33.50
CA ASN B 305 24.51 -4.71 33.83
C ASN B 305 25.03 -3.91 32.63
N ILE B 306 24.17 -3.77 31.65
CA ILE B 306 24.57 -3.12 30.40
C ILE B 306 23.74 -1.86 30.16
N VAL B 307 24.44 -0.76 29.92
CA VAL B 307 23.81 0.47 29.51
C VAL B 307 24.03 0.61 28.00
N GLU B 308 22.95 0.60 27.22
CA GLU B 308 23.05 0.86 25.77
C GLU B 308 22.69 2.31 25.49
N PHE B 309 23.67 3.06 24.99
CA PHE B 309 23.46 4.41 24.49
C PHE B 309 23.11 4.30 22.98
N HIS B 310 22.00 4.89 22.56
CA HIS B 310 21.66 4.95 21.13
C HIS B 310 21.22 6.34 20.72
N SER B 311 21.28 6.60 19.41
CA SER B 311 20.89 7.89 18.87
C SER B 311 19.49 8.33 19.29
N ASP B 312 18.56 7.38 19.35
CA ASP B 312 17.12 7.66 19.51
C ASP B 312 16.50 7.07 20.77
N HIS B 313 17.28 6.32 21.54
CA HIS B 313 16.76 5.76 22.80
C HIS B 313 17.88 5.31 23.73
N MET B 314 17.51 5.02 24.98
CA MET B 314 18.46 4.42 25.94
C MET B 314 17.93 3.07 26.44
N LYS B 315 18.83 2.16 26.79
CA LYS B 315 18.44 0.96 27.48
C LYS B 315 19.37 0.81 28.69
N ILE B 316 18.80 0.44 29.84
CA ILE B 316 19.61 0.15 31.02
C ILE B 316 19.11 -1.20 31.55
N ARG B 317 19.95 -2.23 31.52
CA ARG B 317 19.54 -3.61 31.76
C ARG B 317 18.30 -3.93 30.87
N ASN B 318 17.17 -4.32 31.45
CA ASN B 318 15.97 -4.60 30.63
C ASN B 318 15.06 -3.38 30.37
N ALA B 319 15.36 -2.27 31.01
CA ALA B 319 14.51 -1.08 30.97
C ALA B 319 14.85 -0.28 29.69
N THR B 320 13.85 -0.04 28.83
CA THR B 320 14.01 0.81 27.65
C THR B 320 13.42 2.23 27.92
N PHE B 321 14.06 3.24 27.35
CA PHE B 321 13.64 4.63 27.47
C PHE B 321 13.50 5.21 26.05
N PRO B 322 12.35 4.95 25.39
CA PRO B 322 12.09 5.43 24.04
C PRO B 322 12.32 6.93 23.97
N GLY B 323 13.02 7.36 22.93
CA GLY B 323 13.15 8.79 22.63
C GLY B 323 14.25 9.51 23.36
N VAL B 324 14.91 8.85 24.33
CA VAL B 324 15.98 9.52 25.05
C VAL B 324 17.27 9.42 24.25
N GLN B 325 17.72 10.56 23.71
CA GLN B 325 18.82 10.57 22.75
C GLN B 325 20.15 10.59 23.50
N MET B 326 21.06 9.74 23.08
CA MET B 326 22.36 9.63 23.78
C MET B 326 23.18 10.89 23.74
N LYS B 327 23.03 11.74 22.71
CA LYS B 327 23.85 12.97 22.59
C LYS B 327 23.78 13.75 23.91
N PHE B 328 22.56 13.97 24.38
CA PHE B 328 22.37 14.82 25.56
C PHE B 328 22.67 14.05 26.83
N VAL B 329 22.35 12.76 26.84
CA VAL B 329 22.71 11.94 28.00
C VAL B 329 24.23 11.95 28.23
N LEU B 330 25.01 11.71 27.17
CA LEU B 330 26.46 11.66 27.28
C LEU B 330 26.99 13.04 27.69
N GLN B 331 26.51 14.08 27.02
CA GLN B 331 26.96 15.44 27.38
C GLN B 331 26.71 15.73 28.84
N LYS B 332 25.50 15.42 29.34
CA LYS B 332 25.21 15.79 30.74
C LYS B 332 25.91 14.89 31.76
N LEU B 333 26.25 13.66 31.36
CA LEU B 333 27.02 12.77 32.24
C LEU B 333 28.39 13.35 32.53
N LEU B 334 28.89 14.24 31.67
CA LEU B 334 30.22 14.83 31.86
C LEU B 334 30.32 15.65 33.15
N THR B 335 29.18 16.10 33.64
CA THR B 335 29.15 17.02 34.78
C THR B 335 29.55 16.30 36.06
N ALA B 336 28.96 15.13 36.29
CA ALA B 336 29.12 14.43 37.54
C ALA B 336 29.74 13.01 37.45
N ILE B 337 30.09 12.54 36.25
CA ILE B 337 30.59 11.17 36.20
C ILE B 337 31.96 10.96 36.85
N ALA B 338 32.82 11.97 36.85
CA ALA B 338 34.13 11.80 37.51
C ALA B 338 33.94 11.57 39.01
N ASP B 339 33.03 12.34 39.61
CA ASP B 339 32.71 12.18 41.02
C ASP B 339 32.14 10.80 41.27
N ALA B 340 31.24 10.33 40.38
CA ALA B 340 30.63 9.01 40.54
C ALA B 340 31.65 7.88 40.46
N ALA B 341 32.68 8.09 39.64
CA ALA B 341 33.76 7.12 39.41
C ALA B 341 34.94 7.30 40.38
N LYS B 342 34.82 8.19 41.37
CA LYS B 342 36.01 8.58 42.16
C LYS B 342 36.58 7.44 43.01
N GLY B 343 35.75 6.43 43.29
CA GLY B 343 36.17 5.27 44.07
C GLY B 343 36.80 4.17 43.24
N TYR B 344 36.85 4.39 41.93
CA TYR B 344 37.32 3.35 41.01
C TYR B 344 38.84 3.16 41.07
N LYS B 345 39.27 1.94 41.38
CA LYS B 345 40.69 1.60 41.29
C LYS B 345 40.99 1.03 39.91
N PRO B 346 41.79 1.75 39.10
CA PRO B 346 42.01 1.31 37.70
C PRO B 346 42.47 -0.13 37.50
N VAL B 347 41.72 -0.84 36.65
CA VAL B 347 42.06 -2.17 36.19
C VAL B 347 42.99 -2.03 34.98
N ALA B 348 44.04 -2.87 34.91
CA ALA B 348 45.01 -2.85 33.82
C ALA B 348 44.25 -3.11 32.52
N VAL B 349 44.72 -2.50 31.43
CA VAL B 349 44.17 -2.83 30.11
C VAL B 349 45.07 -3.82 29.37
N PRO B 350 44.48 -4.60 28.44
CA PRO B 350 45.35 -5.50 27.69
C PRO B 350 46.46 -4.76 26.91
N ALA B 351 47.65 -5.35 26.87
CA ALA B 351 48.77 -4.72 26.18
C ALA B 351 48.51 -4.71 24.66
N ARG B 352 49.03 -3.69 23.99
CA ARG B 352 48.93 -3.67 22.55
C ARG B 352 49.83 -4.77 21.95
N THR B 353 49.41 -5.31 20.80
CA THR B 353 50.17 -6.28 20.01
C THR B 353 51.59 -5.76 19.80
N PRO B 354 52.60 -6.60 20.09
CA PRO B 354 53.98 -6.16 19.95
C PRO B 354 54.33 -5.83 18.49
N ALA B 355 55.23 -4.85 18.31
CA ALA B 355 55.78 -4.51 17.00
C ALA B 355 56.33 -5.76 16.29
N ASN B 356 56.37 -5.71 14.96
CA ASN B 356 56.97 -6.81 14.22
C ASN B 356 58.45 -6.90 14.57
N ALA B 357 58.92 -8.12 14.77
CA ALA B 357 60.34 -8.45 14.80
C ALA B 357 61.06 -7.99 13.51
N ALA B 358 62.31 -7.53 13.65
CA ALA B 358 63.16 -7.23 12.50
C ALA B 358 63.27 -8.48 11.62
N VAL B 359 63.20 -8.27 10.31
CA VAL B 359 63.31 -9.37 9.33
C VAL B 359 64.13 -8.89 8.13
N PRO B 360 64.74 -9.83 7.37
CA PRO B 360 65.57 -9.43 6.23
C PRO B 360 64.77 -8.59 5.21
N ALA B 361 65.43 -7.65 4.55
CA ALA B 361 64.78 -6.72 3.61
C ALA B 361 64.03 -7.45 2.50
N SER B 362 64.49 -8.65 2.17
CA SER B 362 63.96 -9.39 1.03
C SER B 362 62.78 -10.31 1.41
N THR B 363 62.37 -10.27 2.67
CA THR B 363 61.25 -11.07 3.15
C THR B 363 59.96 -10.75 2.33
N PRO B 364 59.31 -11.74 1.73
CA PRO B 364 58.10 -11.42 0.97
C PRO B 364 56.98 -10.91 1.88
N LEU B 365 56.23 -9.94 1.37
CA LEU B 365 55.11 -9.37 2.14
C LEU B 365 54.04 -10.41 2.45
N LYS B 366 53.55 -10.34 3.70
CA LYS B 366 52.40 -11.12 4.16
C LYS B 366 51.42 -10.16 4.84
N GLN B 367 50.14 -10.53 4.83
CA GLN B 367 49.04 -9.72 5.38
C GLN B 367 49.29 -9.40 6.86
N GLU B 368 49.59 -10.43 7.63
CA GLU B 368 49.71 -10.23 9.06
C GLU B 368 50.81 -9.23 9.41
N TRP B 369 51.98 -9.38 8.77
CA TRP B 369 53.07 -8.42 8.93
C TRP B 369 52.64 -7.00 8.49
N MET B 370 52.00 -6.87 7.33
CA MET B 370 51.61 -5.58 6.77
C MET B 370 50.67 -4.79 7.71
N TRP B 371 49.66 -5.45 8.26
CA TRP B 371 48.65 -4.73 9.07
C TRP B 371 49.28 -4.24 10.34
N ASN B 372 50.21 -5.06 10.85
CA ASN B 372 50.97 -4.73 12.07
C ASN B 372 52.08 -3.69 11.81
N GLN B 373 52.55 -3.59 10.57
CA GLN B 373 53.50 -2.54 10.24
C GLN B 373 52.84 -1.21 9.90
N LEU B 374 51.57 -1.26 9.43
CA LEU B 374 50.97 -0.08 8.83
C LEU B 374 50.89 1.09 9.81
N GLY B 375 50.76 0.79 11.11
CA GLY B 375 50.67 1.85 12.11
C GLY B 375 51.87 2.80 12.11
N ASN B 376 53.03 2.28 11.71
CA ASN B 376 54.24 3.12 11.55
C ASN B 376 54.04 4.27 10.58
N PHE B 377 53.25 4.03 9.53
CA PHE B 377 53.09 5.00 8.43
C PHE B 377 52.03 6.05 8.74
N LEU B 378 50.93 5.60 9.35
CA LEU B 378 49.85 6.50 9.68
C LEU B 378 50.24 7.68 10.59
N GLN B 379 49.55 8.81 10.43
CA GLN B 379 49.75 9.95 11.33
C GLN B 379 48.41 10.47 11.83
N GLU B 380 48.41 11.19 12.95
CA GLU B 380 47.21 11.84 13.46
C GLU B 380 46.52 12.64 12.35
N GLY B 381 45.19 12.57 12.33
CA GLY B 381 44.37 13.32 11.35
C GLY B 381 44.13 12.57 10.04
N ASP B 382 44.84 11.47 9.85
CA ASP B 382 44.63 10.64 8.63
C ASP B 382 43.20 10.12 8.54
N VAL B 383 42.68 10.05 7.31
CA VAL B 383 41.45 9.28 7.02
C VAL B 383 41.90 7.92 6.46
N VAL B 384 41.44 6.83 7.04
CA VAL B 384 41.93 5.50 6.71
C VAL B 384 40.75 4.66 6.29
N ILE B 385 40.77 4.21 5.03
CA ILE B 385 39.59 3.62 4.39
C ILE B 385 39.99 2.21 3.96
N ALA B 386 39.16 1.23 4.33
CA ALA B 386 39.50 -0.18 4.14
C ALA B 386 38.33 -0.88 3.50
N GLU B 387 38.57 -1.48 2.33
CA GLU B 387 37.50 -2.15 1.58
C GLU B 387 37.12 -3.55 2.13
N THR B 388 35.84 -3.87 2.04
CA THR B 388 35.33 -5.22 2.34
C THR B 388 36.21 -6.24 1.58
N GLY B 389 36.65 -7.29 2.28
CA GLY B 389 37.69 -8.20 1.78
C GLY B 389 38.78 -8.28 2.83
N THR B 390 39.98 -8.72 2.44
CA THR B 390 41.03 -8.82 3.45
C THR B 390 41.37 -7.48 4.11
N SER B 391 41.28 -6.37 3.36
CA SER B 391 41.57 -5.05 3.89
C SER B 391 40.69 -4.69 5.12
N ALA B 392 39.38 -4.92 5.04
CA ALA B 392 38.48 -4.54 6.16
C ALA B 392 38.80 -5.35 7.39
N PHE B 393 39.14 -6.62 7.20
CA PHE B 393 39.43 -7.45 8.36
C PHE B 393 40.82 -7.16 8.89
N GLY B 394 41.74 -6.87 7.98
CA GLY B 394 43.13 -6.67 8.36
C GLY B 394 43.32 -5.37 9.10
N ILE B 395 42.55 -4.34 8.72
CA ILE B 395 42.72 -3.02 9.36
C ILE B 395 42.40 -3.06 10.88
N ASN B 396 41.60 -4.04 11.30
CA ASN B 396 41.32 -4.25 12.73
C ASN B 396 42.58 -4.47 13.57
N GLN B 397 43.62 -4.99 12.91
CA GLN B 397 44.95 -5.28 13.49
C GLN B 397 45.94 -4.13 13.47
N THR B 398 45.58 -3.06 12.78
CA THR B 398 46.41 -1.88 12.72
C THR B 398 46.16 -0.97 13.91
N THR B 399 47.24 -0.48 14.52
CA THR B 399 47.11 0.55 15.54
C THR B 399 47.02 1.91 14.90
N PHE B 400 45.96 2.66 15.26
CA PHE B 400 45.76 4.01 14.73
C PHE B 400 46.42 5.07 15.62
N PRO B 401 47.00 6.12 15.01
CA PRO B 401 47.33 7.30 15.80
C PRO B 401 46.01 7.90 16.34
N ASN B 402 46.10 8.77 17.34
CA ASN B 402 44.94 9.51 17.80
C ASN B 402 44.36 10.37 16.66
N ASN B 403 43.06 10.63 16.73
CA ASN B 403 42.39 11.46 15.72
C ASN B 403 42.48 10.84 14.32
N THR B 404 42.23 9.54 14.24
CA THR B 404 42.20 8.85 12.94
C THR B 404 40.73 8.66 12.57
N TYR B 405 40.35 9.10 11.37
CA TYR B 405 39.01 8.81 10.90
C TYR B 405 39.00 7.52 10.09
N GLY B 406 38.46 6.47 10.68
CA GLY B 406 38.33 5.18 10.00
C GLY B 406 37.04 5.09 9.21
N ILE B 407 37.14 4.54 8.00
CA ILE B 407 35.95 4.17 7.21
C ILE B 407 36.04 2.69 6.81
N SER B 408 35.12 1.88 7.32
CA SER B 408 34.98 0.48 6.93
C SER B 408 33.48 0.14 6.99
N GLN B 409 32.95 -0.20 5.84
CA GLN B 409 31.51 -0.37 5.64
C GLN B 409 31.11 -1.81 6.04
N VAL B 410 31.25 -2.11 7.33
CA VAL B 410 31.20 -3.46 7.85
C VAL B 410 29.84 -4.09 7.61
N LEU B 411 28.78 -3.34 7.86
CA LEU B 411 27.41 -3.86 7.68
C LEU B 411 26.97 -4.01 6.21
N TRP B 412 26.94 -2.93 5.46
CA TRP B 412 26.45 -3.03 4.07
C TRP B 412 27.40 -3.85 3.20
N GLY B 413 28.69 -3.55 3.32
CA GLY B 413 29.75 -4.36 2.71
C GLY B 413 29.70 -4.46 1.19
N SER B 414 29.49 -3.34 0.53
CA SER B 414 29.46 -3.33 -0.94
C SER B 414 30.84 -3.13 -1.54
N ILE B 415 31.41 -4.17 -2.14
CA ILE B 415 32.74 -4.00 -2.71
C ILE B 415 32.68 -2.97 -3.84
N GLY B 416 33.71 -2.13 -3.89
CA GLY B 416 33.77 -1.02 -4.81
C GLY B 416 33.43 0.30 -4.11
N PHE B 417 32.69 0.21 -2.99
CA PHE B 417 32.31 1.39 -2.22
C PHE B 417 33.50 2.32 -2.01
N THR B 418 34.64 1.75 -1.64
CA THR B 418 35.77 2.57 -1.19
C THR B 418 36.43 3.43 -2.23
N THR B 419 36.34 3.07 -3.51
CA THR B 419 36.92 3.96 -4.52
C THR B 419 36.16 5.30 -4.53
N GLY B 420 34.83 5.21 -4.46
CA GLY B 420 34.03 6.41 -4.42
C GLY B 420 34.16 7.09 -3.07
N ALA B 421 34.10 6.33 -1.98
CA ALA B 421 34.23 6.92 -0.64
C ALA B 421 35.53 7.71 -0.50
N THR B 422 36.61 7.16 -1.08
CA THR B 422 37.90 7.86 -1.13
C THR B 422 37.81 9.22 -1.82
N LEU B 423 37.16 9.29 -2.99
CA LEU B 423 36.94 10.58 -3.59
C LEU B 423 36.20 11.54 -2.65
N GLY B 424 35.10 11.08 -2.05
CA GLY B 424 34.24 11.95 -1.20
C GLY B 424 35.04 12.42 0.01
N ALA B 425 35.77 11.49 0.63
CA ALA B 425 36.58 11.79 1.84
C ALA B 425 37.69 12.80 1.48
N ALA B 426 38.29 12.65 0.30
CA ALA B 426 39.39 13.54 -0.13
C ALA B 426 38.85 14.94 -0.39
N PHE B 427 37.64 15.05 -0.97
CA PHE B 427 37.05 16.39 -1.15
C PHE B 427 36.85 17.05 0.22
N ALA B 428 36.22 16.32 1.13
CA ALA B 428 35.94 16.80 2.49
C ALA B 428 37.23 17.18 3.23
N ALA B 429 38.21 16.28 3.21
CA ALA B 429 39.50 16.47 3.90
C ALA B 429 40.18 17.75 3.40
N GLU B 430 40.11 17.97 2.09
CA GLU B 430 40.71 19.16 1.45
C GLU B 430 40.04 20.41 2.01
N GLU B 431 38.71 20.39 2.17
CA GLU B 431 37.95 21.53 2.69
C GLU B 431 38.25 21.82 4.17
N ILE B 432 38.56 20.76 4.91
CA ILE B 432 38.83 20.87 6.36
C ILE B 432 40.27 21.33 6.61
N ASP B 433 41.22 20.73 5.90
CA ASP B 433 42.66 20.94 6.13
C ASP B 433 43.44 20.30 5.00
N PRO B 434 44.02 21.13 4.10
CA PRO B 434 44.85 20.65 2.99
C PRO B 434 45.94 19.63 3.32
N LYS B 435 46.37 19.56 4.58
CA LYS B 435 47.44 18.63 4.96
C LYS B 435 46.95 17.26 5.41
N LYS B 436 45.64 17.13 5.61
CA LYS B 436 44.98 15.87 5.96
C LYS B 436 45.14 14.84 4.81
N ARG B 437 45.70 13.68 5.15
CA ARG B 437 45.92 12.61 4.19
C ARG B 437 44.72 11.67 4.15
N VAL B 438 44.49 11.10 2.97
CA VAL B 438 43.46 10.08 2.78
C VAL B 438 44.10 8.82 2.20
N ILE B 439 43.95 7.73 2.94
CA ILE B 439 44.67 6.49 2.67
C ILE B 439 43.66 5.36 2.45
N LEU B 440 43.71 4.78 1.25
CA LEU B 440 42.85 3.66 0.86
C LEU B 440 43.58 2.32 0.79
N PHE B 441 42.97 1.30 1.41
CA PHE B 441 43.33 -0.09 1.16
C PHE B 441 42.14 -0.75 0.48
N ILE B 442 42.35 -1.11 -0.79
CA ILE B 442 41.31 -1.71 -1.64
C ILE B 442 41.87 -2.98 -2.29
N GLY B 443 41.04 -4.01 -2.32
CA GLY B 443 41.41 -5.25 -3.01
C GLY B 443 41.45 -5.08 -4.53
N ASP B 444 42.21 -5.93 -5.19
CA ASP B 444 42.23 -5.93 -6.67
C ASP B 444 40.84 -6.23 -7.28
N GLY B 445 40.05 -7.10 -6.65
CA GLY B 445 38.71 -7.44 -7.12
C GLY B 445 37.74 -6.29 -6.96
N SER B 446 37.72 -5.68 -5.77
CA SER B 446 36.86 -4.53 -5.51
C SER B 446 37.14 -3.35 -6.42
N LEU B 447 38.41 -3.12 -6.73
CA LEU B 447 38.77 -1.95 -7.51
C LEU B 447 38.04 -1.99 -8.85
N GLN B 448 37.84 -3.19 -9.39
CA GLN B 448 37.29 -3.34 -10.76
C GLN B 448 35.87 -2.78 -10.90
N LEU B 449 35.11 -2.81 -9.80
CA LEU B 449 33.73 -2.40 -9.87
C LEU B 449 33.53 -0.89 -9.98
N THR B 450 34.51 -0.10 -9.53
CA THR B 450 34.32 1.32 -9.40
C THR B 450 35.61 2.08 -9.85
N VAL B 451 36.46 1.39 -10.62
CA VAL B 451 37.77 1.93 -11.00
C VAL B 451 37.76 3.33 -11.60
N GLN B 452 36.69 3.70 -12.34
CA GLN B 452 36.68 4.96 -13.07
C GLN B 452 36.68 6.18 -12.16
N GLU B 453 36.35 5.99 -10.88
CA GLU B 453 36.25 7.13 -9.99
C GLU B 453 37.61 7.73 -9.67
N ILE B 454 38.68 7.00 -9.99
CA ILE B 454 40.06 7.56 -9.97
C ILE B 454 40.17 8.77 -10.91
N SER B 455 39.46 8.73 -12.03
CA SER B 455 39.41 9.85 -12.97
C SER B 455 39.03 11.17 -12.30
N THR B 456 38.02 11.12 -11.45
CA THR B 456 37.51 12.28 -10.79
C THR B 456 38.47 12.83 -9.74
N MET B 457 39.18 11.95 -9.05
CA MET B 457 40.27 12.37 -8.15
C MET B 457 41.33 13.18 -8.93
N ILE B 458 41.74 12.63 -10.07
CA ILE B 458 42.76 13.28 -10.93
C ILE B 458 42.28 14.65 -11.40
N ARG B 459 41.05 14.73 -11.88
CA ARG B 459 40.57 16.00 -12.46
C ARG B 459 40.53 17.15 -11.44
N TRP B 460 40.41 16.81 -10.16
CA TRP B 460 40.35 17.82 -9.08
C TRP B 460 41.67 17.97 -8.35
N GLY B 461 42.70 17.25 -8.79
CA GLY B 461 44.02 17.32 -8.19
C GLY B 461 44.03 16.84 -6.75
N LEU B 462 43.11 15.93 -6.43
CA LEU B 462 43.07 15.33 -5.09
C LEU B 462 44.20 14.34 -4.98
N LYS B 463 44.72 14.15 -3.77
CA LYS B 463 45.98 13.43 -3.58
C LYS B 463 45.93 12.25 -2.60
N PRO B 464 44.93 11.33 -2.76
CA PRO B 464 44.92 10.19 -1.84
C PRO B 464 46.04 9.20 -2.13
N TYR B 465 46.33 8.34 -1.16
CA TYR B 465 47.16 7.17 -1.32
C TYR B 465 46.32 5.96 -1.63
N LEU B 466 46.48 5.44 -2.84
CA LEU B 466 45.73 4.26 -3.27
C LEU B 466 46.54 2.96 -3.20
N PHE B 467 46.45 2.26 -2.08
CA PHE B 467 47.06 0.94 -1.92
C PHE B 467 46.12 -0.15 -2.47
N VAL B 468 46.57 -0.82 -3.53
CA VAL B 468 45.77 -1.86 -4.18
C VAL B 468 46.40 -3.20 -3.81
N LEU B 469 45.62 -4.07 -3.16
CA LEU B 469 46.12 -5.38 -2.69
C LEU B 469 45.99 -6.40 -3.82
N ASN B 470 47.10 -6.67 -4.50
CA ASN B 470 47.09 -7.64 -5.58
C ASN B 470 47.35 -9.02 -5.06
N ASN B 471 46.29 -9.80 -4.86
CA ASN B 471 46.38 -11.22 -4.51
C ASN B 471 45.67 -12.11 -5.55
N ASP B 472 45.60 -11.58 -6.77
CA ASP B 472 45.11 -12.35 -7.92
C ASP B 472 43.71 -12.91 -7.68
N GLY B 473 42.78 -12.01 -7.34
CA GLY B 473 41.36 -12.43 -7.24
C GLY B 473 40.69 -12.15 -5.90
N TYR B 474 39.53 -12.77 -5.72
CA TYR B 474 38.68 -12.57 -4.51
C TYR B 474 39.10 -13.48 -3.35
N THR B 475 40.15 -13.12 -2.66
CA THR B 475 40.62 -13.99 -1.61
C THR B 475 39.58 -14.24 -0.49
N ILE B 476 38.92 -13.20 -0.03
CA ILE B 476 37.87 -13.38 0.99
C ILE B 476 36.84 -14.46 0.57
N GLU B 477 36.42 -14.42 -0.70
CA GLU B 477 35.42 -15.38 -1.21
C GLU B 477 36.00 -16.79 -1.25
N LYS B 478 37.24 -16.91 -1.71
CA LYS B 478 37.96 -18.19 -1.79
C LYS B 478 38.01 -18.87 -0.41
N LEU B 479 38.22 -18.07 0.63
CA LEU B 479 38.25 -18.57 2.00
C LEU B 479 36.86 -18.92 2.55
N ILE B 480 35.81 -18.40 1.96
CA ILE B 480 34.46 -18.73 2.34
C ILE B 480 34.00 -20.02 1.59
N HIS B 481 34.11 -20.02 0.28
CA HIS B 481 33.66 -21.16 -0.55
C HIS B 481 34.29 -21.11 -1.95
N GLY B 482 34.94 -22.20 -2.38
CA GLY B 482 35.49 -22.29 -3.73
C GLY B 482 36.84 -21.61 -3.91
N PRO B 483 37.88 -22.15 -3.25
CA PRO B 483 39.21 -21.53 -3.33
C PRO B 483 39.82 -21.47 -4.72
N LYS B 484 39.38 -22.37 -5.59
CA LYS B 484 39.86 -22.44 -6.96
C LYS B 484 38.72 -22.29 -7.97
N ALA B 485 37.55 -21.83 -7.50
CA ALA B 485 36.39 -21.62 -8.36
C ALA B 485 36.66 -20.48 -9.32
N GLN B 486 36.30 -20.67 -10.59
CA GLN B 486 36.61 -19.65 -11.59
C GLN B 486 35.82 -18.34 -11.38
N TYR B 487 34.69 -18.46 -10.67
CA TYR B 487 33.92 -17.25 -10.33
C TYR B 487 34.64 -16.39 -9.31
N ASN B 488 35.60 -16.98 -8.59
CA ASN B 488 36.43 -16.19 -7.63
C ASN B 488 37.69 -15.57 -8.20
N GLU B 489 37.93 -15.81 -9.50
CA GLU B 489 39.11 -15.26 -10.18
C GLU B 489 38.67 -14.05 -10.99
N ILE B 490 39.64 -13.21 -11.30
CA ILE B 490 39.40 -11.97 -11.99
C ILE B 490 40.37 -11.84 -13.16
N GLN B 491 39.97 -11.08 -14.17
CA GLN B 491 40.89 -10.68 -15.23
C GLN B 491 41.99 -9.84 -14.62
N GLY B 492 43.24 -10.15 -15.00
CA GLY B 492 44.42 -9.41 -14.52
C GLY B 492 44.64 -8.06 -15.20
N TRP B 493 44.62 -7.00 -14.39
CA TRP B 493 44.87 -5.65 -14.88
C TRP B 493 46.27 -5.15 -14.58
N ASP B 494 46.69 -4.15 -15.36
CA ASP B 494 47.95 -3.44 -15.13
C ASP B 494 47.59 -2.24 -14.26
N HIS B 495 47.52 -2.50 -12.96
CA HIS B 495 47.05 -1.48 -12.04
C HIS B 495 47.80 -0.17 -12.13
N LEU B 496 49.13 -0.24 -12.21
CA LEU B 496 49.91 0.98 -12.18
C LEU B 496 49.74 1.85 -13.43
N SER B 497 49.18 1.28 -14.49
CA SER B 497 48.85 2.08 -15.66
C SER B 497 47.50 2.84 -15.54
N LEU B 498 46.74 2.61 -14.49
CA LEU B 498 45.42 3.26 -14.38
C LEU B 498 45.46 4.77 -14.34
N LEU B 499 46.34 5.33 -13.49
CA LEU B 499 46.49 6.77 -13.39
C LEU B 499 46.77 7.45 -14.73
N PRO B 500 47.85 7.03 -15.43
CA PRO B 500 48.07 7.68 -16.75
C PRO B 500 46.95 7.40 -17.77
N THR B 501 46.39 6.19 -17.76
CA THR B 501 45.23 5.87 -18.61
C THR B 501 44.00 6.82 -18.43
N PHE B 502 43.76 7.25 -17.19
CA PHE B 502 42.76 8.25 -16.92
C PHE B 502 43.25 9.71 -17.02
N GLY B 503 44.43 9.91 -17.61
CA GLY B 503 44.97 11.26 -17.89
C GLY B 503 45.78 11.95 -16.80
N ALA B 504 46.16 11.21 -15.74
CA ALA B 504 46.96 11.82 -14.67
C ALA B 504 48.30 12.34 -15.24
N LYS B 505 48.72 13.51 -14.80
CA LYS B 505 50.03 14.06 -15.19
C LYS B 505 50.99 14.25 -13.99
N ASP B 506 50.43 14.51 -12.81
CA ASP B 506 51.21 14.72 -11.58
C ASP B 506 50.84 13.61 -10.61
N TYR B 507 51.66 12.57 -10.55
CA TYR B 507 51.35 11.35 -9.78
C TYR B 507 52.60 10.48 -9.57
N GLU B 508 52.49 9.51 -8.65
CA GLU B 508 53.50 8.46 -8.55
C GLU B 508 52.86 7.10 -8.50
N THR B 509 53.59 6.10 -9.00
CA THR B 509 53.19 4.71 -8.86
C THR B 509 54.36 3.93 -8.30
N HIS B 510 54.02 2.99 -7.43
CA HIS B 510 54.99 2.14 -6.75
C HIS B 510 54.45 0.75 -6.66
N ARG B 511 55.35 -0.23 -6.67
CA ARG B 511 55.01 -1.62 -6.36
C ARG B 511 55.82 -2.04 -5.14
N VAL B 512 55.19 -2.75 -4.22
CA VAL B 512 55.91 -3.28 -3.05
C VAL B 512 55.62 -4.76 -2.92
N ALA B 513 56.66 -5.54 -2.64
CA ALA B 513 56.49 -6.98 -2.62
C ALA B 513 57.32 -7.60 -1.50
N THR B 514 58.17 -6.80 -0.87
CA THR B 514 58.97 -7.27 0.26
C THR B 514 58.82 -6.29 1.39
N THR B 515 59.20 -6.74 2.56
CA THR B 515 59.22 -5.92 3.73
C THR B 515 60.19 -4.77 3.55
N GLY B 516 61.34 -5.06 2.95
CA GLY B 516 62.28 -3.97 2.63
C GLY B 516 61.67 -2.88 1.77
N GLU B 517 60.95 -3.26 0.72
CA GLU B 517 60.33 -2.29 -0.17
C GLU B 517 59.24 -1.52 0.57
N TRP B 518 58.47 -2.27 1.36
CA TRP B 518 57.42 -1.63 2.19
C TRP B 518 58.01 -0.53 3.09
N ASP B 519 59.03 -0.90 3.87
CA ASP B 519 59.65 0.07 4.80
C ASP B 519 60.32 1.23 4.08
N LYS B 520 61.09 0.99 3.02
CA LYS B 520 61.75 2.11 2.35
C LYS B 520 60.77 3.13 1.80
N LEU B 521 59.69 2.65 1.22
CA LEU B 521 58.68 3.55 0.66
C LEU B 521 57.90 4.33 1.71
N THR B 522 57.38 3.61 2.68
CA THR B 522 56.47 4.21 3.66
C THR B 522 57.19 5.06 4.72
N GLN B 523 58.47 4.77 4.97
CA GLN B 523 59.24 5.62 5.88
C GLN B 523 59.80 6.88 5.20
N ASP B 524 59.80 6.89 3.87
CA ASP B 524 60.37 8.01 3.08
C ASP B 524 59.67 9.34 3.40
N LYS B 525 60.46 10.37 3.75
CA LYS B 525 59.87 11.67 4.09
C LYS B 525 58.98 12.26 2.97
N SER B 526 59.50 12.29 1.73
CA SER B 526 58.72 12.74 0.57
C SER B 526 57.39 12.00 0.38
N PHE B 527 57.44 10.66 0.44
CA PHE B 527 56.24 9.81 0.35
C PHE B 527 55.19 10.21 1.36
N ASN B 528 55.65 10.63 2.54
CA ASN B 528 54.75 10.98 3.63
C ASN B 528 54.05 12.31 3.49
N ASP B 529 54.48 13.11 2.52
CA ASP B 529 53.73 14.32 2.17
C ASP B 529 52.66 14.02 1.11
N ASN B 530 51.46 14.56 1.32
CA ASN B 530 50.36 14.45 0.38
C ASN B 530 50.48 15.47 -0.74
N SER B 531 51.58 15.36 -1.46
CA SER B 531 51.95 16.30 -2.50
C SER B 531 51.31 15.96 -3.86
N LYS B 532 50.92 14.69 -4.05
CA LYS B 532 50.27 14.26 -5.30
C LYS B 532 49.56 12.94 -5.07
N ILE B 533 48.67 12.56 -6.01
CA ILE B 533 48.04 11.25 -5.99
C ILE B 533 49.05 10.14 -6.22
N ARG B 534 48.88 9.03 -5.49
CA ARG B 534 49.80 7.92 -5.59
C ARG B 534 49.04 6.61 -5.64
N MET B 535 49.54 5.66 -6.41
CA MET B 535 49.03 4.31 -6.35
C MET B 535 50.18 3.37 -6.00
N ILE B 536 49.89 2.52 -5.04
CA ILE B 536 50.87 1.56 -4.56
C ILE B 536 50.27 0.18 -4.75
N GLU B 537 50.82 -0.57 -5.70
CA GLU B 537 50.43 -1.96 -5.84
C GLU B 537 51.17 -2.87 -4.86
N VAL B 538 50.40 -3.58 -4.05
CA VAL B 538 50.95 -4.43 -2.99
C VAL B 538 50.75 -5.87 -3.38
N MET B 539 51.87 -6.56 -3.61
CA MET B 539 51.86 -7.96 -4.06
C MET B 539 51.77 -8.91 -2.87
N LEU B 540 50.68 -9.69 -2.84
CA LEU B 540 50.39 -10.59 -1.74
C LEU B 540 50.02 -11.99 -2.22
N PRO B 541 50.19 -13.01 -1.35
CA PRO B 541 49.83 -14.37 -1.78
C PRO B 541 48.33 -14.61 -1.96
N VAL B 542 47.99 -15.53 -2.84
CA VAL B 542 46.57 -15.78 -3.13
C VAL B 542 45.74 -16.13 -1.87
N PHE B 543 46.22 -17.01 -1.01
CA PHE B 543 45.36 -17.49 0.10
C PHE B 543 45.71 -16.83 1.45
N ASP B 544 46.58 -15.83 1.40
CA ASP B 544 47.05 -15.12 2.58
C ASP B 544 45.93 -14.17 3.09
N ALA B 545 45.65 -14.23 4.39
CA ALA B 545 44.60 -13.40 4.97
C ALA B 545 44.86 -13.20 6.43
N PRO B 546 44.29 -12.12 7.03
CA PRO B 546 44.35 -12.04 8.50
C PRO B 546 43.53 -13.18 9.15
N GLN B 547 43.96 -13.63 10.33
CA GLN B 547 43.35 -14.79 11.00
C GLN B 547 41.87 -14.64 11.29
N ASN B 548 41.47 -13.42 11.66
CA ASN B 548 40.05 -13.12 11.92
C ASN B 548 39.14 -13.36 10.69
N LEU B 549 39.66 -13.08 9.50
CA LEU B 549 38.89 -13.41 8.28
C LEU B 549 38.71 -14.92 8.09
N VAL B 550 39.80 -15.66 8.31
CA VAL B 550 39.76 -17.11 8.13
C VAL B 550 38.58 -17.68 8.93
N GLU B 551 38.46 -17.18 10.16
CA GLU B 551 37.45 -17.65 11.08
C GLU B 551 36.06 -17.16 10.67
N GLN B 552 35.95 -15.86 10.38
CA GLN B 552 34.69 -15.29 9.95
C GLN B 552 34.16 -15.96 8.67
N ALA B 553 35.04 -16.20 7.71
CA ALA B 553 34.67 -16.85 6.43
C ALA B 553 33.97 -18.20 6.63
N LYS B 554 34.50 -19.00 7.57
CA LYS B 554 33.91 -20.29 7.95
C LYS B 554 32.54 -20.18 8.60
N LEU B 555 32.41 -19.22 9.51
CA LEU B 555 31.13 -18.92 10.18
C LEU B 555 30.06 -18.43 9.18
N THR B 556 30.47 -17.58 8.25
CA THR B 556 29.57 -17.10 7.20
C THR B 556 29.10 -18.24 6.27
N ALA B 557 30.04 -19.04 5.78
CA ALA B 557 29.69 -20.23 4.98
C ALA B 557 28.67 -21.16 5.67
N ALA B 558 28.91 -21.48 6.95
CA ALA B 558 28.01 -22.35 7.74
C ALA B 558 26.62 -21.74 7.90
N THR B 559 26.56 -20.42 8.11
CA THR B 559 25.27 -19.73 8.22
C THR B 559 24.43 -19.86 6.95
N ASN B 560 25.08 -19.68 5.80
CA ASN B 560 24.37 -19.73 4.51
C ASN B 560 23.96 -21.15 4.14
N ALA B 561 24.83 -22.12 4.45
CA ALA B 561 24.62 -23.53 4.15
C ALA B 561 23.62 -24.25 5.08
N LYS B 562 23.28 -23.64 6.22
CA LYS B 562 22.44 -24.29 7.24
C LYS B 562 21.01 -24.56 6.74
N GLN B 563 20.55 -25.81 6.94
CA GLN B 563 19.20 -26.24 6.53
C GLN B 563 18.15 -26.09 7.64
N SER C 2 -13.81 -40.57 11.84
CA SER C 2 -12.41 -40.11 11.60
C SER C 2 -12.34 -38.82 10.78
N GLU C 3 -13.40 -38.52 10.04
CA GLU C 3 -13.47 -37.25 9.30
C GLU C 3 -14.69 -36.44 9.70
N ILE C 4 -14.53 -35.12 9.68
CA ILE C 4 -15.56 -34.16 10.07
C ILE C 4 -15.49 -33.03 9.05
N THR C 5 -16.62 -32.42 8.70
CA THR C 5 -16.54 -31.27 7.79
C THR C 5 -15.83 -30.11 8.50
N LEU C 6 -15.20 -29.23 7.71
CA LEU C 6 -14.55 -28.03 8.24
C LEU C 6 -15.56 -27.15 9.02
N GLY C 7 -16.77 -26.98 8.48
CA GLY C 7 -17.85 -26.25 9.16
C GLY C 7 -18.13 -26.85 10.53
N LYS C 8 -18.27 -28.18 10.60
CA LYS C 8 -18.52 -28.79 11.89
C LYS C 8 -17.34 -28.63 12.87
N TYR C 9 -16.12 -28.73 12.34
CA TYR C 9 -14.87 -28.51 13.08
C TYR C 9 -14.88 -27.14 13.78
N LEU C 10 -15.26 -26.08 13.07
CA LEU C 10 -15.38 -24.74 13.69
C LEU C 10 -16.27 -24.77 14.94
N PHE C 11 -17.46 -25.34 14.84
CA PHE C 11 -18.37 -25.33 15.98
C PHE C 11 -17.93 -26.25 17.12
N GLU C 12 -17.29 -27.37 16.78
CA GLU C 12 -16.67 -28.21 17.82
C GLU C 12 -15.61 -27.42 18.60
N ARG C 13 -14.76 -26.70 17.87
CA ARG C 13 -13.73 -25.86 18.50
C ARG C 13 -14.38 -24.76 19.35
N LEU C 14 -15.39 -24.07 18.82
CA LEU C 14 -16.04 -23.01 19.60
C LEU C 14 -16.62 -23.57 20.91
N LYS C 15 -17.28 -24.72 20.83
CA LYS C 15 -17.77 -25.41 22.03
C LYS C 15 -16.65 -25.64 23.05
N GLN C 16 -15.49 -26.06 22.56
CA GLN C 16 -14.32 -26.37 23.42
C GLN C 16 -13.79 -25.15 24.18
N VAL C 17 -13.95 -23.98 23.58
CA VAL C 17 -13.51 -22.72 24.19
C VAL C 17 -14.70 -21.92 24.76
N ASN C 18 -15.78 -22.64 25.06
CA ASN C 18 -16.87 -22.10 25.84
C ASN C 18 -17.69 -21.01 25.11
N VAL C 19 -17.70 -21.06 23.77
CA VAL C 19 -18.61 -20.24 22.97
C VAL C 19 -19.80 -21.13 22.57
N ASN C 20 -20.96 -20.85 23.14
CA ASN C 20 -22.16 -21.71 22.99
C ASN C 20 -23.31 -21.08 22.22
N THR C 21 -23.25 -19.75 22.06
CA THR C 21 -24.21 -19.05 21.23
C THR C 21 -23.44 -18.40 20.10
N VAL C 22 -24.00 -18.44 18.89
CA VAL C 22 -23.36 -17.88 17.69
C VAL C 22 -24.29 -16.79 17.16
N PHE C 23 -23.72 -15.61 16.92
CA PHE C 23 -24.46 -14.44 16.47
C PHE C 23 -24.32 -14.27 14.97
N GLY C 24 -25.20 -13.43 14.42
CA GLY C 24 -25.12 -13.08 13.00
C GLY C 24 -26.47 -13.31 12.32
N LEU C 25 -26.46 -13.19 11.00
CA LEU C 25 -27.63 -13.43 10.14
C LEU C 25 -27.25 -14.32 8.96
N PRO C 26 -28.19 -15.13 8.48
CA PRO C 26 -27.86 -16.01 7.33
C PRO C 26 -27.79 -15.25 6.01
N GLY C 27 -27.07 -15.86 5.07
CA GLY C 27 -27.02 -15.42 3.69
C GLY C 27 -26.64 -16.65 2.87
N ALA C 28 -26.95 -16.64 1.58
CA ALA C 28 -26.62 -17.80 0.75
C ALA C 28 -25.19 -18.31 0.97
N PHE C 29 -24.23 -17.38 1.12
CA PHE C 29 -22.81 -17.77 1.25
C PHE C 29 -22.45 -18.42 2.59
N ASN C 30 -23.35 -18.41 3.57
CA ASN C 30 -23.06 -19.12 4.84
C ASN C 30 -24.09 -20.17 5.27
N LEU C 31 -25.15 -20.39 4.47
CA LEU C 31 -26.23 -21.33 4.91
C LEU C 31 -25.69 -22.73 5.20
N SER C 32 -24.81 -23.24 4.34
CA SER C 32 -24.28 -24.58 4.60
C SER C 32 -23.45 -24.65 5.88
N LEU C 33 -22.72 -23.57 6.17
CA LEU C 33 -21.98 -23.49 7.42
C LEU C 33 -22.94 -23.50 8.62
N LEU C 34 -24.00 -22.70 8.54
CA LEU C 34 -24.95 -22.62 9.63
C LEU C 34 -25.60 -23.96 9.95
N ASP C 35 -25.84 -24.80 8.94
CA ASP C 35 -26.37 -26.15 9.21
C ASP C 35 -25.58 -26.85 10.30
N LYS C 36 -24.26 -26.63 10.31
CA LYS C 36 -23.41 -27.39 11.21
C LYS C 36 -23.59 -27.07 12.68
N ILE C 37 -24.11 -25.87 12.99
CA ILE C 37 -24.38 -25.49 14.39
C ILE C 37 -25.26 -26.56 15.04
N TYR C 38 -26.28 -26.98 14.30
CA TYR C 38 -27.27 -27.94 14.79
C TYR C 38 -26.67 -29.35 14.93
N GLU C 39 -25.50 -29.57 14.34
CA GLU C 39 -24.85 -30.90 14.46
C GLU C 39 -24.02 -31.05 15.72
N VAL C 40 -23.84 -29.95 16.44
CA VAL C 40 -23.04 -29.94 17.65
C VAL C 40 -23.92 -29.62 18.86
N GLU C 41 -24.00 -30.57 19.79
CA GLU C 41 -24.81 -30.37 20.98
C GLU C 41 -24.35 -29.20 21.85
N GLY C 42 -25.28 -28.37 22.29
CA GLY C 42 -24.96 -27.28 23.18
C GLY C 42 -24.45 -26.09 22.41
N MET C 43 -24.76 -26.04 21.12
CA MET C 43 -24.48 -24.85 20.30
C MET C 43 -25.79 -24.31 19.78
N ARG C 44 -25.96 -22.99 19.83
CA ARG C 44 -27.18 -22.41 19.26
C ARG C 44 -26.88 -21.18 18.42
N TRP C 45 -27.85 -20.85 17.56
CA TRP C 45 -27.81 -19.73 16.65
C TRP C 45 -28.78 -18.67 17.15
N ALA C 46 -28.29 -17.48 17.50
CA ALA C 46 -29.18 -16.45 18.07
C ALA C 46 -30.37 -16.04 17.19
N GLY C 47 -30.09 -15.81 15.90
CA GLY C 47 -31.12 -15.33 14.99
C GLY C 47 -31.26 -13.84 15.17
N ASN C 48 -30.17 -13.12 14.98
CA ASN C 48 -30.20 -11.65 15.19
C ASN C 48 -31.09 -10.90 14.19
N ALA C 49 -31.57 -9.73 14.59
CA ALA C 49 -32.48 -8.93 13.75
C ALA C 49 -31.74 -8.00 12.74
N ASN C 50 -30.48 -7.67 13.01
CA ASN C 50 -29.58 -7.14 11.94
C ASN C 50 -28.12 -7.40 12.34
N GLU C 51 -27.20 -7.21 11.39
CA GLU C 51 -25.77 -7.57 11.62
C GLU C 51 -25.05 -6.65 12.59
N LEU C 52 -25.39 -5.35 12.56
CA LEU C 52 -24.77 -4.41 13.51
C LEU C 52 -25.11 -4.85 14.94
N ASN C 53 -26.40 -5.14 15.17
CA ASN C 53 -26.84 -5.56 16.49
C ASN C 53 -26.20 -6.88 16.89
N ALA C 54 -26.04 -7.77 15.91
CA ALA C 54 -25.34 -9.06 16.09
C ALA C 54 -23.91 -8.84 16.60
N ALA C 55 -23.21 -7.90 15.99
CA ALA C 55 -21.83 -7.56 16.39
C ALA C 55 -21.78 -6.99 17.81
N TYR C 56 -22.68 -6.07 18.11
CA TYR C 56 -22.87 -5.54 19.48
C TYR C 56 -23.16 -6.69 20.48
N ALA C 57 -24.02 -7.63 20.07
CA ALA C 57 -24.35 -8.78 20.92
C ALA C 57 -23.13 -9.67 21.12
N ALA C 58 -22.36 -9.91 20.06
CA ALA C 58 -21.17 -10.76 20.19
C ALA C 58 -20.19 -10.10 21.15
N ASP C 59 -20.15 -8.76 21.13
CA ASP C 59 -19.27 -7.98 22.04
C ASP C 59 -19.71 -8.22 23.51
N GLY C 60 -20.99 -8.00 23.79
CA GLY C 60 -21.53 -8.28 25.13
C GLY C 60 -21.32 -9.72 25.59
N TYR C 61 -21.53 -10.68 24.69
CA TYR C 61 -21.33 -12.05 25.06
C TYR C 61 -19.85 -12.28 25.43
N ALA C 62 -18.94 -11.73 24.61
CA ALA C 62 -17.53 -11.92 24.84
C ALA C 62 -17.12 -11.34 26.21
N ARG C 63 -17.70 -10.20 26.60
CA ARG C 63 -17.30 -9.54 27.84
C ARG C 63 -17.62 -10.41 29.08
N ILE C 64 -18.77 -11.09 28.99
CA ILE C 64 -19.22 -11.97 30.07
C ILE C 64 -18.65 -13.38 29.99
N LYS C 65 -18.61 -13.97 28.80
CA LYS C 65 -18.25 -15.36 28.64
C LYS C 65 -16.75 -15.63 28.45
N GLY C 66 -16.06 -14.69 27.80
CA GLY C 66 -14.64 -14.82 27.53
C GLY C 66 -14.27 -14.49 26.09
N MET C 67 -15.05 -14.99 25.14
CA MET C 67 -14.91 -14.59 23.76
C MET C 67 -16.24 -14.90 23.07
N SER C 68 -16.32 -14.54 21.79
CA SER C 68 -17.56 -14.76 21.07
C SER C 68 -17.32 -15.01 19.60
N CYS C 69 -18.39 -15.39 18.89
CA CYS C 69 -18.34 -15.56 17.45
C CYS C 69 -19.60 -14.98 16.78
N ILE C 70 -19.38 -14.21 15.72
CA ILE C 70 -20.48 -13.71 14.85
C ILE C 70 -20.18 -14.20 13.44
N ILE C 71 -21.22 -14.68 12.74
CA ILE C 71 -21.09 -15.18 11.36
C ILE C 71 -21.96 -14.26 10.51
N THR C 72 -21.40 -13.72 9.45
CA THR C 72 -22.17 -12.90 8.52
C THR C 72 -21.92 -13.36 7.10
N THR C 73 -22.57 -12.69 6.16
CA THR C 73 -22.40 -13.01 4.76
C THR C 73 -21.56 -11.93 4.07
N PHE C 74 -20.83 -12.35 3.05
CA PHE C 74 -19.99 -11.51 2.20
C PHE C 74 -20.66 -10.19 1.82
N GLY C 75 -19.91 -9.11 1.99
CA GLY C 75 -20.33 -7.78 1.60
C GLY C 75 -21.40 -7.20 2.50
N VAL C 76 -22.66 -7.58 2.28
CA VAL C 76 -23.83 -6.95 2.95
C VAL C 76 -23.91 -7.22 4.46
N GLY C 77 -23.48 -8.41 4.85
CA GLY C 77 -23.50 -8.84 6.24
C GLY C 77 -22.28 -8.28 6.93
N GLU C 78 -21.10 -8.58 6.39
CA GLU C 78 -19.86 -8.11 7.07
C GLU C 78 -19.75 -6.60 7.19
N LEU C 79 -20.11 -5.85 6.15
CA LEU C 79 -20.05 -4.40 6.25
C LEU C 79 -21.03 -3.79 7.26
N SER C 80 -22.23 -4.38 7.36
CA SER C 80 -23.20 -3.94 8.35
C SER C 80 -22.62 -4.08 9.78
N ALA C 81 -21.75 -5.09 9.98
CA ALA C 81 -21.20 -5.40 11.32
C ALA C 81 -20.05 -4.51 11.78
N LEU C 82 -19.46 -3.73 10.85
CA LEU C 82 -18.12 -3.14 11.10
C LEU C 82 -18.03 -2.16 12.26
N ASN C 83 -19.08 -1.39 12.50
CA ASN C 83 -19.04 -0.49 13.64
C ASN C 83 -19.01 -1.30 14.95
N GLY C 84 -19.63 -2.47 14.98
CA GLY C 84 -19.59 -3.30 16.17
C GLY C 84 -18.19 -3.84 16.34
N ILE C 85 -17.63 -4.34 15.24
CA ILE C 85 -16.27 -4.89 15.24
C ILE C 85 -15.27 -3.82 15.66
N ALA C 86 -15.39 -2.60 15.13
CA ALA C 86 -14.48 -1.53 15.50
C ALA C 86 -14.55 -1.24 17.00
N GLY C 87 -15.74 -1.22 17.58
CA GLY C 87 -15.86 -0.98 19.03
C GLY C 87 -15.19 -2.09 19.85
N SER C 88 -15.28 -3.31 19.35
CA SER C 88 -14.62 -4.46 19.98
C SER C 88 -13.09 -4.30 19.87
N TYR C 89 -12.61 -3.77 18.75
CA TYR C 89 -11.16 -3.56 18.62
C TYR C 89 -10.68 -2.46 19.60
N ALA C 90 -11.43 -1.36 19.62
CA ALA C 90 -11.09 -0.21 20.45
C ALA C 90 -11.10 -0.59 21.94
N GLU C 91 -12.07 -1.41 22.34
CA GLU C 91 -12.24 -1.71 23.76
C GLU C 91 -11.63 -3.02 24.21
N HIS C 92 -10.86 -3.65 23.31
CA HIS C 92 -10.19 -4.90 23.61
C HIS C 92 -11.19 -6.02 24.00
N VAL C 93 -12.09 -6.34 23.07
CA VAL C 93 -13.06 -7.45 23.27
C VAL C 93 -12.83 -8.47 22.17
N GLY C 94 -12.68 -9.73 22.57
CA GLY C 94 -12.30 -10.84 21.69
C GLY C 94 -13.51 -11.41 20.96
N VAL C 95 -13.77 -10.86 19.78
CA VAL C 95 -14.86 -11.30 18.90
C VAL C 95 -14.26 -11.93 17.63
N LEU C 96 -14.61 -13.19 17.33
CA LEU C 96 -14.23 -13.82 16.07
C LEU C 96 -15.32 -13.57 15.04
N HIS C 97 -15.00 -12.78 13.99
CA HIS C 97 -15.97 -12.51 12.90
C HIS C 97 -15.72 -13.46 11.74
N VAL C 98 -16.62 -14.43 11.59
CA VAL C 98 -16.56 -15.40 10.48
C VAL C 98 -17.47 -14.91 9.36
N VAL C 99 -16.94 -14.91 8.15
CA VAL C 99 -17.71 -14.40 7.03
C VAL C 99 -17.80 -15.51 5.99
N GLY C 100 -19.03 -15.89 5.63
CA GLY C 100 -19.26 -16.82 4.51
C GLY C 100 -19.01 -16.08 3.19
N VAL C 101 -18.10 -16.59 2.38
CA VAL C 101 -17.70 -15.86 1.16
C VAL C 101 -17.93 -16.74 -0.06
N PRO C 102 -17.91 -16.16 -1.27
CA PRO C 102 -18.17 -16.96 -2.45
C PRO C 102 -17.18 -18.12 -2.61
N SER C 103 -17.65 -19.18 -3.26
CA SER C 103 -16.81 -20.34 -3.49
C SER C 103 -15.55 -19.97 -4.26
N ILE C 104 -14.52 -20.80 -4.06
CA ILE C 104 -13.25 -20.67 -4.77
C ILE C 104 -13.44 -20.63 -6.30
N SER C 105 -14.27 -21.52 -6.85
CA SER C 105 -14.54 -21.49 -8.31
C SER C 105 -15.27 -20.22 -8.78
N ALA C 106 -16.25 -19.74 -8.02
CA ALA C 106 -16.93 -18.48 -8.36
C ALA C 106 -15.97 -17.29 -8.42
N GLN C 107 -15.03 -17.27 -7.49
CA GLN C 107 -14.06 -16.21 -7.36
C GLN C 107 -13.10 -16.20 -8.52
N ALA C 108 -12.83 -17.39 -9.01
CA ALA C 108 -11.76 -17.62 -9.98
C ALA C 108 -12.29 -17.18 -11.30
N LYS C 109 -13.53 -17.53 -11.55
CA LYS C 109 -14.29 -17.13 -12.71
C LYS C 109 -14.71 -15.67 -12.68
N GLN C 110 -14.35 -14.99 -11.61
CA GLN C 110 -15.00 -13.82 -11.11
C GLN C 110 -16.34 -13.47 -11.68
N LEU C 111 -17.28 -14.36 -11.42
CA LEU C 111 -18.69 -14.09 -11.51
C LEU C 111 -19.19 -12.81 -10.86
N LEU C 112 -20.01 -12.08 -11.58
CA LEU C 112 -20.62 -10.86 -11.09
C LEU C 112 -21.80 -11.26 -10.22
N LEU C 113 -21.47 -11.75 -9.03
CA LEU C 113 -22.45 -12.23 -8.05
C LEU C 113 -23.07 -11.09 -7.23
N HIS C 114 -24.24 -11.36 -6.68
CA HIS C 114 -24.89 -10.46 -5.74
C HIS C 114 -23.97 -10.25 -4.53
N HIS C 115 -24.11 -9.09 -3.88
CA HIS C 115 -23.26 -8.69 -2.71
C HIS C 115 -21.79 -8.37 -3.07
N THR C 116 -21.52 -8.13 -4.36
CA THR C 116 -20.22 -7.68 -4.79
C THR C 116 -20.32 -6.24 -5.26
N LEU C 117 -19.17 -5.60 -5.50
CA LEU C 117 -19.20 -4.24 -6.04
C LEU C 117 -19.33 -4.23 -7.55
N GLY C 118 -19.42 -5.42 -8.14
CA GLY C 118 -19.62 -5.55 -9.60
C GLY C 118 -18.32 -5.33 -10.37
N ASN C 119 -17.18 -5.34 -9.67
CA ASN C 119 -15.85 -5.21 -10.30
C ASN C 119 -14.95 -6.44 -10.21
N GLY C 120 -15.50 -7.55 -9.73
CA GLY C 120 -14.76 -8.83 -9.65
C GLY C 120 -13.69 -8.87 -8.55
N ASP C 121 -13.67 -7.86 -7.69
CA ASP C 121 -12.71 -7.81 -6.57
C ASP C 121 -13.29 -8.46 -5.32
N PHE C 122 -12.86 -9.67 -5.04
CA PHE C 122 -13.37 -10.40 -3.90
C PHE C 122 -12.55 -10.18 -2.61
N THR C 123 -11.53 -9.32 -2.66
CA THR C 123 -10.67 -9.08 -1.49
C THR C 123 -11.04 -7.79 -0.72
N VAL C 124 -11.90 -6.96 -1.32
CA VAL C 124 -12.10 -5.60 -0.84
C VAL C 124 -12.62 -5.55 0.60
N PHE C 125 -13.59 -6.39 0.92
CA PHE C 125 -14.17 -6.37 2.29
C PHE C 125 -13.21 -6.91 3.37
N HIS C 126 -12.51 -7.99 3.02
CA HIS C 126 -11.41 -8.51 3.80
C HIS C 126 -10.38 -7.41 4.12
N ARG C 127 -9.97 -6.68 3.08
CA ARG C 127 -9.03 -5.57 3.26
C ARG C 127 -9.59 -4.48 4.20
N MET C 128 -10.88 -4.17 4.08
CA MET C 128 -11.48 -3.16 4.97
C MET C 128 -11.44 -3.61 6.43
N SER C 129 -11.79 -4.87 6.68
CA SER C 129 -11.79 -5.44 8.03
C SER C 129 -10.42 -5.62 8.65
N ALA C 130 -9.39 -5.75 7.81
CA ALA C 130 -8.01 -5.89 8.32
C ALA C 130 -7.62 -4.69 9.18
N ASN C 131 -8.26 -3.57 8.89
CA ASN C 131 -7.99 -2.32 9.57
C ASN C 131 -8.40 -2.31 11.05
N ILE C 132 -9.37 -3.16 11.38
CA ILE C 132 -10.00 -3.17 12.70
C ILE C 132 -9.95 -4.60 13.30
N SER C 133 -8.95 -5.37 12.84
CA SER C 133 -8.73 -6.74 13.30
C SER C 133 -7.30 -6.92 13.82
N GLU C 134 -7.16 -7.76 14.83
CA GLU C 134 -5.83 -8.16 15.33
C GLU C 134 -5.09 -8.95 14.26
N THR C 135 -5.79 -9.90 13.63
CA THR C 135 -5.29 -10.68 12.52
C THR C 135 -6.47 -11.08 11.62
N THR C 136 -6.17 -11.61 10.45
CA THR C 136 -7.20 -12.10 9.55
C THR C 136 -6.77 -13.40 8.90
N ALA C 137 -7.73 -14.17 8.45
CA ALA C 137 -7.42 -15.33 7.62
C ALA C 137 -8.50 -15.46 6.57
N MET C 138 -8.13 -15.58 5.30
CA MET C 138 -9.07 -15.98 4.26
C MET C 138 -8.72 -17.41 3.84
N ILE C 139 -9.56 -18.38 4.20
CA ILE C 139 -9.22 -19.79 4.01
C ILE C 139 -9.28 -20.17 2.53
N THR C 140 -8.19 -20.73 2.01
CA THR C 140 -8.18 -21.12 0.59
C THR C 140 -7.84 -22.59 0.41
N ASP C 141 -7.16 -23.16 1.39
CA ASP C 141 -6.59 -24.50 1.31
C ASP C 141 -7.10 -25.34 2.48
N ILE C 142 -7.85 -26.40 2.16
CA ILE C 142 -8.39 -27.32 3.16
C ILE C 142 -7.31 -27.93 4.07
N ALA C 143 -6.12 -28.14 3.52
CA ALA C 143 -5.03 -28.80 4.20
C ALA C 143 -4.60 -28.05 5.45
N THR C 144 -4.63 -26.72 5.39
CA THR C 144 -4.21 -25.91 6.53
C THR C 144 -5.39 -25.19 7.21
N ALA C 145 -6.59 -25.45 6.72
CA ALA C 145 -7.79 -24.81 7.28
C ALA C 145 -7.97 -25.02 8.78
N PRO C 146 -7.84 -26.28 9.28
CA PRO C 146 -7.98 -26.46 10.74
C PRO C 146 -6.99 -25.66 11.56
N ALA C 147 -5.72 -25.61 11.14
CA ALA C 147 -4.68 -24.85 11.84
C ALA C 147 -5.03 -23.35 11.85
N GLU C 148 -5.55 -22.85 10.74
CA GLU C 148 -5.87 -21.45 10.60
C GLU C 148 -7.07 -21.10 11.48
N ILE C 149 -8.06 -21.99 11.54
CA ILE C 149 -9.20 -21.76 12.47
C ILE C 149 -8.69 -21.70 13.91
N ASP C 150 -7.83 -22.66 14.27
CA ASP C 150 -7.27 -22.70 15.61
C ASP C 150 -6.52 -21.41 15.91
N ARG C 151 -5.73 -20.97 14.94
CA ARG C 151 -4.93 -19.75 15.10
C ARG C 151 -5.84 -18.54 15.36
N CYS C 152 -6.93 -18.45 14.61
CA CYS C 152 -7.89 -17.35 14.76
C CYS C 152 -8.55 -17.37 16.14
N ILE C 153 -8.97 -18.56 16.59
CA ILE C 153 -9.65 -18.68 17.90
C ILE C 153 -8.66 -18.32 19.00
N ARG C 154 -7.44 -18.86 18.94
CA ARG C 154 -6.41 -18.51 19.93
C ARG C 154 -6.19 -17.00 20.01
N THR C 155 -5.97 -16.37 18.86
CA THR C 155 -5.62 -14.96 18.84
C THR C 155 -6.75 -14.10 19.41
N THR C 156 -7.99 -14.43 19.02
CA THR C 156 -9.16 -13.73 19.56
C THR C 156 -9.08 -13.69 21.10
N TYR C 157 -8.85 -14.84 21.72
CA TYR C 157 -8.94 -14.95 23.17
C TYR C 157 -7.75 -14.30 23.87
N VAL C 158 -6.54 -14.55 23.37
CA VAL C 158 -5.34 -14.13 24.13
C VAL C 158 -5.03 -12.65 23.93
N THR C 159 -5.47 -12.08 22.80
CA THR C 159 -5.27 -10.65 22.55
C THR C 159 -6.50 -9.84 22.89
N GLN C 160 -7.64 -10.51 23.04
CA GLN C 160 -8.94 -9.85 23.26
C GLN C 160 -9.16 -8.72 22.24
N ARG C 161 -9.01 -9.07 20.98
CA ARG C 161 -9.35 -8.18 19.87
C ARG C 161 -10.04 -8.98 18.79
N PRO C 162 -10.85 -8.31 17.96
CA PRO C 162 -11.50 -9.03 16.85
C PRO C 162 -10.54 -9.67 15.87
N VAL C 163 -10.98 -10.79 15.32
CA VAL C 163 -10.24 -11.52 14.30
C VAL C 163 -11.20 -11.81 13.15
N TYR C 164 -10.68 -11.72 11.93
CA TYR C 164 -11.49 -11.94 10.74
C TYR C 164 -11.19 -13.31 10.10
N LEU C 165 -12.22 -14.10 9.91
CA LEU C 165 -12.04 -15.42 9.30
C LEU C 165 -12.97 -15.58 8.11
N GLY C 166 -12.41 -15.59 6.91
CA GLY C 166 -13.25 -15.72 5.72
C GLY C 166 -13.31 -17.18 5.34
N LEU C 167 -14.52 -17.69 5.12
CA LEU C 167 -14.73 -19.12 4.76
C LEU C 167 -15.50 -19.29 3.43
N PRO C 168 -14.78 -19.62 2.33
CA PRO C 168 -15.51 -19.86 1.06
C PRO C 168 -16.55 -20.98 1.22
N ALA C 169 -17.73 -20.79 0.63
CA ALA C 169 -18.87 -21.69 0.83
C ALA C 169 -18.55 -23.14 0.49
N ASN C 170 -17.74 -23.36 -0.54
CA ASN C 170 -17.45 -24.73 -0.97
C ASN C 170 -16.60 -25.47 0.09
N LEU C 171 -15.72 -24.74 0.76
CA LEU C 171 -14.76 -25.35 1.69
C LEU C 171 -15.41 -25.86 2.98
N VAL C 172 -16.54 -25.25 3.38
CA VAL C 172 -17.14 -25.63 4.66
C VAL C 172 -17.56 -27.11 4.70
N ASP C 173 -17.82 -27.65 3.52
CA ASP C 173 -18.33 -29.02 3.38
C ASP C 173 -17.25 -30.05 3.05
N LEU C 174 -16.00 -29.62 2.94
CA LEU C 174 -14.89 -30.57 2.76
C LEU C 174 -14.45 -31.14 4.13
N ASN C 175 -13.94 -32.38 4.10
CA ASN C 175 -13.58 -33.07 5.35
C ASN C 175 -12.15 -32.80 5.82
N VAL C 176 -11.98 -32.88 7.13
CA VAL C 176 -10.68 -32.75 7.77
C VAL C 176 -10.61 -33.86 8.83
N PRO C 177 -9.39 -34.20 9.30
CA PRO C 177 -9.33 -35.30 10.26
C PRO C 177 -9.92 -34.91 11.61
N ALA C 178 -10.87 -35.70 12.11
CA ALA C 178 -11.53 -35.43 13.40
C ALA C 178 -10.57 -35.56 14.59
N LYS C 179 -9.51 -36.34 14.42
CA LYS C 179 -8.49 -36.50 15.40
C LYS C 179 -7.97 -35.16 15.90
N LEU C 180 -7.74 -34.24 14.97
CA LEU C 180 -7.31 -32.86 15.32
C LEU C 180 -8.04 -32.24 16.53
N LEU C 181 -9.34 -32.54 16.68
CA LEU C 181 -10.11 -31.99 17.82
C LEU C 181 -9.73 -32.53 19.20
N GLN C 182 -8.96 -33.58 19.21
CA GLN C 182 -8.57 -34.23 20.43
C GLN C 182 -7.34 -33.61 21.06
N THR C 183 -6.78 -32.64 20.37
CA THR C 183 -5.79 -31.77 20.99
C THR C 183 -6.37 -30.36 21.12
N PRO C 184 -6.43 -29.86 22.35
CA PRO C 184 -7.00 -28.54 22.61
C PRO C 184 -6.23 -27.44 21.89
N ILE C 185 -6.91 -26.36 21.56
CA ILE C 185 -6.22 -25.16 21.14
C ILE C 185 -5.52 -24.60 22.38
N ASP C 186 -4.29 -24.15 22.22
CA ASP C 186 -3.56 -23.50 23.32
C ASP C 186 -4.14 -22.10 23.53
N MET C 187 -4.76 -21.88 24.69
CA MET C 187 -5.43 -20.61 24.97
C MET C 187 -4.70 -19.81 26.04
N SER C 188 -3.42 -20.14 26.19
CA SER C 188 -2.57 -19.58 27.23
C SER C 188 -1.65 -18.50 26.67
N LEU C 189 -1.39 -17.51 27.48
CA LEU C 189 -0.34 -16.56 27.21
C LEU C 189 1.00 -17.29 27.20
N LYS C 190 1.96 -16.84 26.42
CA LYS C 190 3.34 -17.35 26.52
C LYS C 190 4.06 -16.72 27.71
N PRO C 191 4.94 -17.49 28.41
CA PRO C 191 5.61 -16.95 29.58
C PRO C 191 6.40 -15.71 29.20
N ASN C 192 6.55 -14.80 30.15
CA ASN C 192 7.39 -13.63 29.95
C ASN C 192 8.88 -13.99 29.84
N ASP C 193 9.64 -13.13 29.18
CA ASP C 193 11.10 -13.18 29.24
C ASP C 193 11.51 -13.18 30.72
N ALA C 194 12.29 -14.20 31.09
CA ALA C 194 12.67 -14.42 32.49
C ALA C 194 13.37 -13.23 33.11
N GLU C 195 14.38 -12.69 32.42
CA GLU C 195 15.18 -11.63 33.04
C GLU C 195 14.42 -10.32 33.19
N SER C 196 13.71 -9.93 32.14
CA SER C 196 12.89 -8.71 32.17
C SER C 196 11.84 -8.78 33.26
N GLU C 197 11.14 -9.92 33.34
CA GLU C 197 10.07 -10.07 34.33
C GLU C 197 10.60 -9.98 35.76
N LYS C 198 11.74 -10.61 36.00
CA LYS C 198 12.37 -10.59 37.32
C LYS C 198 12.75 -9.18 37.73
N GLU C 199 13.35 -8.44 36.80
CA GLU C 199 13.65 -7.03 37.06
C GLU C 199 12.39 -6.22 37.42
N VAL C 200 11.32 -6.39 36.65
CA VAL C 200 10.08 -5.67 36.90
C VAL C 200 9.54 -6.00 38.32
N ILE C 201 9.42 -7.29 38.63
CA ILE C 201 8.92 -7.71 39.94
C ILE C 201 9.80 -7.18 41.09
N ASP C 202 11.12 -7.38 41.00
CA ASP C 202 12.05 -6.85 42.02
C ASP C 202 11.89 -5.38 42.22
N THR C 203 11.76 -4.62 41.14
CA THR C 203 11.69 -3.19 41.25
C THR C 203 10.39 -2.73 41.91
N ILE C 204 9.28 -3.37 41.53
CA ILE C 204 7.98 -3.14 42.14
C ILE C 204 8.01 -3.42 43.64
N LEU C 205 8.50 -4.61 44.01
CA LEU C 205 8.62 -4.99 45.44
C LEU C 205 9.37 -3.92 46.26
N VAL C 206 10.48 -3.43 45.73
CA VAL C 206 11.22 -2.39 46.45
C VAL C 206 10.48 -1.05 46.56
N LEU C 207 9.74 -0.67 45.51
CA LEU C 207 8.91 0.54 45.54
C LEU C 207 7.82 0.40 46.62
N ASP C 208 7.32 -0.77 46.72
CA ASP C 208 6.34 -1.08 47.66
C ASP C 208 6.76 -0.97 49.11
N LYS C 209 7.91 -1.51 49.36
CA LYS C 209 8.49 -1.52 50.70
C LYS C 209 8.64 -0.10 51.22
N ASP C 210 8.90 0.82 50.30
CA ASP C 210 9.21 2.21 50.61
C ASP C 210 8.00 3.17 50.66
N ALA C 211 6.87 2.75 50.11
CA ALA C 211 5.73 3.67 49.99
C ALA C 211 5.00 3.83 51.33
N LYS C 212 4.62 5.06 51.63
CA LYS C 212 3.84 5.36 52.83
C LYS C 212 2.36 5.61 52.49
N ASN C 213 2.09 6.00 51.24
CA ASN C 213 0.73 6.19 50.79
C ASN C 213 0.53 5.65 49.36
N PRO C 214 0.73 4.34 49.15
CA PRO C 214 0.51 3.73 47.82
C PRO C 214 -0.99 3.56 47.59
N VAL C 215 -1.42 3.63 46.33
CA VAL C 215 -2.82 3.36 46.00
C VAL C 215 -2.83 2.49 44.75
N ILE C 216 -3.95 1.77 44.58
CA ILE C 216 -4.21 0.89 43.44
C ILE C 216 -5.31 1.58 42.62
N LEU C 217 -5.09 1.69 41.30
CA LEU C 217 -6.10 2.24 40.41
C LEU C 217 -6.40 1.23 39.31
N ALA C 218 -7.59 0.64 39.35
CA ALA C 218 -8.04 -0.35 38.36
C ALA C 218 -8.78 0.31 37.19
N ASP C 219 -8.32 0.03 35.96
CA ASP C 219 -8.91 0.64 34.76
C ASP C 219 -9.38 -0.46 33.78
N ALA C 220 -9.80 -0.03 32.58
CA ALA C 220 -10.42 -0.90 31.59
C ALA C 220 -9.73 -2.24 31.41
N CYS C 221 -8.41 -2.24 31.23
CA CYS C 221 -7.75 -3.51 30.91
C CYS C 221 -7.62 -4.48 32.09
N CYS C 222 -7.88 -4.00 33.30
CA CYS C 222 -7.97 -4.93 34.44
C CYS C 222 -9.04 -5.99 34.14
N SER C 223 -10.17 -5.52 33.63
CA SER C 223 -11.26 -6.37 33.21
C SER C 223 -10.98 -7.08 31.88
N ARG C 224 -10.66 -6.31 30.85
CA ARG C 224 -10.56 -6.84 29.49
C ARG C 224 -9.47 -7.87 29.34
N HIS C 225 -8.35 -7.69 30.04
CA HIS C 225 -7.29 -8.68 29.95
C HIS C 225 -7.21 -9.60 31.17
N ASP C 226 -8.36 -9.84 31.78
CA ASP C 226 -8.54 -10.92 32.72
C ASP C 226 -7.53 -10.94 33.89
N VAL C 227 -7.32 -9.83 34.59
CA VAL C 227 -6.56 -9.89 35.87
C VAL C 227 -7.36 -9.49 37.12
N LYS C 228 -8.68 -9.61 37.04
CA LYS C 228 -9.52 -9.23 38.16
C LYS C 228 -9.21 -10.01 39.45
N ALA C 229 -9.01 -11.32 39.30
CA ALA C 229 -8.74 -12.21 40.44
C ALA C 229 -7.42 -11.82 41.11
N GLU C 230 -6.40 -11.58 40.29
CA GLU C 230 -5.11 -11.12 40.77
C GLU C 230 -5.16 -9.77 41.47
N THR C 231 -5.90 -8.85 40.91
CA THR C 231 -6.00 -7.54 41.50
C THR C 231 -6.76 -7.59 42.85
N LYS C 232 -7.75 -8.47 42.92
CA LYS C 232 -8.41 -8.67 44.19
C LYS C 232 -7.48 -9.16 45.28
N LYS C 233 -6.69 -10.15 44.94
CA LYS C 233 -5.68 -10.67 45.86
C LYS C 233 -4.64 -9.58 46.21
N LEU C 234 -4.23 -8.81 45.20
CA LEU C 234 -3.32 -7.70 45.43
C LEU C 234 -3.86 -6.71 46.47
N ILE C 235 -5.13 -6.33 46.34
CA ILE C 235 -5.80 -5.47 47.29
C ILE C 235 -5.85 -6.12 48.71
N ASP C 236 -6.18 -7.40 48.76
CA ASP C 236 -6.31 -8.08 50.05
C ASP C 236 -4.97 -8.18 50.77
N LEU C 237 -3.92 -8.54 50.04
CA LEU C 237 -2.61 -8.82 50.65
C LEU C 237 -1.89 -7.56 51.07
N THR C 238 -2.25 -6.45 50.45
CA THR C 238 -1.57 -5.17 50.65
C THR C 238 -2.32 -4.23 51.56
N GLN C 239 -3.63 -4.35 51.53
CA GLN C 239 -4.49 -3.36 52.21
C GLN C 239 -4.35 -1.93 51.70
N PHE C 240 -3.82 -1.74 50.49
CA PHE C 240 -3.74 -0.42 49.93
C PHE C 240 -5.13 0.06 49.50
N PRO C 241 -5.40 1.37 49.59
CA PRO C 241 -6.62 1.92 48.98
C PRO C 241 -6.75 1.53 47.50
N ALA C 242 -7.97 1.17 47.11
CA ALA C 242 -8.20 0.77 45.71
C ALA C 242 -9.33 1.60 45.11
N PHE C 243 -9.05 2.16 43.92
CA PHE C 243 -9.97 3.06 43.25
C PHE C 243 -10.21 2.48 41.87
N VAL C 244 -11.31 2.89 41.24
CA VAL C 244 -11.62 2.38 39.88
C VAL C 244 -11.91 3.56 38.96
N THR C 245 -11.70 3.38 37.65
CA THR C 245 -12.10 4.37 36.65
C THR C 245 -13.50 4.05 36.11
N PRO C 246 -14.13 5.02 35.43
CA PRO C 246 -15.40 4.74 34.75
C PRO C 246 -15.35 3.48 33.86
N MET C 247 -14.32 3.34 33.02
CA MET C 247 -14.28 2.23 32.09
C MET C 247 -13.95 0.93 32.78
N GLY C 248 -13.31 0.99 33.96
CA GLY C 248 -13.02 -0.20 34.71
C GLY C 248 -14.03 -0.55 35.79
N LYS C 249 -15.10 0.23 35.91
CA LYS C 249 -16.01 0.08 37.04
C LYS C 249 -16.59 -1.33 37.08
N GLY C 250 -16.51 -1.94 38.25
CA GLY C 250 -16.92 -3.33 38.37
C GLY C 250 -15.77 -4.30 38.44
N SER C 251 -14.59 -3.90 37.96
CA SER C 251 -13.43 -4.80 37.96
C SER C 251 -12.92 -5.06 39.37
N ILE C 252 -13.23 -4.14 40.28
CA ILE C 252 -12.93 -4.34 41.70
C ILE C 252 -14.20 -4.25 42.56
N ASP C 253 -14.19 -5.01 43.65
CA ASP C 253 -15.32 -5.06 44.58
C ASP C 253 -15.54 -3.75 45.36
N GLU C 254 -16.71 -3.15 45.17
CA GLU C 254 -16.99 -1.83 45.73
C GLU C 254 -17.42 -1.88 47.19
N GLN C 255 -17.74 -3.08 47.68
CA GLN C 255 -18.04 -3.24 49.10
C GLN C 255 -16.80 -3.62 49.93
N HIS C 256 -15.64 -3.70 49.29
CA HIS C 256 -14.40 -3.98 50.06
C HIS C 256 -14.10 -2.79 50.97
N PRO C 257 -13.69 -3.06 52.24
CA PRO C 257 -13.43 -1.97 53.17
C PRO C 257 -12.38 -0.95 52.68
N ARG C 258 -11.48 -1.39 51.79
CA ARG C 258 -10.39 -0.56 51.30
C ARG C 258 -10.70 0.13 49.96
N TYR C 259 -11.89 -0.14 49.41
CA TYR C 259 -12.35 0.53 48.20
C TYR C 259 -12.61 2.01 48.44
N GLY C 260 -12.02 2.85 47.60
CA GLY C 260 -12.06 4.30 47.83
C GLY C 260 -12.93 5.14 46.90
N GLY C 261 -13.42 4.57 45.80
CA GLY C 261 -14.31 5.32 44.94
C GLY C 261 -13.91 5.35 43.47
N VAL C 262 -14.60 6.17 42.70
CA VAL C 262 -14.39 6.20 41.23
C VAL C 262 -13.49 7.40 40.88
N TYR C 263 -12.33 7.14 40.30
CA TYR C 263 -11.42 8.24 40.01
C TYR C 263 -11.54 8.63 38.55
N VAL C 264 -11.83 9.92 38.33
CA VAL C 264 -12.00 10.53 37.00
C VAL C 264 -11.32 11.90 36.96
N GLY C 265 -10.13 12.00 37.51
CA GLY C 265 -9.37 13.26 37.48
C GLY C 265 -10.09 14.37 38.22
N THR C 266 -10.23 15.55 37.58
CA THR C 266 -10.87 16.70 38.23
C THR C 266 -12.38 16.54 38.38
N LEU C 267 -12.97 15.58 37.65
CA LEU C 267 -14.41 15.30 37.80
C LEU C 267 -14.73 14.37 38.99
N SER C 268 -13.68 13.85 39.65
CA SER C 268 -13.84 13.03 40.85
C SER C 268 -14.49 13.84 41.98
N LYS C 269 -15.12 13.12 42.91
CA LYS C 269 -15.36 13.66 44.24
C LYS C 269 -14.05 14.20 44.80
N PRO C 270 -14.06 15.43 45.37
CA PRO C 270 -12.85 16.07 45.89
C PRO C 270 -11.98 15.17 46.76
N GLU C 271 -12.61 14.41 47.65
CA GLU C 271 -11.88 13.48 48.54
C GLU C 271 -11.19 12.38 47.73
N VAL C 272 -11.88 11.85 46.72
CA VAL C 272 -11.30 10.79 45.87
C VAL C 272 -10.12 11.35 45.08
N LYS C 273 -10.29 12.54 44.51
CA LYS C 273 -9.23 13.23 43.76
C LYS C 273 -7.94 13.35 44.59
N GLU C 274 -8.08 13.79 45.85
CA GLU C 274 -6.94 14.01 46.72
C GLU C 274 -6.36 12.70 47.26
N ALA C 275 -7.21 11.74 47.55
CA ALA C 275 -6.74 10.43 47.99
C ALA C 275 -5.84 9.78 46.92
N VAL C 276 -6.22 9.91 45.65
CA VAL C 276 -5.44 9.31 44.57
C VAL C 276 -4.20 10.17 44.28
N GLU C 277 -4.39 11.47 44.14
CA GLU C 277 -3.30 12.34 43.72
C GLU C 277 -2.23 12.62 44.81
N SER C 278 -2.58 12.38 46.09
CA SER C 278 -1.62 12.48 47.18
C SER C 278 -0.73 11.23 47.35
N ALA C 279 -0.99 10.17 46.55
CA ALA C 279 -0.23 8.92 46.67
C ALA C 279 1.25 9.14 46.42
N ASP C 280 2.09 8.35 47.08
CA ASP C 280 3.55 8.34 46.77
C ASP C 280 3.97 7.12 45.96
N LEU C 281 2.99 6.30 45.59
CA LEU C 281 3.19 5.19 44.67
C LEU C 281 1.82 4.88 44.06
N ILE C 282 1.73 4.81 42.73
CA ILE C 282 0.47 4.45 42.07
C ILE C 282 0.66 3.15 41.32
N LEU C 283 -0.13 2.16 41.70
CA LEU C 283 -0.14 0.88 41.01
C LEU C 283 -1.34 0.91 40.06
N SER C 284 -1.06 1.24 38.81
CA SER C 284 -2.12 1.45 37.80
C SER C 284 -2.34 0.17 36.98
N VAL C 285 -3.51 -0.47 37.11
CA VAL C 285 -3.73 -1.78 36.49
C VAL C 285 -4.58 -1.58 35.24
N GLY C 286 -3.94 -1.55 34.08
CA GLY C 286 -4.68 -1.53 32.80
C GLY C 286 -5.23 -0.20 32.33
N ALA C 287 -4.41 0.84 32.41
CA ALA C 287 -4.86 2.19 32.07
C ALA C 287 -5.28 2.33 30.61
N LEU C 288 -6.36 3.05 30.42
CA LEU C 288 -6.81 3.44 29.06
C LEU C 288 -7.38 4.87 29.15
N LEU C 289 -6.52 5.85 28.89
CA LEU C 289 -6.77 7.24 29.31
C LEU C 289 -7.55 8.04 28.25
N SER C 290 -8.78 7.59 27.97
CA SER C 290 -9.63 8.28 27.00
C SER C 290 -10.25 9.55 27.59
N ASP C 291 -10.74 10.44 26.73
CA ASP C 291 -11.36 11.69 27.18
C ASP C 291 -12.43 11.54 28.31
N PHE C 292 -13.47 10.76 28.04
CA PHE C 292 -14.58 10.57 28.97
C PHE C 292 -14.15 9.77 30.21
N ASN C 293 -13.13 8.93 30.07
CA ASN C 293 -12.67 8.10 31.19
C ASN C 293 -11.90 8.91 32.23
N THR C 294 -11.44 10.09 31.82
CA THR C 294 -10.42 10.87 32.54
C THR C 294 -10.80 12.36 32.72
N GLY C 295 -12.02 12.72 32.44
CA GLY C 295 -12.41 14.15 32.50
C GLY C 295 -11.57 15.00 31.55
N SER C 296 -11.43 14.55 30.31
CA SER C 296 -10.59 15.17 29.30
C SER C 296 -9.14 15.34 29.78
N PHE C 297 -8.54 14.22 30.20
CA PHE C 297 -7.09 14.09 30.41
C PHE C 297 -6.65 14.94 31.60
N SER C 298 -7.44 14.86 32.67
CA SER C 298 -7.26 15.78 33.80
C SER C 298 -6.53 15.20 35.01
N TYR C 299 -6.03 13.97 34.91
CA TYR C 299 -5.22 13.39 35.98
C TYR C 299 -4.13 14.37 36.37
N SER C 300 -3.87 14.47 37.65
CA SER C 300 -2.84 15.33 38.16
C SER C 300 -2.17 14.68 39.31
N TYR C 301 -1.56 13.54 39.05
CA TYR C 301 -0.78 12.87 40.04
C TYR C 301 0.37 13.76 40.50
N LYS C 302 0.65 13.74 41.78
CA LYS C 302 1.82 14.41 42.28
C LYS C 302 3.12 13.61 42.18
N THR C 303 3.03 12.30 42.34
CA THR C 303 4.17 11.42 42.24
C THR C 303 4.51 11.03 40.81
N LYS C 304 5.79 10.77 40.64
CA LYS C 304 6.34 10.28 39.39
C LYS C 304 6.44 8.76 39.50
N ASN C 305 6.07 8.28 40.65
CA ASN C 305 6.28 6.91 41.02
C ASN C 305 5.05 6.10 40.60
N ILE C 306 4.95 5.87 39.30
CA ILE C 306 3.78 5.22 38.72
C ILE C 306 4.20 3.90 38.10
N VAL C 307 3.56 2.81 38.51
CA VAL C 307 3.82 1.53 37.90
C VAL C 307 2.60 1.26 37.01
N GLU C 308 2.82 1.10 35.71
CA GLU C 308 1.74 0.78 34.77
C GLU C 308 1.77 -0.70 34.42
N PHE C 309 0.73 -1.40 34.84
CA PHE C 309 0.57 -2.80 34.43
C PHE C 309 -0.26 -2.81 33.14
N HIS C 310 0.24 -3.47 32.09
CA HIS C 310 -0.54 -3.61 30.85
C HIS C 310 -0.50 -5.02 30.32
N SER C 311 -1.45 -5.32 29.42
CA SER C 311 -1.55 -6.66 28.83
C SER C 311 -0.24 -7.13 28.18
N ASP C 312 0.45 -6.22 27.50
CA ASP C 312 1.58 -6.56 26.65
C ASP C 312 2.91 -5.94 27.06
N HIS C 313 2.89 -5.15 28.14
CA HIS C 313 4.11 -4.49 28.59
C HIS C 313 3.93 -3.93 30.00
N MET C 314 5.05 -3.51 30.60
CA MET C 314 5.03 -2.85 31.92
C MET C 314 5.71 -1.50 31.78
N LYS C 315 5.38 -0.56 32.64
CA LYS C 315 6.16 0.67 32.71
C LYS C 315 6.37 1.00 34.20
N ILE C 316 7.57 1.42 34.56
CA ILE C 316 7.85 1.83 35.93
C ILE C 316 8.54 3.18 35.85
N ARG C 317 7.89 4.21 36.36
CA ARG C 317 8.33 5.60 36.16
C ARG C 317 8.54 5.79 34.67
N ASN C 318 9.75 6.14 34.24
CA ASN C 318 9.98 6.32 32.78
C ASN C 318 10.43 5.09 31.98
N ALA C 319 10.71 4.03 32.72
CA ALA C 319 11.25 2.78 32.18
C ALA C 319 10.14 1.93 31.58
N THR C 320 10.31 1.55 30.32
CA THR C 320 9.40 0.64 29.65
C THR C 320 10.03 -0.74 29.51
N PHE C 321 9.19 -1.77 29.69
CA PHE C 321 9.59 -3.17 29.55
C PHE C 321 8.68 -3.83 28.49
N PRO C 322 9.02 -3.65 27.20
CA PRO C 322 8.12 -4.15 26.14
C PRO C 322 8.00 -5.66 26.28
N GLY C 323 6.79 -6.18 26.10
CA GLY C 323 6.61 -7.62 26.07
C GLY C 323 6.30 -8.24 27.44
N VAL C 324 6.57 -7.52 28.53
CA VAL C 324 6.36 -8.08 29.87
C VAL C 324 4.85 -7.96 30.21
N GLN C 325 4.20 -9.11 30.24
CA GLN C 325 2.72 -9.20 30.34
C GLN C 325 2.30 -9.15 31.81
N MET C 326 1.35 -8.26 32.12
CA MET C 326 0.93 -8.06 33.51
C MET C 326 0.35 -9.31 34.20
N LYS C 327 -0.30 -10.20 33.43
CA LYS C 327 -0.94 -11.37 34.02
C LYS C 327 0.05 -12.09 34.92
N PHE C 328 1.22 -12.36 34.38
CA PHE C 328 2.25 -13.13 35.09
C PHE C 328 3.00 -12.33 36.12
N VAL C 329 3.16 -11.02 35.86
CA VAL C 329 3.81 -10.12 36.81
C VAL C 329 2.94 -10.09 38.07
N LEU C 330 1.63 -9.89 37.90
CA LEU C 330 0.72 -9.80 39.06
C LEU C 330 0.70 -11.11 39.86
N GLN C 331 0.62 -12.24 39.15
CA GLN C 331 0.61 -13.56 39.84
C GLN C 331 1.87 -13.78 40.66
N LYS C 332 3.04 -13.48 40.09
CA LYS C 332 4.27 -13.70 40.85
C LYS C 332 4.49 -12.69 41.96
N LEU C 333 4.05 -11.44 41.76
CA LEU C 333 4.08 -10.46 42.85
C LEU C 333 3.33 -10.93 44.10
N LEU C 334 2.23 -11.65 43.90
CA LEU C 334 1.37 -12.08 45.01
C LEU C 334 2.12 -12.95 46.01
N THR C 335 3.15 -13.64 45.52
CA THR C 335 3.95 -14.53 46.36
C THR C 335 4.67 -13.77 47.49
N ALA C 336 5.15 -12.55 47.20
CA ALA C 336 5.91 -11.78 48.18
C ALA C 336 5.37 -10.40 48.52
N ILE C 337 4.23 -10.01 47.95
CA ILE C 337 3.75 -8.65 48.20
C ILE C 337 3.36 -8.39 49.66
N ALA C 338 2.86 -9.43 50.34
CA ALA C 338 2.39 -9.30 51.73
C ALA C 338 3.57 -8.85 52.61
N ASP C 339 4.71 -9.49 52.42
CA ASP C 339 5.94 -9.15 53.13
C ASP C 339 6.39 -7.75 52.78
N ALA C 340 6.32 -7.39 51.49
CA ALA C 340 6.76 -6.08 51.04
C ALA C 340 5.94 -4.97 51.67
N ALA C 341 4.67 -5.26 51.91
CA ALA C 341 3.74 -4.25 52.36
C ALA C 341 3.51 -4.33 53.86
N LYS C 342 4.28 -5.17 54.57
CA LYS C 342 3.99 -5.48 55.98
C LYS C 342 4.19 -4.30 56.93
N GLY C 343 4.97 -3.30 56.50
CA GLY C 343 5.19 -2.11 57.30
C GLY C 343 4.22 -0.96 57.00
N TYR C 344 3.26 -1.20 56.13
CA TYR C 344 2.32 -0.14 55.74
C TYR C 344 1.26 0.10 56.83
N LYS C 345 1.10 1.36 57.22
CA LYS C 345 0.06 1.74 58.16
C LYS C 345 -1.12 2.34 57.38
N PRO C 346 -2.27 1.65 57.41
CA PRO C 346 -3.37 1.95 56.50
C PRO C 346 -3.85 3.39 56.57
N VAL C 347 -3.91 4.03 55.41
CA VAL C 347 -4.45 5.36 55.23
C VAL C 347 -5.96 5.24 55.01
N ALA C 348 -6.73 6.18 55.57
CA ALA C 348 -8.19 6.16 55.44
C ALA C 348 -8.60 6.29 53.99
N VAL C 349 -9.70 5.64 53.61
CA VAL C 349 -10.24 5.83 52.25
C VAL C 349 -11.40 6.82 52.33
N PRO C 350 -11.68 7.55 51.23
CA PRO C 350 -12.89 8.38 51.21
C PRO C 350 -14.15 7.57 51.50
N ALA C 351 -15.08 8.20 52.21
CA ALA C 351 -16.34 7.60 52.61
C ALA C 351 -17.27 7.41 51.42
N ARG C 352 -18.08 6.36 51.43
CA ARG C 352 -19.16 6.17 50.45
C ARG C 352 -20.06 7.41 50.43
N THR C 353 -20.58 7.77 49.25
CA THR C 353 -21.60 8.82 49.13
C THR C 353 -22.78 8.44 50.04
N PRO C 354 -23.25 9.39 50.88
CA PRO C 354 -24.40 9.11 51.77
C PRO C 354 -25.66 8.69 50.98
N ALA C 355 -26.43 7.75 51.53
CA ALA C 355 -27.78 7.45 50.99
C ALA C 355 -28.63 8.72 50.80
N ASN C 356 -29.57 8.66 49.86
CA ASN C 356 -30.53 9.76 49.68
C ASN C 356 -31.33 9.92 50.97
N ALA C 357 -31.54 11.17 51.36
CA ALA C 357 -32.45 11.49 52.47
C ALA C 357 -33.89 11.18 52.05
N ALA C 358 -34.72 10.82 53.04
CA ALA C 358 -36.14 10.58 52.78
C ALA C 358 -36.80 11.80 52.14
N VAL C 359 -37.71 11.53 51.20
CA VAL C 359 -38.46 12.56 50.50
C VAL C 359 -39.87 12.05 50.29
N PRO C 360 -40.86 12.96 50.17
CA PRO C 360 -42.22 12.44 49.98
C PRO C 360 -42.37 11.67 48.65
N ALA C 361 -43.22 10.65 48.66
CA ALA C 361 -43.40 9.74 47.51
C ALA C 361 -43.68 10.44 46.18
N SER C 362 -44.21 11.66 46.25
CA SER C 362 -44.65 12.39 45.09
C SER C 362 -43.50 13.14 44.41
N THR C 363 -42.34 13.20 45.04
CA THR C 363 -41.17 13.87 44.49
C THR C 363 -40.84 13.40 43.03
N PRO C 364 -40.79 14.30 42.05
CA PRO C 364 -40.40 13.90 40.70
C PRO C 364 -39.03 13.23 40.68
N LEU C 365 -38.90 12.20 39.84
CA LEU C 365 -37.57 11.60 39.63
C LEU C 365 -36.55 12.58 39.06
N LYS C 366 -35.34 12.52 39.60
CA LYS C 366 -34.21 13.28 39.08
C LYS C 366 -33.01 12.34 38.93
N GLN C 367 -32.13 12.62 37.96
CA GLN C 367 -30.96 11.75 37.67
C GLN C 367 -30.07 11.54 38.91
N GLU C 368 -29.66 12.62 39.55
CA GLU C 368 -28.78 12.49 40.73
C GLU C 368 -29.38 11.52 41.78
N TRP C 369 -30.66 11.72 42.11
CA TRP C 369 -31.35 10.84 43.04
C TRP C 369 -31.33 9.37 42.59
N MET C 370 -31.67 9.15 41.32
CA MET C 370 -31.84 7.78 40.78
C MET C 370 -30.54 6.99 40.83
N TRP C 371 -29.45 7.56 40.32
CA TRP C 371 -28.15 6.84 40.32
C TRP C 371 -27.71 6.50 41.73
N ASN C 372 -27.97 7.42 42.67
CA ASN C 372 -27.65 7.15 44.07
C ASN C 372 -28.58 6.09 44.69
N GLN C 373 -29.84 6.01 44.26
CA GLN C 373 -30.79 5.02 44.78
C GLN C 373 -30.61 3.61 44.19
N LEU C 374 -30.15 3.56 42.94
CA LEU C 374 -30.04 2.31 42.18
C LEU C 374 -29.26 1.22 42.91
N GLY C 375 -28.28 1.61 43.71
CA GLY C 375 -27.52 0.65 44.50
C GLY C 375 -28.38 -0.23 45.40
N ASN C 376 -29.58 0.24 45.75
CA ASN C 376 -30.50 -0.53 46.59
C ASN C 376 -31.08 -1.73 45.84
N PHE C 377 -31.31 -1.54 44.54
CA PHE C 377 -31.93 -2.56 43.68
C PHE C 377 -30.93 -3.67 43.28
N LEU C 378 -29.71 -3.25 43.00
CA LEU C 378 -28.65 -4.16 42.55
C LEU C 378 -28.33 -5.24 43.57
N GLN C 379 -27.94 -6.39 43.04
CA GLN C 379 -27.49 -7.52 43.82
C GLN C 379 -26.22 -8.14 43.26
N GLU C 380 -25.52 -8.91 44.12
CA GLU C 380 -24.28 -9.59 43.74
C GLU C 380 -24.51 -10.48 42.52
N GLY C 381 -23.62 -10.38 41.54
CA GLY C 381 -23.74 -11.20 40.34
C GLY C 381 -24.39 -10.50 39.15
N ASP C 382 -25.01 -9.34 39.40
CA ASP C 382 -25.70 -8.61 38.34
C ASP C 382 -24.69 -8.22 37.26
N VAL C 383 -25.16 -8.29 36.02
CA VAL C 383 -24.51 -7.59 34.88
C VAL C 383 -25.26 -6.25 34.72
N VAL C 384 -24.55 -5.13 34.81
CA VAL C 384 -25.16 -3.79 34.73
C VAL C 384 -24.58 -3.04 33.52
N ILE C 385 -25.46 -2.63 32.62
CA ILE C 385 -25.03 -2.08 31.31
C ILE C 385 -25.58 -0.67 31.20
N ALA C 386 -24.70 0.28 30.87
CA ALA C 386 -25.10 1.69 30.81
C ALA C 386 -24.70 2.28 29.47
N GLU C 387 -25.68 2.85 28.79
CA GLU C 387 -25.45 3.42 27.45
C GLU C 387 -24.79 4.81 27.47
N THR C 388 -23.91 5.03 26.50
CA THR C 388 -23.41 6.37 26.23
C THR C 388 -24.56 7.39 26.20
N GLY C 389 -24.37 8.48 26.95
CA GLY C 389 -25.45 9.42 27.27
C GLY C 389 -25.47 9.62 28.77
N THR C 390 -26.58 10.16 29.31
CA THR C 390 -26.65 10.40 30.76
C THR C 390 -26.39 9.10 31.52
N SER C 391 -26.83 7.96 30.99
CA SER C 391 -26.70 6.67 31.72
C SER C 391 -25.24 6.29 32.02
N ALA C 392 -24.39 6.39 30.99
CA ALA C 392 -22.96 6.10 31.19
C ALA C 392 -22.31 7.02 32.24
N PHE C 393 -22.68 8.29 32.25
CA PHE C 393 -22.13 9.21 33.23
C PHE C 393 -22.71 8.97 34.61
N GLY C 394 -24.01 8.67 34.64
CA GLY C 394 -24.73 8.52 35.90
C GLY C 394 -24.33 7.28 36.67
N ILE C 395 -24.08 6.16 35.96
CA ILE C 395 -23.71 4.91 36.61
C ILE C 395 -22.41 5.03 37.44
N ASN C 396 -21.57 6.02 37.13
CA ASN C 396 -20.35 6.24 37.93
C ASN C 396 -20.67 6.60 39.38
N GLN C 397 -21.89 7.10 39.61
CA GLN C 397 -22.37 7.48 40.95
C GLN C 397 -23.07 6.36 41.67
N THR C 398 -23.21 5.22 41.01
CA THR C 398 -23.94 4.12 41.60
C THR C 398 -22.98 3.20 42.30
N THR C 399 -23.30 2.83 43.55
CA THR C 399 -22.46 1.90 44.27
C THR C 399 -22.89 0.49 43.91
N PHE C 400 -21.95 -0.35 43.44
CA PHE C 400 -22.25 -1.73 43.07
C PHE C 400 -22.08 -2.66 44.27
N PRO C 401 -22.90 -3.71 44.34
CA PRO C 401 -22.56 -4.82 45.24
C PRO C 401 -21.26 -5.48 44.74
N ASN C 402 -20.61 -6.29 45.58
CA ASN C 402 -19.54 -7.16 45.13
C ASN C 402 -19.95 -8.05 43.95
N ASN C 403 -18.97 -8.43 43.15
CA ASN C 403 -19.18 -9.33 42.02
C ASN C 403 -20.27 -8.78 41.07
N THR C 404 -20.17 -7.50 40.70
CA THR C 404 -21.01 -6.87 39.65
C THR C 404 -20.20 -6.71 38.37
N TYR C 405 -20.76 -7.14 37.25
CA TYR C 405 -20.07 -6.95 35.98
C TYR C 405 -20.66 -5.72 35.30
N GLY C 406 -19.85 -4.67 35.22
CA GLY C 406 -20.27 -3.42 34.62
C GLY C 406 -19.87 -3.44 33.15
N ILE C 407 -20.75 -2.90 32.32
CA ILE C 407 -20.43 -2.69 30.87
C ILE C 407 -20.79 -1.24 30.52
N SER C 408 -19.77 -0.43 30.18
CA SER C 408 -19.95 0.93 29.70
C SER C 408 -18.86 1.12 28.64
N GLN C 409 -19.30 1.45 27.42
CA GLN C 409 -18.42 1.53 26.27
C GLN C 409 -17.85 2.95 26.19
N VAL C 410 -17.03 3.31 27.19
CA VAL C 410 -16.59 4.69 27.40
C VAL C 410 -15.73 5.20 26.26
N LEU C 411 -14.84 4.35 25.74
CA LEU C 411 -14.00 4.79 24.61
C LEU C 411 -14.73 4.87 23.27
N TRP C 412 -15.25 3.74 22.77
CA TRP C 412 -15.83 3.76 21.42
C TRP C 412 -17.11 4.62 21.44
N GLY C 413 -17.95 4.41 22.44
CA GLY C 413 -19.15 5.25 22.70
C GLY C 413 -20.15 5.24 21.57
N SER C 414 -20.39 4.07 20.98
CA SER C 414 -21.42 3.96 19.94
C SER C 414 -22.84 3.84 20.51
N ILE C 415 -23.68 4.87 20.36
CA ILE C 415 -25.03 4.73 20.96
C ILE C 415 -25.82 3.66 20.24
N GLY C 416 -26.59 2.88 21.01
CA GLY C 416 -27.30 1.73 20.48
C GLY C 416 -26.58 0.44 20.79
N PHE C 417 -25.26 0.53 21.00
CA PHE C 417 -24.46 -0.62 21.40
C PHE C 417 -25.16 -1.46 22.46
N THR C 418 -25.67 -0.81 23.50
CA THR C 418 -26.14 -1.55 24.68
C THR C 418 -27.37 -2.45 24.43
N THR C 419 -28.21 -2.16 23.43
CA THR C 419 -29.35 -3.07 23.21
C THR C 419 -28.81 -4.44 22.76
N GLY C 420 -27.84 -4.40 21.84
CA GLY C 420 -27.23 -5.64 21.38
C GLY C 420 -26.38 -6.23 22.49
N ALA C 421 -25.59 -5.40 23.17
CA ALA C 421 -24.73 -5.91 24.28
C ALA C 421 -25.56 -6.61 25.37
N THR C 422 -26.77 -6.10 25.62
CA THR C 422 -27.70 -6.73 26.59
C THR C 422 -28.11 -8.14 26.12
N LEU C 423 -28.48 -8.30 24.85
CA LEU C 423 -28.77 -9.65 24.30
C LEU C 423 -27.60 -10.60 24.56
N GLY C 424 -26.39 -10.16 24.20
CA GLY C 424 -25.24 -11.09 24.25
C GLY C 424 -24.94 -11.43 25.70
N ALA C 425 -24.96 -10.43 26.55
CA ALA C 425 -24.70 -10.61 27.99
C ALA C 425 -25.73 -11.57 28.62
N ALA C 426 -26.97 -11.50 28.15
CA ALA C 426 -28.05 -12.28 28.75
C ALA C 426 -27.89 -13.73 28.30
N PHE C 427 -27.46 -13.95 27.05
CA PHE C 427 -27.16 -15.32 26.62
C PHE C 427 -26.02 -15.91 27.48
N ALA C 428 -24.92 -15.19 27.56
CA ALA C 428 -23.75 -15.62 28.36
C ALA C 428 -24.13 -15.87 29.83
N ALA C 429 -24.89 -14.94 30.43
CA ALA C 429 -25.27 -15.06 31.86
C ALA C 429 -26.18 -16.28 32.10
N GLU C 430 -27.07 -16.58 31.15
CA GLU C 430 -27.93 -17.77 31.24
C GLU C 430 -27.07 -19.03 31.26
N GLU C 431 -26.05 -19.05 30.41
CA GLU C 431 -25.14 -20.18 30.29
C GLU C 431 -24.29 -20.37 31.55
N ILE C 432 -24.02 -19.27 32.27
CA ILE C 432 -23.20 -19.28 33.49
C ILE C 432 -24.02 -19.61 34.76
N ASP C 433 -25.17 -18.96 34.91
CA ASP C 433 -25.96 -19.04 36.13
C ASP C 433 -27.33 -18.48 35.82
N PRO C 434 -28.35 -19.35 35.83
CA PRO C 434 -29.68 -18.87 35.48
C PRO C 434 -30.26 -17.81 36.43
N LYS C 435 -29.72 -17.67 37.65
CA LYS C 435 -30.15 -16.62 38.58
C LYS C 435 -29.54 -15.25 38.29
N LYS C 436 -28.56 -15.19 37.41
CA LYS C 436 -27.86 -13.94 37.11
C LYS C 436 -28.75 -12.96 36.31
N ARG C 437 -28.85 -11.73 36.80
CA ARG C 437 -29.70 -10.74 36.18
C ARG C 437 -28.87 -9.85 35.27
N VAL C 438 -29.51 -9.39 34.21
CA VAL C 438 -28.90 -8.43 33.32
C VAL C 438 -29.74 -7.17 33.31
N ILE C 439 -29.12 -6.05 33.67
CA ILE C 439 -29.84 -4.82 33.89
C ILE C 439 -29.28 -3.75 32.96
N LEU C 440 -30.16 -3.20 32.10
CA LEU C 440 -29.77 -2.18 31.14
C LEU C 440 -30.34 -0.81 31.48
N PHE C 441 -29.50 0.20 31.44
CA PHE C 441 -29.93 1.60 31.37
C PHE C 441 -29.58 2.18 30.03
N ILE C 442 -30.61 2.51 29.25
CA ILE C 442 -30.42 3.02 27.88
C ILE C 442 -31.27 4.28 27.72
N GLY C 443 -30.73 5.27 27.04
CA GLY C 443 -31.51 6.45 26.72
C GLY C 443 -32.57 6.20 25.65
N ASP C 444 -33.61 7.01 25.69
CA ASP C 444 -34.61 7.00 24.63
C ASP C 444 -34.02 7.23 23.20
N GLY C 445 -33.05 8.13 23.08
CA GLY C 445 -32.42 8.38 21.78
C GLY C 445 -31.67 7.16 21.26
N SER C 446 -30.82 6.59 22.12
CA SER C 446 -29.98 5.42 21.80
C SER C 446 -30.80 4.20 21.47
N LEU C 447 -31.91 4.02 22.19
CA LEU C 447 -32.76 2.86 21.93
C LEU C 447 -33.20 2.81 20.47
N GLN C 448 -33.38 3.96 19.84
CA GLN C 448 -33.94 3.95 18.47
C GLN C 448 -33.03 3.30 17.45
N LEU C 449 -31.71 3.37 17.68
CA LEU C 449 -30.75 2.86 16.70
C LEU C 449 -30.72 1.33 16.58
N THR C 450 -31.03 0.62 17.67
CA THR C 450 -30.87 -0.83 17.75
C THR C 450 -32.09 -1.52 18.35
N VAL C 451 -33.24 -0.81 18.36
CA VAL C 451 -34.45 -1.27 19.06
C VAL C 451 -34.88 -2.69 18.73
N GLN C 452 -34.69 -3.11 17.47
CA GLN C 452 -35.17 -4.42 17.07
C GLN C 452 -34.50 -5.61 17.75
N GLU C 453 -33.36 -5.39 18.39
CA GLU C 453 -32.72 -6.52 19.05
C GLU C 453 -33.47 -7.04 20.28
N ILE C 454 -34.40 -6.21 20.79
CA ILE C 454 -35.41 -6.71 21.75
C ILE C 454 -36.14 -7.94 21.21
N SER C 455 -36.46 -7.97 19.92
CA SER C 455 -37.08 -9.13 19.33
C SER C 455 -36.32 -10.45 19.62
N THR C 456 -34.99 -10.41 19.50
CA THR C 456 -34.18 -11.60 19.67
C THR C 456 -34.14 -12.04 21.16
N MET C 457 -34.21 -11.06 22.08
CA MET C 457 -34.33 -11.35 23.53
C MET C 457 -35.60 -12.17 23.76
N ILE C 458 -36.68 -11.65 23.20
CA ILE C 458 -38.01 -12.33 23.27
C ILE C 458 -37.97 -13.75 22.71
N ARG C 459 -37.39 -13.91 21.52
CA ARG C 459 -37.41 -15.19 20.85
C ARG C 459 -36.78 -16.30 21.69
N TRP C 460 -35.73 -15.94 22.46
CA TRP C 460 -35.01 -16.90 23.29
C TRP C 460 -35.48 -16.92 24.76
N GLY C 461 -36.54 -16.16 25.04
CA GLY C 461 -37.11 -16.08 26.37
C GLY C 461 -36.13 -15.55 27.40
N LEU C 462 -35.25 -14.65 27.01
CA LEU C 462 -34.31 -14.02 27.96
C LEU C 462 -35.01 -12.98 28.81
N LYS C 463 -34.47 -12.72 30.01
CA LYS C 463 -35.19 -11.92 31.02
C LYS C 463 -34.49 -10.64 31.48
N PRO C 464 -33.91 -9.86 30.54
CA PRO C 464 -33.29 -8.62 31.05
C PRO C 464 -34.28 -7.58 31.52
N TYR C 465 -33.79 -6.71 32.41
CA TYR C 465 -34.45 -5.47 32.78
C TYR C 465 -34.05 -4.32 31.87
N LEU C 466 -35.01 -3.81 31.12
CA LEU C 466 -34.75 -2.72 30.17
C LEU C 466 -35.27 -1.39 30.73
N PHE C 467 -34.37 -0.62 31.37
CA PHE C 467 -34.71 0.72 31.85
C PHE C 467 -34.43 1.73 30.74
N VAL C 468 -35.49 2.37 30.28
CA VAL C 468 -35.39 3.36 29.21
C VAL C 468 -35.60 4.73 29.83
N LEU C 469 -34.59 5.59 29.72
CA LEU C 469 -34.66 6.96 30.22
C LEU C 469 -35.28 7.90 29.21
N ASN C 470 -36.54 8.29 29.47
CA ASN C 470 -37.28 9.15 28.58
C ASN C 470 -37.12 10.57 29.07
N ASN C 471 -36.21 11.29 28.42
CA ASN C 471 -35.98 12.71 28.67
C ASN C 471 -36.20 13.50 27.37
N ASP C 472 -36.99 12.90 26.50
CA ASP C 472 -37.43 13.51 25.24
C ASP C 472 -36.28 14.06 24.40
N GLY C 473 -35.30 13.20 24.12
CA GLY C 473 -34.27 13.51 23.13
C GLY C 473 -32.87 13.20 23.61
N TYR C 474 -31.89 13.83 22.96
CA TYR C 474 -30.47 13.60 23.23
C TYR C 474 -29.94 14.60 24.27
N THR C 475 -30.19 14.34 25.52
CA THR C 475 -29.85 15.27 26.53
C THR C 475 -28.32 15.55 26.59
N ILE C 476 -27.50 14.51 26.56
CA ILE C 476 -26.03 14.65 26.45
C ILE C 476 -25.59 15.60 25.31
N GLU C 477 -26.19 15.45 24.12
CA GLU C 477 -25.89 16.34 22.99
C GLU C 477 -26.30 17.80 23.28
N LYS C 478 -27.47 17.97 23.89
CA LYS C 478 -28.01 19.29 24.25
C LYS C 478 -27.10 20.04 25.21
N LEU C 479 -26.44 19.29 26.09
CA LEU C 479 -25.44 19.85 27.01
C LEU C 479 -24.09 20.17 26.34
N ILE C 480 -23.74 19.45 25.26
CA ILE C 480 -22.54 19.76 24.50
C ILE C 480 -22.81 21.03 23.65
N HIS C 481 -23.80 20.96 22.78
CA HIS C 481 -24.06 22.01 21.81
C HIS C 481 -25.51 21.91 21.31
N GLY C 482 -26.21 23.05 21.30
CA GLY C 482 -27.55 23.11 20.72
C GLY C 482 -28.63 22.55 21.63
N PRO C 483 -28.89 23.22 22.77
CA PRO C 483 -29.91 22.69 23.69
C PRO C 483 -31.35 22.59 23.14
N LYS C 484 -31.67 23.43 22.13
CA LYS C 484 -33.02 23.44 21.52
C LYS C 484 -32.97 23.10 20.03
N ALA C 485 -31.79 22.66 19.58
CA ALA C 485 -31.54 22.30 18.18
C ALA C 485 -32.40 21.11 17.75
N GLN C 486 -33.03 21.24 16.59
CA GLN C 486 -33.93 20.18 16.11
C GLN C 486 -33.22 18.84 15.89
N TYR C 487 -31.92 18.90 15.58
CA TYR C 487 -31.14 17.68 15.38
C TYR C 487 -30.94 16.88 16.67
N ASN C 488 -31.14 17.53 17.82
CA ASN C 488 -31.09 16.89 19.15
C ASN C 488 -32.41 16.32 19.67
N GLU C 489 -33.48 16.52 18.89
CA GLU C 489 -34.79 16.02 19.26
C GLU C 489 -35.06 14.74 18.47
N ILE C 490 -35.93 13.91 19.03
CA ILE C 490 -36.29 12.65 18.41
C ILE C 490 -37.80 12.51 18.30
N GLN C 491 -38.21 11.64 17.38
CA GLN C 491 -39.59 11.22 17.28
C GLN C 491 -39.97 10.52 18.59
N GLY C 492 -41.11 10.92 19.16
CA GLY C 492 -41.64 10.27 20.36
C GLY C 492 -42.29 8.90 20.12
N TRP C 493 -41.71 7.87 20.72
CA TRP C 493 -42.23 6.49 20.62
C TRP C 493 -43.04 6.07 21.84
N ASP C 494 -43.88 5.05 21.66
CA ASP C 494 -44.62 4.44 22.75
C ASP C 494 -43.78 3.27 23.24
N HIS C 495 -42.82 3.59 24.11
CA HIS C 495 -41.85 2.60 24.54
C HIS C 495 -42.45 1.32 25.08
N LEU C 496 -43.51 1.44 25.87
CA LEU C 496 -44.02 0.28 26.56
C LEU C 496 -44.78 -0.67 25.62
N SER C 497 -45.09 -0.18 24.42
CA SER C 497 -45.62 -1.02 23.36
C SER C 497 -44.59 -1.82 22.55
N LEU C 498 -43.29 -1.62 22.80
CA LEU C 498 -42.27 -2.31 21.99
C LEU C 498 -42.31 -3.82 22.19
N LEU C 499 -42.36 -4.28 23.45
CA LEU C 499 -42.38 -5.72 23.71
C LEU C 499 -43.54 -6.47 23.00
N PRO C 500 -44.81 -6.07 23.25
CA PRO C 500 -45.88 -6.73 22.50
C PRO C 500 -45.77 -6.56 20.96
N THR C 501 -45.29 -5.42 20.50
CA THR C 501 -45.09 -5.21 19.06
C THR C 501 -44.12 -6.25 18.46
N PHE C 502 -43.13 -6.67 19.25
CA PHE C 502 -42.16 -7.69 18.82
C PHE C 502 -42.58 -9.12 19.17
N GLY C 503 -43.84 -9.28 19.63
CA GLY C 503 -44.40 -10.61 19.80
C GLY C 503 -44.22 -11.25 21.16
N ALA C 504 -43.79 -10.47 22.16
CA ALA C 504 -43.67 -10.98 23.52
C ALA C 504 -45.04 -11.37 24.07
N LYS C 505 -45.11 -12.51 24.73
CA LYS C 505 -46.33 -12.96 25.42
C LYS C 505 -46.17 -12.86 26.93
N ASP C 506 -44.98 -13.19 27.42
CA ASP C 506 -44.70 -13.29 28.86
C ASP C 506 -43.72 -12.16 29.23
N TYR C 507 -44.24 -11.05 29.74
CA TYR C 507 -43.44 -9.85 30.00
C TYR C 507 -44.13 -8.92 31.00
N GLU C 508 -43.42 -7.90 31.45
CA GLU C 508 -44.00 -6.79 32.21
C GLU C 508 -43.56 -5.46 31.63
N THR C 509 -44.44 -4.47 31.73
CA THR C 509 -44.05 -3.09 31.45
C THR C 509 -44.45 -2.22 32.63
N HIS C 510 -43.58 -1.27 32.96
CA HIS C 510 -43.79 -0.36 34.08
C HIS C 510 -43.38 1.04 33.69
N ARG C 511 -44.05 2.06 34.26
CA ARG C 511 -43.59 3.45 34.13
C ARG C 511 -43.35 4.05 35.51
N VAL C 512 -42.24 4.74 35.65
CA VAL C 512 -41.90 5.40 36.93
C VAL C 512 -41.58 6.88 36.71
N ALA C 513 -42.19 7.76 37.52
CA ALA C 513 -41.99 9.20 37.38
C ALA C 513 -41.67 9.90 38.69
N THR C 514 -41.90 9.21 39.79
CA THR C 514 -41.65 9.77 41.11
C THR C 514 -40.76 8.80 41.90
N THR C 515 -40.14 9.33 42.95
CA THR C 515 -39.38 8.54 43.93
C THR C 515 -40.12 7.43 44.58
N GLY C 516 -41.38 7.68 44.88
CA GLY C 516 -42.24 6.62 45.41
C GLY C 516 -42.52 5.48 44.46
N GLU C 517 -42.82 5.81 43.19
CA GLU C 517 -43.05 4.79 42.18
C GLU C 517 -41.77 3.99 41.96
N TRP C 518 -40.63 4.68 41.98
CA TRP C 518 -39.32 3.99 41.90
C TRP C 518 -39.09 2.98 43.03
N ASP C 519 -39.23 3.43 44.27
CA ASP C 519 -39.09 2.53 45.42
C ASP C 519 -40.10 1.39 45.42
N LYS C 520 -41.36 1.72 45.16
CA LYS C 520 -42.41 0.70 45.11
C LYS C 520 -42.09 -0.43 44.13
N LEU C 521 -41.57 -0.08 42.95
CA LEU C 521 -41.27 -1.09 41.94
C LEU C 521 -40.01 -1.88 42.27
N THR C 522 -38.92 -1.17 42.49
CA THR C 522 -37.61 -1.82 42.62
C THR C 522 -37.42 -2.58 43.93
N GLN C 523 -38.21 -2.22 44.95
CA GLN C 523 -38.19 -2.97 46.20
C GLN C 523 -39.05 -4.25 46.17
N ASP C 524 -39.97 -4.33 45.20
CA ASP C 524 -40.92 -5.44 45.12
C ASP C 524 -40.18 -6.76 44.99
N LYS C 525 -40.53 -7.70 45.87
CA LYS C 525 -39.86 -8.97 45.89
C LYS C 525 -39.92 -9.66 44.52
N SER C 526 -41.12 -9.76 43.93
CA SER C 526 -41.24 -10.45 42.64
C SER C 526 -40.52 -9.72 41.50
N PHE C 527 -40.58 -8.39 41.50
CA PHE C 527 -39.83 -7.58 40.52
C PHE C 527 -38.33 -7.93 40.53
N ASN C 528 -37.80 -8.28 41.69
CA ASN C 528 -36.40 -8.68 41.83
C ASN C 528 -36.00 -10.05 41.35
N ASP C 529 -36.99 -10.88 41.07
CA ASP C 529 -36.76 -12.18 40.45
C ASP C 529 -36.67 -12.02 38.91
N ASN C 530 -35.68 -12.64 38.29
CA ASN C 530 -35.50 -12.56 36.82
C ASN C 530 -36.39 -13.58 36.11
N SER C 531 -37.69 -13.40 36.32
CA SER C 531 -38.72 -14.35 35.88
C SER C 531 -39.15 -14.14 34.43
N LYS C 532 -39.07 -12.90 33.97
CA LYS C 532 -39.50 -12.57 32.62
C LYS C 532 -38.81 -11.28 32.17
N ILE C 533 -38.88 -10.99 30.87
CA ILE C 533 -38.36 -9.76 30.34
C ILE C 533 -39.21 -8.60 30.77
N ARG C 534 -38.56 -7.46 31.06
CA ARG C 534 -39.28 -6.33 31.58
C ARG C 534 -38.79 -5.04 30.96
N MET C 535 -39.71 -4.11 30.70
CA MET C 535 -39.30 -2.78 30.32
C MET C 535 -39.84 -1.74 31.29
N ILE C 536 -38.97 -0.84 31.71
CA ILE C 536 -39.33 0.23 32.66
C ILE C 536 -39.05 1.57 31.99
N GLU C 537 -40.09 2.35 31.71
CA GLU C 537 -39.88 3.69 31.19
C GLU C 537 -39.72 4.63 32.36
N VAL C 538 -38.58 5.31 32.38
CA VAL C 538 -38.21 6.20 33.48
C VAL C 538 -38.37 7.65 32.97
N MET C 539 -39.30 8.36 33.59
CA MET C 539 -39.63 9.68 33.10
C MET C 539 -38.72 10.72 33.76
N LEU C 540 -37.88 11.36 32.97
CA LEU C 540 -36.92 12.34 33.49
C LEU C 540 -37.01 13.69 32.77
N PRO C 541 -36.56 14.77 33.44
CA PRO C 541 -36.59 16.10 32.79
C PRO C 541 -35.62 16.23 31.62
N VAL C 542 -35.94 17.15 30.70
CA VAL C 542 -35.16 17.29 29.45
C VAL C 542 -33.70 17.64 29.69
N PHE C 543 -33.43 18.57 30.60
CA PHE C 543 -32.07 19.06 30.77
C PHE C 543 -31.40 18.51 32.02
N ASP C 544 -32.04 17.53 32.66
CA ASP C 544 -31.51 16.89 33.85
C ASP C 544 -30.36 15.89 33.50
N ALA C 545 -29.24 16.00 34.22
CA ALA C 545 -28.08 15.14 34.00
C ALA C 545 -27.20 15.11 35.21
N PRO C 546 -26.44 14.02 35.39
CA PRO C 546 -25.47 14.07 36.51
C PRO C 546 -24.40 15.12 36.20
N GLN C 547 -23.83 15.72 37.24
CA GLN C 547 -22.94 16.88 37.11
C GLN C 547 -21.63 16.64 36.35
N ASN C 548 -21.11 15.41 36.46
CA ASN C 548 -19.93 15.01 35.71
C ASN C 548 -20.10 15.17 34.18
N LEU C 549 -21.29 14.83 33.69
CA LEU C 549 -21.64 15.02 32.28
C LEU C 549 -21.72 16.51 31.92
N VAL C 550 -22.28 17.33 32.82
CA VAL C 550 -22.42 18.77 32.54
C VAL C 550 -21.03 19.40 32.27
N GLU C 551 -20.06 18.96 33.07
CA GLU C 551 -18.70 19.47 32.98
C GLU C 551 -17.98 18.87 31.79
N GLN C 552 -18.13 17.55 31.61
CA GLN C 552 -17.51 16.89 30.47
C GLN C 552 -18.01 17.43 29.12
N ALA C 553 -19.33 17.68 29.01
CA ALA C 553 -19.92 18.23 27.78
C ALA C 553 -19.25 19.56 27.35
N LYS C 554 -18.95 20.40 28.34
CA LYS C 554 -18.23 21.66 28.10
C LYS C 554 -16.79 21.44 27.65
N LEU C 555 -16.10 20.48 28.25
CA LEU C 555 -14.72 20.20 27.84
C LEU C 555 -14.66 19.64 26.41
N THR C 556 -15.62 18.79 26.09
CA THR C 556 -15.77 18.20 24.76
C THR C 556 -16.12 19.27 23.72
N ALA C 557 -17.11 20.11 24.01
CA ALA C 557 -17.45 21.22 23.10
C ALA C 557 -16.23 22.11 22.82
N ALA C 558 -15.50 22.47 23.88
CA ALA C 558 -14.29 23.30 23.78
C ALA C 558 -13.20 22.65 22.92
N THR C 559 -13.03 21.33 23.08
CA THR C 559 -12.03 20.54 22.35
C THR C 559 -12.30 20.55 20.84
N ASN C 560 -13.57 20.43 20.46
CA ASN C 560 -13.98 20.39 19.05
C ASN C 560 -13.98 21.78 18.37
N ALA C 561 -14.30 22.81 19.16
CA ALA C 561 -14.32 24.20 18.69
C ALA C 561 -12.92 24.83 18.55
N LYS C 562 -11.93 24.26 19.24
CA LYS C 562 -10.61 24.88 19.36
C LYS C 562 -9.90 25.11 18.02
N GLN C 563 -9.56 26.37 17.76
CA GLN C 563 -8.64 26.74 16.68
C GLN C 563 -7.23 26.86 17.25
N SER D 2 -20.49 38.54 1.75
CA SER D 2 -19.04 38.91 1.72
C SER D 2 -18.16 37.76 2.21
N GLU D 3 -18.38 37.35 3.47
CA GLU D 3 -17.80 36.11 3.99
C GLU D 3 -18.92 35.18 4.47
N ILE D 4 -18.67 33.88 4.37
CA ILE D 4 -19.65 32.87 4.79
C ILE D 4 -18.86 31.74 5.45
N THR D 5 -19.41 31.11 6.48
CA THR D 5 -18.70 29.96 7.09
C THR D 5 -18.56 28.82 6.08
N LEU D 6 -17.54 27.99 6.25
CA LEU D 6 -17.36 26.83 5.35
C LEU D 6 -18.54 25.85 5.46
N GLY D 7 -19.04 25.65 6.67
CA GLY D 7 -20.24 24.86 6.84
C GLY D 7 -21.43 25.38 6.05
N LYS D 8 -21.71 26.69 6.14
CA LYS D 8 -22.84 27.26 5.39
C LYS D 8 -22.59 27.17 3.89
N TYR D 9 -21.36 27.44 3.48
CA TYR D 9 -20.93 27.23 2.08
C TYR D 9 -21.37 25.81 1.58
N LEU D 10 -21.13 24.78 2.38
CA LEU D 10 -21.54 23.42 1.98
C LEU D 10 -23.03 23.30 1.66
N PHE D 11 -23.87 23.83 2.54
CA PHE D 11 -25.32 23.70 2.32
C PHE D 11 -25.82 24.60 1.22
N GLU D 12 -25.18 25.76 1.03
CA GLU D 12 -25.50 26.60 -0.12
C GLU D 12 -25.20 25.86 -1.40
N ARG D 13 -24.05 25.19 -1.49
CA ARG D 13 -23.75 24.37 -2.68
C ARG D 13 -24.75 23.23 -2.88
N LEU D 14 -25.08 22.51 -1.81
CA LEU D 14 -26.05 21.42 -1.92
C LEU D 14 -27.38 21.95 -2.45
N LYS D 15 -27.81 23.10 -1.93
CA LYS D 15 -29.03 23.76 -2.42
C LYS D 15 -28.91 24.04 -3.90
N GLN D 16 -27.77 24.60 -4.33
CA GLN D 16 -27.54 24.86 -5.77
C GLN D 16 -27.70 23.63 -6.66
N VAL D 17 -27.35 22.45 -6.14
CA VAL D 17 -27.42 21.21 -6.92
C VAL D 17 -28.67 20.40 -6.61
N ASN D 18 -29.66 21.06 -6.03
CA ASN D 18 -30.99 20.46 -5.85
C ASN D 18 -31.01 19.34 -4.78
N VAL D 19 -30.11 19.46 -3.78
CA VAL D 19 -30.13 18.63 -2.58
C VAL D 19 -30.70 19.45 -1.42
N ASN D 20 -31.92 19.11 -1.01
CA ASN D 20 -32.72 19.89 -0.06
C ASN D 20 -33.03 19.16 1.26
N THR D 21 -32.79 17.85 1.28
CA THR D 21 -32.91 17.06 2.52
C THR D 21 -31.54 16.44 2.80
N VAL D 22 -31.08 16.53 4.05
CA VAL D 22 -29.77 16.01 4.45
C VAL D 22 -29.97 14.89 5.45
N PHE D 23 -29.34 13.75 5.16
CA PHE D 23 -29.54 12.58 6.00
C PHE D 23 -28.38 12.42 6.97
N GLY D 24 -28.58 11.56 7.96
CA GLY D 24 -27.49 11.21 8.91
C GLY D 24 -27.94 11.42 10.35
N LEU D 25 -26.97 11.39 11.27
CA LEU D 25 -27.24 11.59 12.72
C LEU D 25 -26.20 12.51 13.32
N PRO D 26 -26.57 13.28 14.38
CA PRO D 26 -25.60 14.16 15.00
C PRO D 26 -24.58 13.40 15.87
N GLY D 27 -23.43 14.04 16.06
CA GLY D 27 -22.42 13.66 17.05
C GLY D 27 -21.65 14.93 17.34
N ALA D 28 -20.97 14.99 18.47
CA ALA D 28 -20.21 16.20 18.84
C ALA D 28 -19.35 16.73 17.69
N PHE D 29 -18.73 15.84 16.90
CA PHE D 29 -17.85 16.27 15.78
C PHE D 29 -18.56 16.87 14.57
N ASN D 30 -19.89 16.80 14.54
CA ASN D 30 -20.59 17.45 13.43
C ASN D 30 -21.65 18.48 13.82
N LEU D 31 -21.84 18.73 15.13
CA LEU D 31 -22.99 19.57 15.59
C LEU D 31 -22.93 21.01 15.07
N SER D 32 -21.73 21.58 15.09
CA SER D 32 -21.59 22.94 14.57
C SER D 32 -21.91 23.02 13.06
N LEU D 33 -21.56 21.98 12.30
CA LEU D 33 -21.94 21.88 10.88
C LEU D 33 -23.45 21.81 10.70
N LEU D 34 -24.11 20.99 11.51
CA LEU D 34 -25.56 20.82 11.39
C LEU D 34 -26.30 22.13 11.63
N ASP D 35 -25.78 22.98 12.51
CA ASP D 35 -26.41 24.29 12.77
C ASP D 35 -26.67 25.02 11.47
N LYS D 36 -25.71 24.91 10.55
CA LYS D 36 -25.73 25.68 9.30
C LYS D 36 -26.89 25.31 8.37
N ILE D 37 -27.44 24.10 8.50
CA ILE D 37 -28.63 23.70 7.72
C ILE D 37 -29.79 24.68 7.96
N TYR D 38 -29.96 25.09 9.21
CA TYR D 38 -31.05 25.99 9.56
C TYR D 38 -30.80 27.44 9.13
N GLU D 39 -29.63 27.70 8.55
CA GLU D 39 -29.28 29.04 8.04
C GLU D 39 -29.53 29.15 6.53
N VAL D 40 -29.81 28.03 5.90
CA VAL D 40 -30.04 27.98 4.46
C VAL D 40 -31.48 27.62 4.18
N GLU D 41 -32.22 28.60 3.65
CA GLU D 41 -33.59 28.43 3.26
C GLU D 41 -33.80 27.29 2.25
N GLY D 42 -34.76 26.41 2.52
CA GLY D 42 -35.05 25.27 1.63
C GLY D 42 -34.22 24.03 1.91
N MET D 43 -33.50 24.02 3.04
CA MET D 43 -32.68 22.88 3.47
C MET D 43 -33.23 22.30 4.77
N ARG D 44 -33.37 20.97 4.84
CA ARG D 44 -33.85 20.32 6.07
C ARG D 44 -32.94 19.15 6.46
N TRP D 45 -32.99 18.79 7.74
CA TRP D 45 -32.24 17.68 8.32
C TRP D 45 -33.26 16.60 8.64
N ALA D 46 -33.09 15.40 8.05
CA ALA D 46 -34.07 14.32 8.22
C ALA D 46 -34.25 13.85 9.68
N GLY D 47 -33.14 13.74 10.40
CA GLY D 47 -33.16 13.18 11.76
C GLY D 47 -33.42 11.69 11.73
N ASN D 48 -32.50 10.96 11.12
CA ASN D 48 -32.65 9.53 10.92
C ASN D 48 -32.54 8.75 12.24
N ALA D 49 -33.12 7.55 12.26
CA ALA D 49 -33.12 6.73 13.48
C ALA D 49 -31.85 5.85 13.63
N ASN D 50 -31.12 5.60 12.54
CA ASN D 50 -29.69 5.14 12.65
C ASN D 50 -28.93 5.43 11.35
N GLU D 51 -27.60 5.31 11.39
CA GLU D 51 -26.77 5.77 10.25
C GLU D 51 -26.86 4.84 9.04
N LEU D 52 -27.06 3.55 9.28
CA LEU D 52 -27.21 2.62 8.17
C LEU D 52 -28.48 2.97 7.38
N ASN D 53 -29.59 3.09 8.10
CA ASN D 53 -30.85 3.54 7.50
C ASN D 53 -30.70 4.88 6.78
N ALA D 54 -29.93 5.78 7.39
CA ALA D 54 -29.67 7.10 6.81
C ALA D 54 -28.98 6.97 5.45
N ALA D 55 -28.02 6.04 5.36
CA ALA D 55 -27.28 5.80 4.11
C ALA D 55 -28.23 5.21 3.05
N TYR D 56 -29.06 4.25 3.46
CA TYR D 56 -30.11 3.67 2.58
C TYR D 56 -31.06 4.77 2.06
N ALA D 57 -31.46 5.66 2.97
CA ALA D 57 -32.29 6.83 2.64
C ALA D 57 -31.62 7.78 1.64
N ALA D 58 -30.34 8.10 1.86
CA ALA D 58 -29.62 8.96 0.91
C ALA D 58 -29.59 8.28 -0.46
N ASP D 59 -29.50 6.96 -0.47
CA ASP D 59 -29.44 6.21 -1.72
C ASP D 59 -30.80 6.43 -2.44
N GLY D 60 -31.91 6.13 -1.76
CA GLY D 60 -33.24 6.37 -2.34
C GLY D 60 -33.48 7.80 -2.80
N TYR D 61 -33.09 8.76 -1.97
CA TYR D 61 -33.19 10.18 -2.34
C TYR D 61 -32.40 10.49 -3.64
N ALA D 62 -31.14 10.05 -3.70
CA ALA D 62 -30.31 10.27 -4.89
C ALA D 62 -30.94 9.67 -6.14
N ARG D 63 -31.49 8.47 -6.02
CA ARG D 63 -32.10 7.80 -7.18
C ARG D 63 -33.22 8.63 -7.79
N ILE D 64 -34.00 9.28 -6.92
CA ILE D 64 -35.15 10.08 -7.35
C ILE D 64 -34.79 11.52 -7.69
N LYS D 65 -33.98 12.16 -6.83
CA LYS D 65 -33.65 13.56 -6.97
C LYS D 65 -32.43 13.85 -7.87
N GLY D 66 -31.46 12.92 -7.95
CA GLY D 66 -30.26 13.13 -8.79
C GLY D 66 -28.97 12.82 -8.05
N MET D 67 -28.89 13.28 -6.81
CA MET D 67 -27.79 12.94 -5.92
C MET D 67 -28.24 13.25 -4.49
N SER D 68 -27.41 12.90 -3.51
CA SER D 68 -27.83 13.05 -2.09
C SER D 68 -26.64 13.34 -1.20
N CYS D 69 -26.91 13.70 0.05
CA CYS D 69 -25.88 13.91 1.07
C CYS D 69 -26.30 13.29 2.39
N ILE D 70 -25.36 12.54 2.97
CA ILE D 70 -25.50 12.02 4.32
C ILE D 70 -24.35 12.53 5.16
N ILE D 71 -24.66 13.02 6.35
CA ILE D 71 -23.64 13.51 7.29
C ILE D 71 -23.58 12.59 8.51
N THR D 72 -22.38 12.10 8.81
CA THR D 72 -22.19 11.27 10.02
C THR D 72 -21.05 11.77 10.88
N THR D 73 -20.83 11.09 11.99
CA THR D 73 -19.76 11.50 12.90
C THR D 73 -18.60 10.45 12.82
N PHE D 74 -17.37 10.92 13.05
CA PHE D 74 -16.14 10.13 13.03
C PHE D 74 -16.29 8.78 13.74
N GLY D 75 -15.78 7.72 13.09
CA GLY D 75 -15.80 6.39 13.68
C GLY D 75 -17.19 5.79 13.73
N VAL D 76 -17.95 6.13 14.76
CA VAL D 76 -19.17 5.37 15.09
C VAL D 76 -20.29 5.61 14.07
N GLY D 77 -20.35 6.83 13.52
CA GLY D 77 -21.39 7.13 12.54
C GLY D 77 -20.98 6.60 11.17
N GLU D 78 -19.79 6.99 10.72
CA GLU D 78 -19.39 6.63 9.35
C GLU D 78 -19.34 5.11 9.18
N LEU D 79 -18.81 4.38 10.17
CA LEU D 79 -18.71 2.92 10.01
C LEU D 79 -20.10 2.25 9.98
N SER D 80 -21.05 2.81 10.73
CA SER D 80 -22.43 2.33 10.69
C SER D 80 -23.07 2.46 9.27
N ALA D 81 -22.62 3.47 8.52
CA ALA D 81 -23.18 3.78 7.20
C ALA D 81 -22.59 2.92 6.08
N LEU D 82 -21.47 2.23 6.34
CA LEU D 82 -20.70 1.67 5.21
C LEU D 82 -21.41 0.69 4.29
N ASN D 83 -22.30 -0.14 4.84
CA ASN D 83 -23.04 -1.06 3.99
C ASN D 83 -24.00 -0.31 3.04
N GLY D 84 -24.50 0.84 3.49
CA GLY D 84 -25.32 1.69 2.61
C GLY D 84 -24.43 2.22 1.50
N ILE D 85 -23.30 2.81 1.88
CA ILE D 85 -22.37 3.42 0.93
C ILE D 85 -21.92 2.38 -0.09
N ALA D 86 -21.57 1.18 0.39
CA ALA D 86 -21.09 0.13 -0.53
C ALA D 86 -22.13 -0.19 -1.59
N GLY D 87 -23.40 -0.30 -1.16
CA GLY D 87 -24.50 -0.57 -2.08
C GLY D 87 -24.68 0.54 -3.11
N SER D 88 -24.48 1.77 -2.67
CA SER D 88 -24.50 2.91 -3.59
C SER D 88 -23.36 2.83 -4.59
N TYR D 89 -22.20 2.35 -4.14
CA TYR D 89 -21.05 2.20 -5.04
C TYR D 89 -21.34 1.12 -6.07
N ALA D 90 -21.79 -0.05 -5.61
CA ALA D 90 -22.10 -1.19 -6.49
C ALA D 90 -23.15 -0.87 -7.58
N GLU D 91 -24.15 -0.05 -7.20
CA GLU D 91 -25.33 0.20 -8.04
C GLU D 91 -25.28 1.52 -8.74
N HIS D 92 -24.12 2.20 -8.63
CA HIS D 92 -23.92 3.53 -9.24
C HIS D 92 -24.95 4.58 -8.79
N VAL D 93 -24.96 4.85 -7.48
CA VAL D 93 -25.78 5.93 -6.89
C VAL D 93 -24.93 7.03 -6.29
N GLY D 94 -25.21 8.27 -6.70
CA GLY D 94 -24.40 9.40 -6.30
C GLY D 94 -24.74 9.90 -4.91
N VAL D 95 -24.05 9.37 -3.89
CA VAL D 95 -24.22 9.79 -2.50
C VAL D 95 -22.96 10.47 -1.96
N LEU D 96 -23.10 11.71 -1.52
CA LEU D 96 -21.99 12.41 -0.87
C LEU D 96 -22.02 12.13 0.63
N HIS D 97 -21.00 11.44 1.11
CA HIS D 97 -20.91 11.11 2.55
C HIS D 97 -19.95 12.08 3.23
N VAL D 98 -20.51 12.99 4.02
CA VAL D 98 -19.73 13.99 4.76
C VAL D 98 -19.55 13.45 6.16
N VAL D 99 -18.31 13.44 6.64
CA VAL D 99 -18.06 13.00 8.00
C VAL D 99 -17.48 14.11 8.89
N GLY D 100 -18.12 14.41 10.01
CA GLY D 100 -17.57 15.41 10.94
C GLY D 100 -16.44 14.71 11.68
N VAL D 101 -15.24 15.29 11.61
CA VAL D 101 -14.05 14.64 12.23
C VAL D 101 -13.40 15.58 13.28
N PRO D 102 -12.52 15.03 14.14
CA PRO D 102 -11.96 15.89 15.17
C PRO D 102 -11.19 17.05 14.60
N SER D 103 -11.13 18.13 15.39
CA SER D 103 -10.42 19.33 15.03
C SER D 103 -8.95 19.04 14.69
N ILE D 104 -8.38 19.91 13.86
CA ILE D 104 -6.99 19.81 13.47
C ILE D 104 -6.05 19.76 14.68
N SER D 105 -6.33 20.57 15.71
CA SER D 105 -5.46 20.63 16.89
C SER D 105 -5.58 19.35 17.73
N ALA D 106 -6.78 18.75 17.71
CA ALA D 106 -6.99 17.47 18.42
C ALA D 106 -6.24 16.31 17.73
N GLN D 107 -6.23 16.31 16.39
CA GLN D 107 -5.49 15.31 15.62
C GLN D 107 -3.98 15.47 15.78
N ALA D 108 -3.52 16.73 15.79
CA ALA D 108 -2.10 17.04 15.88
C ALA D 108 -1.54 16.54 17.18
N LYS D 109 -2.29 16.70 18.25
CA LYS D 109 -1.83 16.24 19.52
C LYS D 109 -2.28 14.87 19.90
N GLN D 110 -2.84 14.17 18.95
CA GLN D 110 -3.10 12.75 19.02
C GLN D 110 -3.94 12.40 20.23
N LEU D 111 -4.96 13.16 20.48
CA LEU D 111 -5.78 12.96 21.64
C LEU D 111 -6.53 11.63 21.62
N LEU D 112 -6.52 10.96 22.74
CA LEU D 112 -7.24 9.73 22.91
C LEU D 112 -8.73 10.03 23.08
N LEU D 113 -9.36 10.39 21.98
CA LEU D 113 -10.74 10.85 22.01
C LEU D 113 -11.69 9.71 21.82
N HIS D 114 -12.93 9.94 22.26
CA HIS D 114 -14.01 8.99 22.00
C HIS D 114 -14.19 8.75 20.51
N HIS D 115 -14.68 7.56 20.15
CA HIS D 115 -14.93 7.20 18.74
C HIS D 115 -13.62 7.00 17.95
N THR D 116 -12.50 6.80 18.65
CA THR D 116 -11.26 6.38 17.99
C THR D 116 -10.89 4.98 18.44
N LEU D 117 -9.90 4.39 17.77
CA LEU D 117 -9.49 3.01 18.11
C LEU D 117 -8.50 3.03 19.28
N GLY D 118 -8.18 4.23 19.74
CA GLY D 118 -7.36 4.37 20.94
C GLY D 118 -5.87 4.29 20.65
N ASN D 119 -5.52 4.33 19.37
CA ASN D 119 -4.13 4.27 18.90
C ASN D 119 -3.64 5.57 18.24
N GLY D 120 -4.45 6.62 18.33
CA GLY D 120 -4.10 7.94 17.79
C GLY D 120 -4.07 8.04 16.26
N ASP D 121 -4.62 7.03 15.57
CA ASP D 121 -4.72 7.00 14.11
C ASP D 121 -6.04 7.61 13.65
N PHE D 122 -5.97 8.83 13.12
CA PHE D 122 -7.18 9.48 12.66
C PHE D 122 -7.47 9.26 11.17
N THR D 123 -6.65 8.46 10.50
CA THR D 123 -6.79 8.15 9.06
C THR D 123 -7.53 6.85 8.75
N VAL D 124 -7.74 6.01 9.78
CA VAL D 124 -8.18 4.62 9.54
C VAL D 124 -9.55 4.52 8.86
N PHE D 125 -10.51 5.34 9.30
CA PHE D 125 -11.87 5.22 8.78
C PHE D 125 -11.98 5.78 7.36
N HIS D 126 -11.31 6.91 7.14
CA HIS D 126 -11.06 7.44 5.80
C HIS D 126 -10.48 6.37 4.85
N ARG D 127 -9.43 5.67 5.29
CA ARG D 127 -8.81 4.58 4.51
C ARG D 127 -9.83 3.49 4.14
N MET D 128 -10.62 3.09 5.13
CA MET D 128 -11.66 2.09 4.90
C MET D 128 -12.67 2.55 3.86
N SER D 129 -13.15 3.79 3.99
CA SER D 129 -14.15 4.31 3.03
C SER D 129 -13.62 4.50 1.60
N ALA D 130 -12.32 4.73 1.46
CA ALA D 130 -11.70 4.92 0.13
C ALA D 130 -11.96 3.71 -0.76
N ASN D 131 -12.10 2.54 -0.14
CA ASN D 131 -12.36 1.28 -0.86
C ASN D 131 -13.71 1.21 -1.57
N ILE D 132 -14.66 1.98 -1.09
CA ILE D 132 -16.01 2.00 -1.65
C ILE D 132 -16.47 3.40 -2.08
N SER D 133 -15.48 4.24 -2.41
CA SER D 133 -15.73 5.60 -2.84
C SER D 133 -15.08 5.84 -4.20
N GLU D 134 -15.74 6.63 -5.03
CA GLU D 134 -15.13 7.06 -6.30
C GLU D 134 -13.88 7.93 -6.04
N THR D 135 -14.00 8.85 -5.08
CA THR D 135 -12.89 9.68 -4.62
C THR D 135 -13.15 10.08 -3.17
N THR D 136 -12.14 10.62 -2.51
CA THR D 136 -12.24 11.08 -1.14
C THR D 136 -11.55 12.42 -0.96
N ALA D 137 -11.99 13.17 0.03
CA ALA D 137 -11.28 14.37 0.45
C ALA D 137 -11.28 14.42 1.98
N MET D 138 -10.11 14.63 2.57
CA MET D 138 -10.03 15.00 3.98
C MET D 138 -9.52 16.46 4.09
N ILE D 139 -10.42 17.36 4.48
CA ILE D 139 -10.15 18.80 4.48
C ILE D 139 -9.17 19.17 5.58
N THR D 140 -8.11 19.91 5.23
CA THR D 140 -7.09 20.30 6.21
C THR D 140 -6.88 21.81 6.32
N ASP D 141 -7.24 22.55 5.27
CA ASP D 141 -7.07 24.01 5.28
C ASP D 141 -8.14 24.76 4.50
N ILE D 142 -8.67 25.83 5.10
CA ILE D 142 -9.78 26.58 4.47
C ILE D 142 -9.48 27.16 3.10
N ALA D 143 -8.19 27.40 2.81
CA ALA D 143 -7.80 28.05 1.56
C ALA D 143 -8.19 27.22 0.34
N THR D 144 -8.16 25.89 0.47
CA THR D 144 -8.52 25.00 -0.65
C THR D 144 -9.82 24.25 -0.41
N ALA D 145 -10.41 24.42 0.78
CA ALA D 145 -11.64 23.70 1.16
C ALA D 145 -12.85 23.91 0.21
N PRO D 146 -13.18 25.18 -0.15
CA PRO D 146 -14.27 25.38 -1.11
C PRO D 146 -14.12 24.55 -2.40
N ALA D 147 -12.92 24.55 -2.97
CA ALA D 147 -12.65 23.87 -4.23
C ALA D 147 -12.81 22.34 -4.05
N GLU D 148 -12.41 21.86 -2.89
CA GLU D 148 -12.51 20.43 -2.57
C GLU D 148 -13.98 20.03 -2.37
N ILE D 149 -14.76 20.89 -1.71
CA ILE D 149 -16.20 20.63 -1.61
C ILE D 149 -16.83 20.54 -3.00
N ASP D 150 -16.47 21.52 -3.85
CA ASP D 150 -16.96 21.58 -5.23
C ASP D 150 -16.60 20.32 -6.01
N ARG D 151 -15.35 19.88 -5.88
CA ARG D 151 -14.85 18.69 -6.57
C ARG D 151 -15.65 17.45 -6.13
N CYS D 152 -15.83 17.29 -4.82
CA CYS D 152 -16.64 16.16 -4.29
C CYS D 152 -18.07 16.12 -4.82
N ILE D 153 -18.73 17.28 -4.81
CA ILE D 153 -20.11 17.41 -5.32
C ILE D 153 -20.19 17.07 -6.83
N ARG D 154 -19.32 17.68 -7.64
CA ARG D 154 -19.25 17.35 -9.06
C ARG D 154 -19.08 15.83 -9.27
N THR D 155 -18.09 15.27 -8.60
CA THR D 155 -17.72 13.87 -8.80
C THR D 155 -18.88 12.95 -8.45
N THR D 156 -19.55 13.22 -7.33
CA THR D 156 -20.71 12.43 -6.93
C THR D 156 -21.74 12.32 -8.05
N TYR D 157 -22.11 13.47 -8.59
CA TYR D 157 -23.15 13.53 -9.59
C TYR D 157 -22.75 12.98 -10.98
N VAL D 158 -21.58 13.39 -11.49
CA VAL D 158 -21.17 12.97 -12.86
C VAL D 158 -20.79 11.49 -12.95
N THR D 159 -20.28 10.94 -11.84
CA THR D 159 -19.91 9.52 -11.83
C THR D 159 -21.01 8.64 -11.22
N GLN D 160 -21.92 9.27 -10.46
CA GLN D 160 -22.99 8.58 -9.76
C GLN D 160 -22.39 7.45 -8.92
N ARG D 161 -21.39 7.80 -8.13
CA ARG D 161 -20.85 6.85 -7.15
C ARG D 161 -20.59 7.64 -5.88
N PRO D 162 -20.59 6.96 -4.71
CA PRO D 162 -20.31 7.71 -3.47
C PRO D 162 -18.97 8.40 -3.39
N VAL D 163 -18.98 9.54 -2.70
CA VAL D 163 -17.78 10.34 -2.45
C VAL D 163 -17.69 10.60 -0.95
N TYR D 164 -16.47 10.60 -0.43
CA TYR D 164 -16.22 10.77 1.00
C TYR D 164 -15.60 12.12 1.26
N LEU D 165 -16.21 12.89 2.15
CA LEU D 165 -15.68 14.22 2.44
C LEU D 165 -15.54 14.37 3.95
N GLY D 166 -14.30 14.35 4.45
CA GLY D 166 -14.04 14.62 5.87
C GLY D 166 -13.89 16.09 6.24
N LEU D 167 -14.66 16.54 7.23
CA LEU D 167 -14.61 17.94 7.70
C LEU D 167 -14.29 18.07 9.18
N PRO D 168 -13.05 18.48 9.50
CA PRO D 168 -12.68 18.74 10.90
C PRO D 168 -13.62 19.77 11.52
N ALA D 169 -14.00 19.52 12.78
CA ALA D 169 -15.02 20.32 13.46
C ALA D 169 -14.65 21.80 13.48
N ASN D 170 -13.36 22.09 13.65
CA ASN D 170 -12.91 23.49 13.80
C ASN D 170 -12.99 24.31 12.52
N LEU D 171 -12.83 23.65 11.37
CA LEU D 171 -12.82 24.34 10.08
C LEU D 171 -14.20 24.75 9.57
N VAL D 172 -15.25 24.12 10.08
CA VAL D 172 -16.61 24.41 9.58
C VAL D 172 -17.06 25.82 9.98
N ASP D 173 -16.40 26.38 10.98
CA ASP D 173 -16.75 27.72 11.44
C ASP D 173 -15.80 28.81 10.93
N LEU D 174 -14.82 28.43 10.12
CA LEU D 174 -13.93 29.40 9.49
C LEU D 174 -14.57 30.03 8.25
N ASN D 175 -14.29 31.32 8.03
CA ASN D 175 -14.89 32.05 6.92
C ASN D 175 -14.25 31.79 5.56
N VAL D 176 -15.10 31.76 4.53
CA VAL D 176 -14.68 31.64 3.14
C VAL D 176 -15.39 32.75 2.34
N PRO D 177 -14.80 33.21 1.22
CA PRO D 177 -15.44 34.28 0.44
C PRO D 177 -16.77 33.85 -0.15
N ALA D 178 -17.84 34.56 0.20
CA ALA D 178 -19.18 34.28 -0.33
C ALA D 178 -19.28 34.44 -1.87
N LYS D 179 -18.30 35.10 -2.45
CA LYS D 179 -18.25 35.27 -3.88
C LYS D 179 -18.15 33.99 -4.65
N LEU D 180 -17.46 33.06 -4.06
CA LEU D 180 -17.22 31.73 -4.66
C LEU D 180 -18.50 31.06 -5.14
N LEU D 181 -19.61 31.37 -4.45
CA LEU D 181 -20.93 30.76 -4.73
C LEU D 181 -21.60 31.28 -6.00
N GLN D 182 -21.08 32.39 -6.50
CA GLN D 182 -21.58 33.07 -7.71
C GLN D 182 -21.13 32.36 -8.98
N THR D 183 -20.11 31.51 -8.87
CA THR D 183 -19.73 30.65 -9.99
C THR D 183 -20.26 29.25 -9.65
N PRO D 184 -21.22 28.73 -10.45
CA PRO D 184 -21.76 27.40 -10.17
C PRO D 184 -20.72 26.29 -10.26
N ILE D 185 -21.02 25.16 -9.62
CA ILE D 185 -20.24 23.95 -9.86
C ILE D 185 -20.63 23.44 -11.25
N ASP D 186 -19.63 23.07 -12.04
CA ASP D 186 -19.86 22.38 -13.30
C ASP D 186 -20.34 20.95 -13.03
N MET D 187 -21.56 20.68 -13.46
CA MET D 187 -22.20 19.38 -13.21
C MET D 187 -22.38 18.60 -14.52
N SER D 188 -21.64 18.98 -15.55
CA SER D 188 -21.81 18.32 -16.85
C SER D 188 -20.65 17.38 -17.18
N LEU D 189 -20.97 16.28 -17.81
CA LEU D 189 -20.00 15.45 -18.47
C LEU D 189 -19.07 16.27 -19.36
N LYS D 190 -17.81 15.86 -19.48
CA LYS D 190 -16.92 16.42 -20.49
C LYS D 190 -17.26 15.84 -21.88
N PRO D 191 -17.16 16.67 -22.93
CA PRO D 191 -17.55 16.20 -24.26
C PRO D 191 -16.67 15.02 -24.65
N ASN D 192 -17.18 14.12 -25.49
CA ASN D 192 -16.40 12.96 -25.96
C ASN D 192 -15.27 13.38 -26.89
N ASP D 193 -14.30 12.51 -27.06
CA ASP D 193 -13.31 12.67 -28.11
C ASP D 193 -14.03 12.62 -29.47
N ALA D 194 -13.89 13.67 -30.27
CA ALA D 194 -14.68 13.89 -31.47
C ALA D 194 -14.55 12.77 -32.48
N GLU D 195 -13.32 12.38 -32.75
CA GLU D 195 -13.04 11.32 -33.72
C GLU D 195 -13.60 9.95 -33.31
N SER D 196 -13.36 9.54 -32.06
CA SER D 196 -13.88 8.25 -31.57
C SER D 196 -15.39 8.25 -31.57
N GLU D 197 -15.99 9.36 -31.11
CA GLU D 197 -17.44 9.45 -31.04
C GLU D 197 -18.07 9.37 -32.43
N LYS D 198 -17.51 10.10 -33.40
CA LYS D 198 -18.00 10.06 -34.78
C LYS D 198 -17.93 8.64 -35.38
N GLU D 199 -16.80 7.96 -35.18
CA GLU D 199 -16.65 6.56 -35.60
C GLU D 199 -17.73 5.67 -35.00
N VAL D 200 -17.94 5.80 -33.70
CA VAL D 200 -18.99 5.04 -33.03
C VAL D 200 -20.38 5.32 -33.64
N ILE D 201 -20.74 6.59 -33.77
CA ILE D 201 -22.04 6.98 -34.33
C ILE D 201 -22.23 6.38 -35.72
N ASP D 202 -21.25 6.55 -36.61
CA ASP D 202 -21.59 6.06 -37.93
C ASP D 202 -21.43 4.56 -38.13
N THR D 203 -20.69 3.88 -37.28
CA THR D 203 -20.73 2.45 -37.29
C THR D 203 -22.07 1.90 -36.84
N ILE D 204 -22.65 2.51 -35.82
CA ILE D 204 -23.98 2.13 -35.33
C ILE D 204 -25.05 2.44 -36.40
N LEU D 205 -25.02 3.63 -36.99
CA LEU D 205 -25.99 3.98 -38.03
C LEU D 205 -25.95 2.99 -39.20
N VAL D 206 -24.77 2.50 -39.54
CA VAL D 206 -24.59 1.50 -40.60
C VAL D 206 -25.13 0.11 -40.19
N LEU D 207 -24.88 -0.32 -38.96
CA LEU D 207 -25.37 -1.61 -38.47
C LEU D 207 -26.89 -1.60 -38.48
N ASP D 208 -27.42 -0.44 -38.11
CA ASP D 208 -28.83 -0.14 -38.13
C ASP D 208 -29.52 -0.33 -39.49
N LYS D 209 -28.92 0.26 -40.53
CA LYS D 209 -29.46 0.17 -41.90
C LYS D 209 -29.57 -1.27 -42.35
N ASP D 210 -28.64 -2.09 -41.86
CA ASP D 210 -28.55 -3.48 -42.27
C ASP D 210 -29.42 -4.45 -41.48
N ALA D 211 -29.91 -4.02 -40.32
CA ALA D 211 -30.68 -4.89 -39.42
C ALA D 211 -32.15 -5.08 -39.82
N LYS D 212 -32.56 -6.33 -39.93
CA LYS D 212 -33.98 -6.63 -40.21
C LYS D 212 -34.81 -6.98 -38.96
N ASN D 213 -34.12 -7.36 -37.87
CA ASN D 213 -34.75 -7.62 -36.59
C ASN D 213 -33.92 -7.03 -35.42
N PRO D 214 -33.74 -5.69 -35.38
CA PRO D 214 -32.99 -5.14 -34.24
C PRO D 214 -33.87 -5.01 -33.01
N VAL D 215 -33.23 -5.10 -31.83
CA VAL D 215 -33.95 -4.87 -30.56
C VAL D 215 -33.16 -3.93 -29.65
N ILE D 216 -33.87 -3.31 -28.72
CA ILE D 216 -33.26 -2.44 -27.75
C ILE D 216 -33.44 -3.11 -26.40
N LEU D 217 -32.35 -3.18 -25.63
CA LEU D 217 -32.46 -3.70 -24.27
C LEU D 217 -31.96 -2.67 -23.25
N ALA D 218 -32.87 -2.18 -22.41
CA ALA D 218 -32.51 -1.19 -21.39
C ALA D 218 -32.18 -1.90 -20.06
N ASP D 219 -31.03 -1.57 -19.49
CA ASP D 219 -30.56 -2.22 -18.23
C ASP D 219 -30.26 -1.15 -17.17
N ALA D 220 -29.70 -1.58 -16.03
CA ALA D 220 -29.44 -0.68 -14.89
C ALA D 220 -28.90 0.71 -15.23
N CYS D 221 -27.85 0.79 -16.06
CA CYS D 221 -27.22 2.10 -16.28
C CYS D 221 -27.99 3.04 -17.23
N CYS D 222 -29.03 2.51 -17.87
CA CYS D 222 -29.96 3.39 -18.60
C CYS D 222 -30.52 4.43 -17.62
N SER D 223 -30.93 3.95 -16.45
CA SER D 223 -31.51 4.77 -15.41
C SER D 223 -30.42 5.46 -14.60
N ARG D 224 -29.45 4.68 -14.10
CA ARG D 224 -28.44 5.26 -13.19
C ARG D 224 -27.62 6.38 -13.82
N HIS D 225 -27.31 6.27 -15.13
CA HIS D 225 -26.51 7.27 -15.81
C HIS D 225 -27.32 8.17 -16.74
N ASP D 226 -28.57 8.43 -16.35
CA ASP D 226 -29.43 9.49 -16.92
C ASP D 226 -29.59 9.50 -18.47
N VAL D 227 -29.93 8.36 -19.04
CA VAL D 227 -30.21 8.34 -20.50
C VAL D 227 -31.62 7.85 -20.83
N LYS D 228 -32.55 7.96 -19.87
CA LYS D 228 -33.93 7.54 -20.08
C LYS D 228 -34.63 8.35 -21.18
N ALA D 229 -34.49 9.65 -21.15
CA ALA D 229 -35.07 10.53 -22.13
C ALA D 229 -34.63 10.16 -23.53
N GLU D 230 -33.32 9.99 -23.67
CA GLU D 230 -32.69 9.66 -24.94
C GLU D 230 -33.13 8.32 -25.43
N THR D 231 -33.29 7.38 -24.54
CA THR D 231 -33.65 6.04 -24.94
C THR D 231 -35.14 5.99 -25.36
N LYS D 232 -35.91 6.79 -24.71
CA LYS D 232 -37.28 6.96 -25.12
C LYS D 232 -37.36 7.47 -26.54
N LYS D 233 -36.66 8.54 -26.83
CA LYS D 233 -36.59 9.07 -28.19
C LYS D 233 -36.08 8.02 -29.19
N LEU D 234 -35.09 7.24 -28.77
CA LEU D 234 -34.53 6.22 -29.66
C LEU D 234 -35.61 5.21 -30.01
N ILE D 235 -36.34 4.71 -29.01
CA ILE D 235 -37.46 3.80 -29.24
C ILE D 235 -38.50 4.37 -30.23
N ASP D 236 -38.83 5.66 -30.06
CA ASP D 236 -39.91 6.30 -30.85
C ASP D 236 -39.52 6.48 -32.32
N LEU D 237 -38.31 6.98 -32.54
CA LEU D 237 -37.78 7.29 -33.89
C LEU D 237 -37.47 6.03 -34.69
N THR D 238 -37.19 4.95 -33.99
CA THR D 238 -36.81 3.70 -34.59
C THR D 238 -37.94 2.68 -34.73
N GLN D 239 -38.85 2.71 -33.78
CA GLN D 239 -39.90 1.70 -33.66
C GLN D 239 -39.39 0.28 -33.42
N PHE D 240 -38.12 0.11 -33.03
CA PHE D 240 -37.61 -1.22 -32.69
C PHE D 240 -38.27 -1.73 -31.40
N PRO D 241 -38.46 -3.06 -31.28
CA PRO D 241 -38.89 -3.62 -30.00
C PRO D 241 -37.93 -3.21 -28.88
N ALA D 242 -38.51 -2.89 -27.71
CA ALA D 242 -37.75 -2.45 -26.55
C ALA D 242 -38.03 -3.36 -25.36
N PHE D 243 -36.96 -3.86 -24.76
CA PHE D 243 -37.10 -4.77 -23.62
C PHE D 243 -36.32 -4.18 -22.46
N VAL D 244 -36.68 -4.61 -21.25
CA VAL D 244 -36.02 -4.12 -20.03
C VAL D 244 -35.52 -5.29 -19.18
N THR D 245 -34.49 -5.05 -18.37
CA THR D 245 -34.00 -6.06 -17.41
C THR D 245 -34.66 -5.83 -16.07
N PRO D 246 -34.57 -6.82 -15.18
CA PRO D 246 -35.04 -6.56 -13.80
C PRO D 246 -34.42 -5.28 -13.21
N MET D 247 -33.10 -5.14 -13.31
CA MET D 247 -32.44 -4.01 -12.67
C MET D 247 -32.75 -2.69 -13.34
N GLY D 248 -33.08 -2.75 -14.64
CA GLY D 248 -33.44 -1.53 -15.37
C GLY D 248 -34.94 -1.23 -15.44
N LYS D 249 -35.77 -2.05 -14.80
CA LYS D 249 -37.24 -1.92 -14.89
C LYS D 249 -37.70 -0.54 -14.49
N GLY D 250 -38.59 0.04 -15.29
CA GLY D 250 -39.02 1.42 -15.08
C GLY D 250 -38.30 2.42 -15.96
N SER D 251 -37.13 2.05 -16.50
CA SER D 251 -36.36 3.02 -17.27
C SER D 251 -36.98 3.24 -18.66
N ILE D 252 -37.71 2.25 -19.15
CA ILE D 252 -38.54 2.44 -20.38
C ILE D 252 -40.04 2.25 -20.09
N ASP D 253 -40.86 3.05 -20.77
CA ASP D 253 -42.31 3.06 -20.54
C ASP D 253 -42.97 1.76 -21.01
N GLU D 254 -43.58 1.04 -20.07
CA GLU D 254 -44.12 -0.30 -20.34
C GLU D 254 -45.47 -0.28 -21.07
N GLN D 255 -46.03 0.91 -21.25
CA GLN D 255 -47.32 1.06 -21.95
C GLN D 255 -47.10 1.43 -23.42
N HIS D 256 -45.84 1.58 -23.80
CA HIS D 256 -45.48 1.88 -25.17
C HIS D 256 -45.82 0.67 -26.05
N PRO D 257 -46.42 0.91 -27.23
CA PRO D 257 -46.80 -0.22 -28.11
C PRO D 257 -45.61 -1.10 -28.50
N ARG D 258 -44.41 -0.53 -28.45
CA ARG D 258 -43.22 -1.25 -28.87
C ARG D 258 -42.48 -1.94 -27.72
N TYR D 259 -42.96 -1.72 -26.48
CA TYR D 259 -42.43 -2.45 -25.30
C TYR D 259 -42.74 -3.95 -25.35
N GLY D 260 -41.69 -4.77 -25.30
CA GLY D 260 -41.83 -6.21 -25.40
C GLY D 260 -41.75 -7.06 -24.15
N GLY D 261 -41.37 -6.45 -23.02
CA GLY D 261 -41.36 -7.18 -21.75
C GLY D 261 -40.00 -7.21 -21.05
N VAL D 262 -39.92 -8.04 -20.01
CA VAL D 262 -38.75 -8.16 -19.15
C VAL D 262 -37.86 -9.35 -19.57
N TYR D 263 -36.66 -9.03 -20.02
CA TYR D 263 -35.73 -10.04 -20.48
C TYR D 263 -34.79 -10.41 -19.33
N VAL D 264 -34.72 -11.72 -19.04
CA VAL D 264 -33.95 -12.30 -17.93
C VAL D 264 -33.29 -13.62 -18.40
N GLY D 265 -32.74 -13.62 -19.62
CA GLY D 265 -32.13 -14.81 -20.21
C GLY D 265 -33.11 -15.98 -20.18
N THR D 266 -32.65 -17.14 -19.71
CA THR D 266 -33.51 -18.33 -19.70
C THR D 266 -34.71 -18.22 -18.75
N LEU D 267 -34.73 -17.24 -17.86
CA LEU D 267 -35.86 -17.07 -16.93
C LEU D 267 -36.99 -16.18 -17.49
N SER D 268 -36.80 -15.72 -18.73
CA SER D 268 -37.79 -14.90 -19.42
C SER D 268 -38.96 -15.78 -19.82
N LYS D 269 -40.12 -15.15 -20.04
CA LYS D 269 -41.20 -15.75 -20.82
C LYS D 269 -40.58 -16.25 -22.14
N PRO D 270 -40.91 -17.49 -22.57
CA PRO D 270 -40.25 -18.04 -23.79
C PRO D 270 -40.34 -17.12 -25.01
N GLU D 271 -41.46 -16.42 -25.14
CA GLU D 271 -41.68 -15.48 -26.23
C GLU D 271 -40.76 -14.27 -26.14
N VAL D 272 -40.43 -13.86 -24.91
CA VAL D 272 -39.53 -12.71 -24.71
C VAL D 272 -38.08 -13.13 -24.98
N LYS D 273 -37.72 -14.30 -24.48
CA LYS D 273 -36.43 -14.94 -24.74
C LYS D 273 -36.17 -15.03 -26.24
N GLU D 274 -37.10 -15.63 -26.97
CA GLU D 274 -36.95 -15.79 -28.43
C GLU D 274 -36.86 -14.47 -29.16
N ALA D 275 -37.64 -13.49 -28.73
CA ALA D 275 -37.75 -12.20 -29.42
C ALA D 275 -36.48 -11.37 -29.29
N VAL D 276 -35.86 -11.46 -28.11
CA VAL D 276 -34.58 -10.81 -27.87
C VAL D 276 -33.46 -11.57 -28.57
N GLU D 277 -33.42 -12.89 -28.39
CA GLU D 277 -32.27 -13.66 -28.84
C GLU D 277 -32.23 -13.87 -30.34
N SER D 278 -33.39 -13.83 -31.00
CA SER D 278 -33.40 -13.97 -32.47
C SER D 278 -33.01 -12.67 -33.19
N ALA D 279 -32.76 -11.60 -32.43
CA ALA D 279 -32.38 -10.32 -33.00
C ALA D 279 -31.13 -10.45 -33.86
N ASP D 280 -31.01 -9.61 -34.88
CA ASP D 280 -29.77 -9.58 -35.67
C ASP D 280 -28.94 -8.31 -35.37
N LEU D 281 -29.42 -7.56 -34.39
CA LEU D 281 -28.74 -6.40 -33.83
C LEU D 281 -29.34 -6.12 -32.46
N ILE D 282 -28.47 -6.03 -31.45
CA ILE D 282 -28.91 -5.64 -30.10
C ILE D 282 -28.28 -4.31 -29.70
N LEU D 283 -29.15 -3.34 -29.34
CA LEU D 283 -28.72 -2.06 -28.84
C LEU D 283 -28.89 -2.10 -27.32
N SER D 284 -27.79 -2.42 -26.65
CA SER D 284 -27.83 -2.74 -25.23
C SER D 284 -27.47 -1.47 -24.47
N VAL D 285 -28.44 -0.94 -23.71
CA VAL D 285 -28.26 0.34 -23.04
C VAL D 285 -27.98 0.15 -21.55
N GLY D 286 -26.71 0.20 -21.18
CA GLY D 286 -26.31 0.25 -19.77
C GLY D 286 -26.31 -1.09 -19.09
N ALA D 287 -25.72 -2.09 -19.73
CA ALA D 287 -25.73 -3.45 -19.22
C ALA D 287 -25.04 -3.56 -17.87
N LEU D 288 -25.58 -4.41 -17.01
CA LEU D 288 -24.96 -4.75 -15.72
C LEU D 288 -25.35 -6.18 -15.40
N LEU D 289 -24.50 -7.12 -15.81
CA LEU D 289 -24.94 -8.52 -15.93
C LEU D 289 -24.71 -9.36 -14.67
N SER D 290 -25.40 -8.97 -13.58
CA SER D 290 -25.25 -9.67 -12.30
C SER D 290 -26.06 -10.95 -12.32
N ASP D 291 -25.78 -11.86 -11.38
CA ASP D 291 -26.45 -13.19 -11.39
C ASP D 291 -27.99 -13.12 -11.40
N PHE D 292 -28.54 -12.37 -10.45
CA PHE D 292 -30.00 -12.22 -10.29
C PHE D 292 -30.63 -11.44 -11.44
N ASN D 293 -29.84 -10.58 -12.09
CA ASN D 293 -30.32 -9.76 -13.20
C ASN D 293 -30.53 -10.58 -14.48
N THR D 294 -29.94 -11.76 -14.50
CA THR D 294 -29.62 -12.50 -15.70
C THR D 294 -29.91 -13.98 -15.66
N GLY D 295 -30.48 -14.47 -14.58
CA GLY D 295 -30.69 -15.91 -14.42
C GLY D 295 -29.38 -16.70 -14.34
N SER D 296 -28.45 -16.15 -13.56
CA SER D 296 -27.08 -16.65 -13.49
C SER D 296 -26.42 -16.74 -14.86
N PHE D 297 -26.37 -15.60 -15.54
CA PHE D 297 -25.48 -15.39 -16.71
C PHE D 297 -25.95 -16.24 -17.89
N SER D 298 -27.27 -16.33 -18.04
CA SER D 298 -27.88 -17.30 -18.97
C SER D 298 -28.28 -16.72 -20.34
N TYR D 299 -27.87 -15.49 -20.65
CA TYR D 299 -28.12 -14.90 -21.97
C TYR D 299 -27.58 -15.82 -23.09
N SER D 300 -28.33 -15.94 -24.18
CA SER D 300 -27.87 -16.73 -25.33
C SER D 300 -28.25 -16.02 -26.62
N TYR D 301 -27.73 -14.83 -26.76
CA TYR D 301 -27.87 -14.08 -27.97
C TYR D 301 -27.37 -14.96 -29.10
N LYS D 302 -28.13 -15.05 -30.17
CA LYS D 302 -27.64 -15.74 -31.32
C LYS D 302 -26.77 -14.87 -32.19
N THR D 303 -26.79 -13.57 -31.97
CA THR D 303 -26.03 -12.64 -32.78
C THR D 303 -24.77 -12.13 -32.10
N LYS D 304 -23.75 -11.86 -32.90
CA LYS D 304 -22.50 -11.26 -32.47
C LYS D 304 -22.61 -9.76 -32.57
N ASN D 305 -23.65 -9.34 -33.20
CA ASN D 305 -23.91 -7.96 -33.53
C ASN D 305 -24.52 -7.17 -32.36
N ILE D 306 -23.68 -6.89 -31.37
CA ILE D 306 -24.10 -6.22 -30.13
C ILE D 306 -23.41 -4.86 -30.00
N VAL D 307 -24.21 -3.83 -29.72
CA VAL D 307 -23.70 -2.50 -29.46
C VAL D 307 -23.94 -2.27 -27.96
N GLU D 308 -22.86 -2.17 -27.18
CA GLU D 308 -23.00 -1.86 -25.75
C GLU D 308 -22.79 -0.38 -25.47
N PHE D 309 -23.84 0.27 -25.00
CA PHE D 309 -23.75 1.64 -24.55
C PHE D 309 -23.46 1.65 -23.04
N HIS D 310 -22.40 2.34 -22.65
CA HIS D 310 -22.08 2.51 -21.23
C HIS D 310 -21.76 3.94 -20.88
N SER D 311 -21.82 4.23 -19.58
CA SER D 311 -21.60 5.55 -19.08
C SER D 311 -20.26 6.08 -19.52
N ASP D 312 -19.26 5.19 -19.54
CA ASP D 312 -17.87 5.60 -19.69
C ASP D 312 -17.15 5.07 -20.93
N HIS D 313 -17.83 4.22 -21.69
CA HIS D 313 -17.23 3.62 -22.88
C HIS D 313 -18.32 3.04 -23.74
N MET D 314 -17.93 2.69 -24.98
CA MET D 314 -18.79 2.01 -25.95
C MET D 314 -18.10 0.73 -26.40
N LYS D 315 -18.90 -0.27 -26.74
CA LYS D 315 -18.43 -1.51 -27.30
C LYS D 315 -19.32 -1.90 -28.50
N ILE D 316 -18.69 -2.22 -29.62
CA ILE D 316 -19.44 -2.64 -30.81
C ILE D 316 -18.84 -3.95 -31.29
N ARG D 317 -19.59 -5.03 -31.20
CA ARG D 317 -19.06 -6.37 -31.45
C ARG D 317 -17.82 -6.52 -30.55
N ASN D 318 -16.64 -6.81 -31.11
CA ASN D 318 -15.46 -6.98 -30.26
C ASN D 318 -14.65 -5.69 -30.03
N ALA D 319 -15.03 -4.63 -30.72
CA ALA D 319 -14.30 -3.38 -30.69
C ALA D 319 -14.67 -2.58 -29.44
N THR D 320 -13.66 -2.17 -28.67
CA THR D 320 -13.85 -1.26 -27.54
C THR D 320 -13.45 0.20 -27.83
N PHE D 321 -14.25 1.13 -27.33
CA PHE D 321 -14.00 2.55 -27.46
C PHE D 321 -13.90 3.17 -26.06
N PRO D 322 -12.69 3.09 -25.44
CA PRO D 322 -12.55 3.61 -24.08
C PRO D 322 -12.86 5.08 -24.04
N GLY D 323 -13.60 5.49 -23.01
CA GLY D 323 -13.88 6.89 -22.80
C GLY D 323 -15.04 7.48 -23.58
N VAL D 324 -15.59 6.74 -24.56
CA VAL D 324 -16.73 7.27 -25.32
C VAL D 324 -18.03 7.08 -24.52
N GLN D 325 -18.57 8.18 -23.99
CA GLN D 325 -19.73 8.18 -23.09
C GLN D 325 -21.04 8.12 -23.84
N MET D 326 -21.90 7.20 -23.41
CA MET D 326 -23.12 6.90 -24.12
C MET D 326 -24.09 8.08 -24.15
N LYS D 327 -24.02 8.94 -23.12
CA LYS D 327 -24.92 10.07 -23.04
C LYS D 327 -24.90 10.88 -24.35
N PHE D 328 -23.70 11.21 -24.83
CA PHE D 328 -23.57 12.03 -26.05
C PHE D 328 -23.73 11.25 -27.34
N VAL D 329 -23.33 9.97 -27.33
CA VAL D 329 -23.57 9.08 -28.44
C VAL D 329 -25.08 8.99 -28.73
N LEU D 330 -25.86 8.77 -27.69
CA LEU D 330 -27.26 8.55 -27.84
C LEU D 330 -27.93 9.82 -28.33
N GLN D 331 -27.52 10.94 -27.81
CA GLN D 331 -28.11 12.21 -28.21
C GLN D 331 -27.85 12.53 -29.66
N LYS D 332 -26.65 12.21 -30.13
CA LYS D 332 -26.29 12.50 -31.51
C LYS D 332 -26.86 11.48 -32.49
N LEU D 333 -27.06 10.24 -32.05
CA LEU D 333 -27.69 9.24 -32.91
C LEU D 333 -29.10 9.64 -33.31
N LEU D 334 -29.77 10.39 -32.44
CA LEU D 334 -31.14 10.80 -32.69
C LEU D 334 -31.27 11.67 -33.94
N THR D 335 -30.20 12.38 -34.31
CA THR D 335 -30.21 13.23 -35.51
C THR D 335 -30.43 12.44 -36.82
N ALA D 336 -29.83 11.26 -36.95
CA ALA D 336 -29.91 10.52 -38.21
C ALA D 336 -30.43 9.09 -38.09
N ILE D 337 -30.88 8.70 -36.90
CA ILE D 337 -31.32 7.32 -36.66
C ILE D 337 -32.62 6.97 -37.40
N ALA D 338 -33.54 7.94 -37.48
CA ALA D 338 -34.82 7.71 -38.16
C ALA D 338 -34.60 7.36 -39.63
N ASP D 339 -33.69 8.11 -40.26
CA ASP D 339 -33.30 7.89 -41.65
C ASP D 339 -32.64 6.51 -41.81
N ALA D 340 -31.74 6.15 -40.89
CA ALA D 340 -31.05 4.86 -40.96
C ALA D 340 -32.00 3.68 -40.78
N ALA D 341 -33.10 3.89 -40.07
CA ALA D 341 -34.05 2.82 -39.75
C ALA D 341 -35.36 2.91 -40.55
N LYS D 342 -35.43 3.84 -41.50
CA LYS D 342 -36.68 4.04 -42.27
C LYS D 342 -37.11 2.85 -43.15
N GLY D 343 -36.19 1.92 -43.41
CA GLY D 343 -36.50 0.73 -44.19
C GLY D 343 -36.90 -0.44 -43.33
N TYR D 344 -36.96 -0.20 -42.01
CA TYR D 344 -37.35 -1.24 -41.07
C TYR D 344 -38.87 -1.50 -41.14
N LYS D 345 -39.25 -2.75 -41.29
CA LYS D 345 -40.65 -3.12 -41.19
C LYS D 345 -40.90 -3.74 -39.80
N PRO D 346 -41.76 -3.11 -38.98
CA PRO D 346 -41.92 -3.50 -37.57
C PRO D 346 -42.20 -4.98 -37.36
N VAL D 347 -41.45 -5.58 -36.44
CA VAL D 347 -41.65 -6.96 -36.02
C VAL D 347 -42.58 -6.89 -34.82
N ALA D 348 -43.48 -7.86 -34.69
CA ALA D 348 -44.44 -7.82 -33.59
C ALA D 348 -43.68 -8.05 -32.29
N VAL D 349 -44.17 -7.44 -31.21
CA VAL D 349 -43.60 -7.68 -29.87
C VAL D 349 -44.45 -8.68 -29.08
N PRO D 350 -43.83 -9.44 -28.16
CA PRO D 350 -44.66 -10.31 -27.31
C PRO D 350 -45.72 -9.45 -26.58
N ALA D 351 -46.96 -9.96 -26.52
CA ALA D 351 -48.03 -9.21 -25.85
C ALA D 351 -47.85 -9.41 -24.35
N ARG D 352 -48.38 -8.49 -23.54
CA ARG D 352 -48.25 -8.64 -22.08
C ARG D 352 -49.00 -9.87 -21.57
N THR D 353 -48.56 -10.35 -20.40
CA THR D 353 -49.20 -11.45 -19.70
C THR D 353 -50.70 -11.14 -19.56
N PRO D 354 -51.56 -12.14 -19.88
CA PRO D 354 -53.00 -11.94 -19.73
C PRO D 354 -53.35 -11.63 -18.27
N ALA D 355 -54.33 -10.74 -18.09
CA ALA D 355 -54.87 -10.39 -16.78
C ALA D 355 -55.33 -11.65 -16.01
N ASN D 356 -55.36 -11.52 -14.69
CA ASN D 356 -55.87 -12.59 -13.84
C ASN D 356 -57.34 -12.89 -14.18
N ALA D 357 -57.64 -14.18 -14.30
CA ALA D 357 -59.03 -14.66 -14.42
C ALA D 357 -59.81 -14.30 -13.16
N ALA D 358 -61.08 -13.92 -13.32
CA ALA D 358 -61.97 -13.73 -12.17
C ALA D 358 -62.03 -15.01 -11.35
N VAL D 359 -62.00 -14.84 -10.03
CA VAL D 359 -61.97 -15.96 -9.06
C VAL D 359 -62.78 -15.51 -7.84
N PRO D 360 -63.30 -16.46 -7.04
CA PRO D 360 -64.10 -16.04 -5.86
C PRO D 360 -63.35 -15.07 -4.93
N ALA D 361 -64.07 -14.11 -4.35
CA ALA D 361 -63.54 -13.17 -3.36
C ALA D 361 -62.80 -13.85 -2.21
N SER D 362 -63.18 -15.09 -1.90
CA SER D 362 -62.54 -15.82 -0.79
C SER D 362 -61.19 -16.51 -1.13
N THR D 363 -60.73 -16.33 -2.35
CA THR D 363 -59.55 -17.05 -2.84
C THR D 363 -58.31 -16.59 -2.03
N PRO D 364 -57.62 -17.50 -1.36
CA PRO D 364 -56.43 -17.05 -0.63
C PRO D 364 -55.42 -16.38 -1.57
N LEU D 365 -54.80 -15.29 -1.11
CA LEU D 365 -53.72 -14.63 -1.87
C LEU D 365 -52.53 -15.55 -2.16
N LYS D 366 -52.06 -15.50 -3.41
CA LYS D 366 -50.82 -16.17 -3.83
C LYS D 366 -49.93 -15.15 -4.53
N GLN D 367 -48.61 -15.38 -4.50
CA GLN D 367 -47.63 -14.46 -5.08
C GLN D 367 -47.92 -14.19 -6.57
N GLU D 368 -48.08 -15.26 -7.35
CA GLU D 368 -48.25 -15.12 -8.80
C GLU D 368 -49.44 -14.24 -9.14
N TRP D 369 -50.59 -14.55 -8.51
CA TRP D 369 -51.78 -13.73 -8.67
C TRP D 369 -51.51 -12.29 -8.27
N MET D 370 -50.86 -12.09 -7.12
CA MET D 370 -50.64 -10.71 -6.64
C MET D 370 -49.82 -9.82 -7.58
N TRP D 371 -48.68 -10.32 -8.06
CA TRP D 371 -47.81 -9.48 -8.89
C TRP D 371 -48.52 -9.17 -10.19
N ASN D 372 -49.37 -10.11 -10.61
CA ASN D 372 -50.14 -9.92 -11.87
C ASN D 372 -51.35 -9.01 -11.71
N GLN D 373 -51.81 -8.81 -10.47
CA GLN D 373 -52.92 -7.92 -10.16
C GLN D 373 -52.44 -6.51 -9.84
N LEU D 374 -51.19 -6.41 -9.38
CA LEU D 374 -50.68 -5.15 -8.84
C LEU D 374 -50.72 -3.99 -9.84
N GLY D 375 -50.54 -4.29 -11.12
CA GLY D 375 -50.56 -3.26 -12.15
C GLY D 375 -51.86 -2.44 -12.18
N ASN D 376 -52.96 -3.02 -11.69
CA ASN D 376 -54.25 -2.28 -11.57
C ASN D 376 -54.19 -1.10 -10.60
N PHE D 377 -53.42 -1.31 -9.53
CA PHE D 377 -53.29 -0.32 -8.46
C PHE D 377 -52.37 0.83 -8.83
N LEU D 378 -51.28 0.54 -9.55
CA LEU D 378 -50.25 1.55 -9.86
C LEU D 378 -50.80 2.64 -10.78
N GLN D 379 -50.20 3.81 -10.71
CA GLN D 379 -50.58 4.93 -11.55
C GLN D 379 -49.33 5.66 -12.00
N GLU D 380 -49.45 6.43 -13.07
CA GLU D 380 -48.32 7.17 -13.58
C GLU D 380 -47.70 8.06 -12.51
N GLY D 381 -46.37 8.06 -12.48
CA GLY D 381 -45.62 8.91 -11.57
C GLY D 381 -45.25 8.21 -10.29
N ASP D 382 -45.81 7.03 -10.07
CA ASP D 382 -45.49 6.23 -8.87
C ASP D 382 -44.01 5.88 -8.80
N VAL D 383 -43.50 5.86 -7.55
CA VAL D 383 -42.21 5.26 -7.24
C VAL D 383 -42.53 3.89 -6.60
N VAL D 384 -42.00 2.82 -7.19
CA VAL D 384 -42.30 1.48 -6.75
C VAL D 384 -40.99 0.80 -6.34
N ILE D 385 -40.95 0.43 -5.07
CA ILE D 385 -39.74 -0.11 -4.41
C ILE D 385 -39.99 -1.53 -3.95
N ALA D 386 -39.09 -2.43 -4.33
CA ALA D 386 -39.26 -3.84 -4.04
C ALA D 386 -38.01 -4.42 -3.39
N GLU D 387 -38.19 -5.09 -2.24
CA GLU D 387 -37.06 -5.59 -1.47
C GLU D 387 -36.51 -6.90 -1.97
N THR D 388 -35.18 -7.06 -1.86
CA THR D 388 -34.56 -8.37 -2.11
C THR D 388 -35.33 -9.46 -1.34
N GLY D 389 -35.66 -10.57 -2.01
CA GLY D 389 -36.57 -11.59 -1.48
C GLY D 389 -37.65 -11.84 -2.52
N THR D 390 -38.78 -12.42 -2.11
CA THR D 390 -39.87 -12.61 -3.11
C THR D 390 -40.28 -11.28 -3.77
N SER D 391 -40.29 -10.16 -3.04
CA SER D 391 -40.78 -8.90 -3.64
C SER D 391 -40.01 -8.51 -4.91
N ALA D 392 -38.67 -8.58 -4.83
CA ALA D 392 -37.85 -8.08 -5.94
C ALA D 392 -38.04 -8.97 -7.18
N PHE D 393 -38.15 -10.26 -6.94
CA PHE D 393 -38.39 -11.21 -8.03
C PHE D 393 -39.80 -11.05 -8.59
N GLY D 394 -40.78 -10.84 -7.72
CA GLY D 394 -42.17 -10.81 -8.15
C GLY D 394 -42.50 -9.55 -8.93
N ILE D 395 -41.90 -8.42 -8.56
CA ILE D 395 -42.19 -7.16 -9.20
C ILE D 395 -41.86 -7.17 -10.72
N ASN D 396 -40.99 -8.10 -11.14
CA ASN D 396 -40.69 -8.32 -12.56
C ASN D 396 -41.91 -8.78 -13.37
N GLN D 397 -42.88 -9.39 -12.70
CA GLN D 397 -44.14 -9.81 -13.33
C GLN D 397 -45.22 -8.73 -13.31
N THR D 398 -44.92 -7.58 -12.70
CA THR D 398 -45.89 -6.49 -12.61
C THR D 398 -45.72 -5.52 -13.80
N THR D 399 -46.84 -5.15 -14.43
CA THR D 399 -46.80 -4.17 -15.50
C THR D 399 -46.93 -2.80 -14.90
N PHE D 400 -46.00 -1.91 -15.24
CA PHE D 400 -46.00 -0.56 -14.74
C PHE D 400 -46.75 0.36 -15.70
N PRO D 401 -47.39 1.41 -15.16
CA PRO D 401 -47.83 2.56 -15.96
C PRO D 401 -46.61 3.25 -16.56
N ASN D 402 -46.82 4.13 -17.53
CA ASN D 402 -45.73 4.97 -18.00
C ASN D 402 -45.26 5.84 -16.84
N ASN D 403 -44.03 6.32 -16.95
CA ASN D 403 -43.47 7.18 -15.94
C ASN D 403 -43.59 6.55 -14.52
N THR D 404 -43.19 5.29 -14.40
CA THR D 404 -43.02 4.70 -13.07
C THR D 404 -41.52 4.67 -12.76
N TYR D 405 -41.13 5.09 -11.55
CA TYR D 405 -39.73 4.89 -11.09
C TYR D 405 -39.61 3.64 -10.24
N GLY D 406 -38.97 2.63 -10.80
CA GLY D 406 -38.73 1.38 -10.07
C GLY D 406 -37.41 1.44 -9.33
N ILE D 407 -37.42 0.89 -8.10
CA ILE D 407 -36.20 0.73 -7.29
C ILE D 407 -36.13 -0.73 -6.82
N SER D 408 -35.13 -1.45 -7.31
CA SER D 408 -34.85 -2.81 -6.86
C SER D 408 -33.33 -2.96 -6.88
N GLN D 409 -32.75 -3.31 -5.74
CA GLN D 409 -31.29 -3.31 -5.56
C GLN D 409 -30.78 -4.71 -5.93
N VAL D 410 -30.89 -5.05 -7.22
CA VAL D 410 -30.65 -6.41 -7.67
C VAL D 410 -29.20 -6.89 -7.43
N LEU D 411 -28.22 -5.99 -7.65
CA LEU D 411 -26.80 -6.33 -7.50
C LEU D 411 -26.38 -6.45 -6.03
N TRP D 412 -26.46 -5.33 -5.30
CA TRP D 412 -25.98 -5.35 -3.91
C TRP D 412 -26.84 -6.24 -3.03
N GLY D 413 -28.17 -6.09 -3.13
CA GLY D 413 -29.06 -7.06 -2.51
C GLY D 413 -29.03 -7.08 -0.98
N SER D 414 -28.95 -5.90 -0.38
CA SER D 414 -28.93 -5.80 1.09
C SER D 414 -30.35 -5.70 1.66
N ILE D 415 -30.81 -6.76 2.29
CA ILE D 415 -32.16 -6.74 2.87
C ILE D 415 -32.26 -5.67 3.97
N GLY D 416 -33.40 -4.99 4.01
CA GLY D 416 -33.58 -3.81 4.87
C GLY D 416 -33.34 -2.51 4.12
N PHE D 417 -32.56 -2.58 3.04
CA PHE D 417 -32.31 -1.39 2.22
C PHE D 417 -33.60 -0.61 2.00
N THR D 418 -34.67 -1.32 1.64
CA THR D 418 -35.86 -0.61 1.14
C THR D 418 -36.61 0.27 2.12
N THR D 419 -36.49 0.00 3.43
CA THR D 419 -37.19 0.86 4.40
C THR D 419 -36.56 2.23 4.37
N GLY D 420 -35.22 2.23 4.33
CA GLY D 420 -34.49 3.48 4.22
C GLY D 420 -34.71 4.13 2.87
N ALA D 421 -34.60 3.34 1.80
CA ALA D 421 -34.76 3.90 0.45
C ALA D 421 -36.16 4.53 0.30
N THR D 422 -37.17 3.93 0.93
CA THR D 422 -38.55 4.43 0.94
C THR D 422 -38.66 5.84 1.53
N LEU D 423 -38.08 6.04 2.72
CA LEU D 423 -37.93 7.36 3.29
C LEU D 423 -37.26 8.37 2.37
N GLY D 424 -36.07 8.02 1.85
CA GLY D 424 -35.34 8.90 0.96
C GLY D 424 -36.14 9.28 -0.28
N ALA D 425 -36.75 8.28 -0.89
CA ALA D 425 -37.54 8.50 -2.10
C ALA D 425 -38.77 9.37 -1.80
N ALA D 426 -39.32 9.23 -0.61
CA ALA D 426 -40.53 9.98 -0.23
C ALA D 426 -40.18 11.45 -0.01
N PHE D 427 -39.00 11.72 0.56
CA PHE D 427 -38.55 13.12 0.69
C PHE D 427 -38.41 13.71 -0.70
N ALA D 428 -37.71 12.99 -1.58
CA ALA D 428 -37.42 13.47 -2.94
C ALA D 428 -38.73 13.66 -3.70
N ALA D 429 -39.62 12.68 -3.61
CA ALA D 429 -40.92 12.74 -4.30
C ALA D 429 -41.76 13.94 -3.85
N GLU D 430 -41.74 14.24 -2.55
CA GLU D 430 -42.48 15.36 -1.97
C GLU D 430 -41.96 16.68 -2.54
N GLU D 431 -40.64 16.75 -2.77
CA GLU D 431 -40.00 17.95 -3.26
C GLU D 431 -40.29 18.14 -4.76
N ILE D 432 -40.55 17.06 -5.47
CA ILE D 432 -40.86 17.11 -6.90
C ILE D 432 -42.36 17.37 -7.13
N ASP D 433 -43.20 16.63 -6.44
CA ASP D 433 -44.65 16.68 -6.61
C ASP D 433 -45.32 15.94 -5.45
N PRO D 434 -45.96 16.68 -4.52
CA PRO D 434 -46.57 16.07 -3.33
C PRO D 434 -47.64 15.04 -3.66
N LYS D 435 -48.06 15.00 -4.92
CA LYS D 435 -49.08 14.05 -5.34
C LYS D 435 -48.51 12.71 -5.79
N LYS D 436 -47.20 12.66 -6.03
CA LYS D 436 -46.53 11.40 -6.37
C LYS D 436 -46.56 10.44 -5.18
N ARG D 437 -46.91 9.21 -5.48
CA ARG D 437 -47.00 8.16 -4.47
C ARG D 437 -45.72 7.33 -4.42
N VAL D 438 -45.43 6.82 -3.22
CA VAL D 438 -44.26 5.97 -3.00
C VAL D 438 -44.79 4.69 -2.40
N ILE D 439 -44.54 3.59 -3.11
CA ILE D 439 -45.11 2.30 -2.84
C ILE D 439 -44.02 1.28 -2.57
N LEU D 440 -44.04 0.75 -1.35
CA LEU D 440 -43.02 -0.22 -0.97
C LEU D 440 -43.61 -1.62 -0.80
N PHE D 441 -42.90 -2.59 -1.37
CA PHE D 441 -43.07 -4.01 -1.09
C PHE D 441 -41.86 -4.53 -0.38
N ILE D 442 -42.05 -4.93 0.88
CA ILE D 442 -40.95 -5.42 1.73
C ILE D 442 -41.37 -6.72 2.43
N GLY D 443 -40.43 -7.65 2.52
CA GLY D 443 -40.67 -8.89 3.24
C GLY D 443 -40.67 -8.69 4.75
N ASP D 444 -41.38 -9.58 5.44
CA ASP D 444 -41.35 -9.56 6.92
C ASP D 444 -39.92 -9.68 7.50
N GLY D 445 -39.11 -10.55 6.91
CA GLY D 445 -37.71 -10.71 7.36
C GLY D 445 -36.89 -9.44 7.19
N SER D 446 -36.96 -8.83 6.00
CA SER D 446 -36.21 -7.61 5.71
C SER D 446 -36.59 -6.44 6.57
N LEU D 447 -37.89 -6.32 6.87
CA LEU D 447 -38.40 -5.21 7.64
C LEU D 447 -37.67 -5.13 8.97
N GLN D 448 -37.34 -6.28 9.53
CA GLN D 448 -36.73 -6.28 10.89
C GLN D 448 -35.42 -5.53 10.96
N LEU D 449 -34.65 -5.55 9.87
CA LEU D 449 -33.28 -4.97 9.93
C LEU D 449 -33.25 -3.46 10.05
N THR D 450 -34.28 -2.78 9.53
CA THR D 450 -34.27 -1.34 9.38
C THR D 450 -35.62 -0.70 9.81
N VAL D 451 -36.41 -1.47 10.59
CA VAL D 451 -37.80 -1.10 10.93
C VAL D 451 -37.97 0.30 11.53
N GLN D 452 -36.96 0.74 12.30
CA GLN D 452 -37.06 2.04 12.96
C GLN D 452 -37.14 3.25 12.03
N GLU D 453 -36.72 3.11 10.76
CA GLU D 453 -36.82 4.28 9.89
C GLU D 453 -38.28 4.66 9.53
N ILE D 454 -39.23 3.77 9.81
CA ILE D 454 -40.66 4.15 9.76
C ILE D 454 -40.91 5.36 10.68
N SER D 455 -40.22 5.41 11.83
CA SER D 455 -40.29 6.56 12.73
C SER D 455 -40.05 7.89 12.01
N THR D 456 -39.04 7.95 11.15
CA THR D 456 -38.64 9.16 10.47
C THR D 456 -39.64 9.59 9.39
N MET D 457 -40.34 8.61 8.81
CA MET D 457 -41.43 8.86 7.85
C MET D 457 -42.56 9.58 8.57
N ILE D 458 -42.87 9.08 9.76
CA ILE D 458 -43.95 9.62 10.61
C ILE D 458 -43.63 11.06 11.00
N ARG D 459 -42.40 11.33 11.41
CA ARG D 459 -42.08 12.63 11.98
C ARG D 459 -42.17 13.74 10.93
N TRP D 460 -41.98 13.39 9.67
CA TRP D 460 -41.93 14.39 8.60
C TRP D 460 -43.25 14.38 7.83
N GLY D 461 -44.19 13.59 8.31
CA GLY D 461 -45.50 13.51 7.68
C GLY D 461 -45.47 12.98 6.26
N LEU D 462 -44.53 12.08 5.97
CA LEU D 462 -44.45 11.41 4.67
C LEU D 462 -45.48 10.29 4.59
N LYS D 463 -45.99 10.03 3.39
CA LYS D 463 -47.19 9.18 3.29
C LYS D 463 -47.04 7.95 2.39
N PRO D 464 -45.93 7.19 2.55
CA PRO D 464 -45.78 6.02 1.67
C PRO D 464 -46.78 4.92 1.98
N TYR D 465 -46.97 4.02 1.00
CA TYR D 465 -47.69 2.77 1.20
C TYR D 465 -46.72 1.66 1.57
N LEU D 466 -46.83 1.14 2.79
CA LEU D 466 -45.90 0.10 3.24
C LEU D 466 -46.55 -1.26 3.18
N PHE D 467 -46.33 -2.01 2.08
CA PHE D 467 -46.86 -3.35 1.96
C PHE D 467 -45.87 -4.38 2.52
N VAL D 468 -46.29 -5.12 3.54
CA VAL D 468 -45.39 -6.04 4.24
C VAL D 468 -45.85 -7.44 3.93
N LEU D 469 -44.96 -8.24 3.32
CA LEU D 469 -45.33 -9.59 2.90
C LEU D 469 -45.07 -10.54 4.03
N ASN D 470 -46.13 -10.94 4.72
CA ASN D 470 -45.98 -11.86 5.83
C ASN D 470 -46.12 -13.29 5.34
N ASN D 471 -44.98 -13.95 5.15
CA ASN D 471 -44.90 -15.37 4.83
C ASN D 471 -44.13 -16.15 5.91
N ASP D 472 -44.09 -15.55 7.09
CA ASP D 472 -43.51 -16.16 8.28
C ASP D 472 -42.06 -16.64 8.09
N GLY D 473 -41.19 -15.72 7.69
CA GLY D 473 -39.75 -16.02 7.58
C GLY D 473 -39.11 -15.63 6.24
N TYR D 474 -37.87 -16.10 6.08
CA TYR D 474 -37.09 -15.82 4.89
C TYR D 474 -37.40 -16.82 3.79
N THR D 475 -38.47 -16.63 3.05
CA THR D 475 -38.85 -17.62 2.02
C THR D 475 -37.77 -17.81 0.93
N ILE D 476 -37.19 -16.72 0.46
CA ILE D 476 -36.11 -16.79 -0.53
C ILE D 476 -34.97 -17.70 -0.06
N GLU D 477 -34.52 -17.53 1.19
CA GLU D 477 -33.47 -18.40 1.76
C GLU D 477 -33.91 -19.85 1.85
N LYS D 478 -35.16 -20.09 2.27
CA LYS D 478 -35.74 -21.44 2.37
C LYS D 478 -35.70 -22.15 1.04
N LEU D 479 -35.90 -21.39 -0.04
CA LEU D 479 -35.83 -21.92 -1.39
C LEU D 479 -34.39 -22.13 -1.87
N ILE D 480 -33.44 -21.39 -1.30
CA ILE D 480 -32.02 -21.64 -1.60
C ILE D 480 -31.52 -22.87 -0.85
N HIS D 481 -31.71 -22.90 0.47
CA HIS D 481 -31.16 -23.96 1.28
C HIS D 481 -31.80 -23.90 2.66
N GLY D 482 -32.18 -25.07 3.18
CA GLY D 482 -32.75 -25.19 4.55
C GLY D 482 -34.19 -24.70 4.70
N PRO D 483 -35.14 -25.29 3.96
CA PRO D 483 -36.54 -24.80 3.99
C PRO D 483 -37.21 -24.77 5.38
N LYS D 484 -36.76 -25.62 6.29
CA LYS D 484 -37.28 -25.66 7.66
C LYS D 484 -36.19 -25.36 8.71
N ALA D 485 -35.03 -24.91 8.24
CA ALA D 485 -33.92 -24.59 9.15
C ALA D 485 -34.24 -23.38 9.99
N GLN D 486 -33.86 -23.43 11.27
CA GLN D 486 -34.30 -22.41 12.22
C GLN D 486 -33.69 -21.04 11.92
N TYR D 487 -32.52 -21.05 11.25
CA TYR D 487 -31.88 -19.79 10.85
C TYR D 487 -32.68 -19.04 9.78
N ASN D 488 -33.62 -19.75 9.11
CA ASN D 488 -34.49 -19.09 8.14
C ASN D 488 -35.85 -18.63 8.68
N GLU D 489 -36.04 -18.88 9.97
CA GLU D 489 -37.24 -18.45 10.69
C GLU D 489 -36.97 -17.16 11.45
N ILE D 490 -38.02 -16.43 11.75
CA ILE D 490 -37.87 -15.13 12.41
C ILE D 490 -38.84 -14.99 13.59
N GLN D 491 -38.51 -14.09 14.52
CA GLN D 491 -39.46 -13.77 15.58
C GLN D 491 -40.70 -13.14 14.93
N GLY D 492 -41.89 -13.55 15.37
CA GLY D 492 -43.14 -13.05 14.79
C GLY D 492 -43.55 -11.72 15.37
N TRP D 493 -43.60 -10.68 14.54
CA TRP D 493 -43.95 -9.36 15.00
C TRP D 493 -45.42 -9.04 14.75
N ASP D 494 -45.95 -8.10 15.52
CA ASP D 494 -47.28 -7.52 15.24
C ASP D 494 -47.04 -6.31 14.32
N HIS D 495 -47.04 -6.56 13.03
CA HIS D 495 -46.70 -5.51 12.06
C HIS D 495 -47.55 -4.27 12.10
N LEU D 496 -48.88 -4.44 12.12
CA LEU D 496 -49.74 -3.27 12.08
C LEU D 496 -49.64 -2.41 13.34
N SER D 497 -49.07 -2.95 14.42
CA SER D 497 -48.83 -2.09 15.61
C SER D 497 -47.58 -1.22 15.52
N LEU D 498 -46.77 -1.40 14.47
CA LEU D 498 -45.56 -0.55 14.36
C LEU D 498 -45.81 0.95 14.27
N LEU D 499 -46.78 1.35 13.44
CA LEU D 499 -47.07 2.78 13.28
C LEU D 499 -47.45 3.47 14.62
N PRO D 500 -48.44 2.92 15.37
CA PRO D 500 -48.75 3.48 16.70
C PRO D 500 -47.58 3.44 17.70
N THR D 501 -46.80 2.35 17.67
CA THR D 501 -45.62 2.19 18.54
C THR D 501 -44.58 3.30 18.30
N PHE D 502 -44.43 3.72 17.04
CA PHE D 502 -43.50 4.81 16.69
C PHE D 502 -44.13 6.18 16.76
N GLY D 503 -45.36 6.23 17.28
CA GLY D 503 -46.03 7.50 17.60
C GLY D 503 -46.83 8.16 16.49
N ALA D 504 -47.21 7.37 15.48
CA ALA D 504 -48.00 7.89 14.36
C ALA D 504 -49.34 8.41 14.89
N LYS D 505 -49.76 9.53 14.33
CA LYS D 505 -51.03 10.17 14.69
C LYS D 505 -52.06 9.96 13.58
N ASP D 506 -51.70 10.33 12.35
CA ASP D 506 -52.61 10.20 11.21
C ASP D 506 -52.11 9.08 10.27
N TYR D 507 -52.84 7.96 10.21
CA TYR D 507 -52.36 6.76 9.51
C TYR D 507 -53.49 5.73 9.30
N GLU D 508 -53.23 4.73 8.47
CA GLU D 508 -54.13 3.59 8.34
C GLU D 508 -53.35 2.29 8.34
N THR D 509 -53.97 1.26 8.88
CA THR D 509 -53.46 -0.09 8.81
C THR D 509 -54.50 -0.98 8.19
N HIS D 510 -54.04 -1.96 7.42
CA HIS D 510 -54.90 -2.90 6.72
C HIS D 510 -54.24 -4.26 6.69
N ARG D 511 -55.07 -5.31 6.77
CA ARG D 511 -54.62 -6.66 6.49
C ARG D 511 -55.40 -7.22 5.31
N VAL D 512 -54.70 -7.96 4.46
CA VAL D 512 -55.33 -8.65 3.30
C VAL D 512 -54.82 -10.09 3.21
N ALA D 513 -55.76 -11.00 3.02
CA ALA D 513 -55.42 -12.41 2.94
C ALA D 513 -56.10 -13.08 1.75
N THR D 514 -56.98 -12.36 1.08
CA THR D 514 -57.74 -12.95 -0.05
C THR D 514 -57.75 -12.03 -1.25
N THR D 515 -58.08 -12.59 -2.40
CA THR D 515 -58.27 -11.78 -3.58
C THR D 515 -59.36 -10.74 -3.46
N GLY D 516 -60.47 -11.13 -2.84
CA GLY D 516 -61.52 -10.17 -2.52
C GLY D 516 -61.05 -9.01 -1.68
N GLU D 517 -60.34 -9.31 -0.59
CA GLU D 517 -59.80 -8.28 0.31
C GLU D 517 -58.80 -7.38 -0.43
N TRP D 518 -57.97 -7.99 -1.25
CA TRP D 518 -56.99 -7.23 -2.05
C TRP D 518 -57.69 -6.24 -3.01
N ASP D 519 -58.63 -6.75 -3.80
CA ASP D 519 -59.33 -5.91 -4.77
C ASP D 519 -60.13 -4.79 -4.10
N LYS D 520 -60.85 -5.10 -3.01
CA LYS D 520 -61.64 -4.09 -2.32
C LYS D 520 -60.81 -2.92 -1.80
N LEU D 521 -59.69 -3.24 -1.15
CA LEU D 521 -58.79 -2.22 -0.61
C LEU D 521 -58.11 -1.41 -1.72
N THR D 522 -57.47 -2.11 -2.65
CA THR D 522 -56.61 -1.42 -3.65
C THR D 522 -57.39 -0.68 -4.74
N GLN D 523 -58.67 -1.00 -4.89
CA GLN D 523 -59.51 -0.30 -5.87
C GLN D 523 -60.18 0.91 -5.25
N ASP D 524 -60.26 0.92 -3.91
CA ASP D 524 -60.95 1.97 -3.17
C ASP D 524 -60.40 3.35 -3.46
N LYS D 525 -61.31 4.28 -3.77
CA LYS D 525 -60.97 5.65 -4.14
C LYS D 525 -60.08 6.37 -3.10
N SER D 526 -60.48 6.27 -1.84
CA SER D 526 -59.74 6.91 -0.73
C SER D 526 -58.34 6.31 -0.53
N PHE D 527 -58.27 4.98 -0.55
CA PHE D 527 -56.98 4.26 -0.45
C PHE D 527 -55.99 4.79 -1.49
N ASN D 528 -56.50 5.18 -2.67
CA ASN D 528 -55.66 5.62 -3.76
C ASN D 528 -55.11 7.03 -3.69
N ASP D 529 -55.64 7.83 -2.77
CA ASP D 529 -55.07 9.15 -2.52
C ASP D 529 -53.96 8.97 -1.49
N ASN D 530 -52.83 9.64 -1.68
CA ASN D 530 -51.70 9.56 -0.73
C ASN D 530 -51.90 10.60 0.40
N SER D 531 -52.98 10.42 1.15
CA SER D 531 -53.45 11.37 2.14
C SER D 531 -52.82 11.12 3.51
N LYS D 532 -52.29 9.91 3.69
CA LYS D 532 -51.64 9.55 4.96
C LYS D 532 -50.80 8.28 4.82
N ILE D 533 -49.90 8.08 5.78
CA ILE D 533 -49.09 6.87 5.77
C ILE D 533 -49.93 5.62 6.05
N ARG D 534 -49.66 4.55 5.31
CA ARG D 534 -50.42 3.34 5.46
C ARG D 534 -49.52 2.13 5.54
N MET D 535 -49.91 1.15 6.36
CA MET D 535 -49.29 -0.15 6.32
C MET D 535 -50.29 -1.21 5.96
N ILE D 536 -49.91 -2.05 5.02
CA ILE D 536 -50.75 -3.14 4.58
C ILE D 536 -50.04 -4.45 4.82
N GLU D 537 -50.53 -5.24 5.77
CA GLU D 537 -49.99 -6.57 5.96
C GLU D 537 -50.63 -7.57 5.02
N VAL D 538 -49.78 -8.19 4.21
CA VAL D 538 -50.22 -9.12 3.18
C VAL D 538 -49.89 -10.56 3.61
N MET D 539 -50.94 -11.37 3.82
CA MET D 539 -50.75 -12.72 4.34
C MET D 539 -50.56 -13.69 3.19
N LEU D 540 -49.40 -14.35 3.18
CA LEU D 540 -49.00 -15.23 2.09
C LEU D 540 -48.44 -16.55 2.60
N PRO D 541 -48.54 -17.63 1.80
CA PRO D 541 -48.02 -18.93 2.23
C PRO D 541 -46.49 -18.96 2.40
N VAL D 542 -46.01 -19.84 3.28
CA VAL D 542 -44.57 -19.96 3.60
C VAL D 542 -43.66 -20.22 2.38
N PHE D 543 -44.03 -21.17 1.54
CA PHE D 543 -43.14 -21.61 0.48
C PHE D 543 -43.56 -21.06 -0.89
N ASP D 544 -44.53 -20.15 -0.87
CA ASP D 544 -45.01 -19.47 -2.07
C ASP D 544 -44.01 -18.43 -2.58
N ALA D 545 -43.67 -18.50 -3.86
CA ALA D 545 -42.71 -17.56 -4.44
C ALA D 545 -42.91 -17.53 -5.94
N PRO D 546 -42.59 -16.38 -6.56
CA PRO D 546 -42.64 -16.33 -8.03
C PRO D 546 -41.73 -17.38 -8.64
N GLN D 547 -42.17 -17.91 -9.78
CA GLN D 547 -41.44 -18.96 -10.47
C GLN D 547 -39.96 -18.63 -10.80
N ASN D 548 -39.69 -17.39 -11.19
CA ASN D 548 -38.31 -16.98 -11.48
C ASN D 548 -37.36 -17.13 -10.28
N LEU D 549 -37.89 -16.84 -9.08
CA LEU D 549 -37.14 -17.04 -7.83
C LEU D 549 -36.88 -18.53 -7.54
N VAL D 550 -37.89 -19.36 -7.75
CA VAL D 550 -37.73 -20.78 -7.48
C VAL D 550 -36.54 -21.29 -8.28
N GLU D 551 -36.44 -20.85 -9.53
CA GLU D 551 -35.35 -21.23 -10.44
C GLU D 551 -34.01 -20.59 -10.09
N GLN D 552 -34.02 -19.29 -9.85
CA GLN D 552 -32.79 -18.58 -9.48
C GLN D 552 -32.19 -19.12 -8.17
N ALA D 553 -33.06 -19.41 -7.20
CA ALA D 553 -32.64 -19.99 -5.91
C ALA D 553 -31.81 -21.26 -6.11
N LYS D 554 -32.26 -22.13 -7.03
CA LYS D 554 -31.56 -23.38 -7.37
C LYS D 554 -30.19 -23.14 -8.02
N LEU D 555 -30.15 -22.18 -8.94
CA LEU D 555 -28.91 -21.82 -9.63
C LEU D 555 -27.85 -21.28 -8.68
N THR D 556 -28.30 -20.41 -7.77
CA THR D 556 -27.46 -19.81 -6.73
C THR D 556 -26.93 -20.86 -5.72
N ALA D 557 -27.81 -21.74 -5.23
CA ALA D 557 -27.35 -22.85 -4.39
C ALA D 557 -26.21 -23.68 -5.03
N ALA D 558 -26.36 -24.02 -6.30
CA ALA D 558 -25.38 -24.86 -7.01
C ALA D 558 -24.04 -24.14 -7.16
N THR D 559 -24.12 -22.85 -7.51
CA THR D 559 -22.95 -21.96 -7.64
C THR D 559 -22.11 -21.94 -6.36
N ASN D 560 -22.78 -21.84 -5.20
CA ASN D 560 -22.06 -21.79 -3.92
C ASN D 560 -21.50 -23.14 -3.49
N ALA D 561 -22.22 -24.21 -3.81
CA ALA D 561 -21.81 -25.57 -3.43
C ALA D 561 -20.76 -26.17 -4.36
N LYS D 562 -20.63 -25.64 -5.58
CA LYS D 562 -19.71 -26.23 -6.57
C LYS D 562 -18.25 -26.34 -6.09
N GLN D 563 -17.70 -27.55 -6.20
CA GLN D 563 -16.30 -27.81 -5.86
C GLN D 563 -15.40 -27.72 -7.10
#